data_2LCW
#
_entry.id   2LCW
#
_entity_poly.entity_id   1
_entity_poly.type   'polypeptide(L)'
_entity_poly.pdbx_seq_one_letter_code
;EQDNSDNNTIFVQGLGENVTIESVADYFKQIGIIKTNKKTGQPMINLYTDRETGKLKGEATVSFDDPPSAKAAIDWFDGK
EFSGNPIKVSFATRRADFNRGGGNGRGGLEHHHHHH
;
_entity_poly.pdbx_strand_id   A
#
# COMPACT_ATOMS: atom_id res chain seq x y z
N GLU A 1 -1.33 -3.79 -12.63
CA GLU A 1 -0.36 -4.06 -13.71
C GLU A 1 -1.00 -4.84 -14.85
N GLN A 2 -0.38 -4.81 -16.03
CA GLN A 2 -0.90 -5.52 -17.19
C GLN A 2 -2.29 -5.01 -17.56
N ASP A 3 -2.35 -3.76 -17.99
CA ASP A 3 -3.62 -3.16 -18.39
C ASP A 3 -4.61 -3.17 -17.22
N ASN A 4 -4.37 -2.31 -16.24
CA ASN A 4 -5.24 -2.23 -15.07
C ASN A 4 -4.97 -0.94 -14.29
N SER A 5 -5.98 -0.07 -14.24
CA SER A 5 -5.86 1.20 -13.53
C SER A 5 -6.46 1.11 -12.13
N ASP A 6 -7.29 0.09 -11.91
CA ASP A 6 -7.92 -0.10 -10.60
C ASP A 6 -7.14 -1.10 -9.76
N ASN A 7 -5.84 -1.20 -10.00
CA ASN A 7 -4.98 -2.11 -9.26
C ASN A 7 -5.27 -2.05 -7.76
N ASN A 8 -5.84 -3.14 -7.23
CA ASN A 8 -6.16 -3.22 -5.80
C ASN A 8 -4.98 -2.77 -4.96
N THR A 9 -3.77 -2.98 -5.49
CA THR A 9 -2.55 -2.59 -4.78
C THR A 9 -2.52 -1.08 -4.56
N ILE A 10 -2.34 -0.68 -3.31
CA ILE A 10 -2.29 0.73 -2.96
C ILE A 10 -0.89 1.11 -2.48
N PHE A 11 -0.68 2.41 -2.26
CA PHE A 11 0.61 2.91 -1.79
C PHE A 11 0.45 3.76 -0.54
N VAL A 12 0.98 3.26 0.58
CA VAL A 12 0.92 3.98 1.85
C VAL A 12 2.28 4.54 2.22
N GLN A 13 2.36 5.85 2.41
CA GLN A 13 3.61 6.51 2.76
C GLN A 13 3.43 7.40 3.98
N GLY A 14 4.31 7.25 4.97
CA GLY A 14 4.23 8.06 6.17
C GLY A 14 3.95 7.23 7.40
N LEU A 15 4.68 6.13 7.55
CA LEU A 15 4.52 5.26 8.69
C LEU A 15 5.37 5.73 9.87
N GLY A 16 6.64 5.34 9.90
CA GLY A 16 7.52 5.76 10.98
C GLY A 16 7.82 4.65 11.97
N GLU A 17 8.89 3.91 11.71
CA GLU A 17 9.31 2.81 12.60
C GLU A 17 8.12 1.94 13.02
N ASN A 18 7.10 1.90 12.19
CA ASN A 18 5.91 1.11 12.48
C ASN A 18 5.35 0.43 11.22
N VAL A 19 5.97 0.70 10.07
CA VAL A 19 5.51 0.12 8.81
C VAL A 19 5.64 -1.39 8.79
N THR A 20 4.65 -2.07 9.36
CA THR A 20 4.64 -3.53 9.40
C THR A 20 3.46 -4.08 8.59
N ILE A 21 3.52 -5.37 8.27
CA ILE A 21 2.46 -6.01 7.51
C ILE A 21 1.20 -6.17 8.34
N GLU A 22 1.36 -6.71 9.55
CA GLU A 22 0.23 -6.90 10.44
C GLU A 22 -0.33 -5.56 10.90
N SER A 23 0.55 -4.59 11.06
CA SER A 23 0.15 -3.25 11.48
C SER A 23 -0.76 -2.63 10.44
N VAL A 24 -0.37 -2.79 9.17
CA VAL A 24 -1.16 -2.26 8.07
C VAL A 24 -2.39 -3.13 7.88
N ALA A 25 -2.19 -4.43 8.04
CA ALA A 25 -3.28 -5.39 7.89
C ALA A 25 -4.30 -5.23 9.01
N ASP A 26 -3.83 -4.80 10.18
CA ASP A 26 -4.70 -4.62 11.33
C ASP A 26 -5.56 -3.37 11.19
N TYR A 27 -4.98 -2.29 10.70
CA TYR A 27 -5.69 -1.03 10.54
C TYR A 27 -6.30 -0.88 9.15
N PHE A 28 -5.76 -1.62 8.18
CA PHE A 28 -6.26 -1.53 6.81
C PHE A 28 -7.10 -2.76 6.44
N LYS A 29 -7.87 -3.24 7.41
CA LYS A 29 -8.73 -4.40 7.19
C LYS A 29 -10.19 -4.08 7.50
N GLN A 30 -10.51 -2.80 7.56
CA GLN A 30 -11.87 -2.36 7.85
C GLN A 30 -12.57 -1.97 6.55
N ILE A 31 -11.86 -1.25 5.71
CA ILE A 31 -12.40 -0.81 4.43
C ILE A 31 -12.64 -1.99 3.50
N GLY A 32 -11.76 -2.99 3.59
CA GLY A 32 -11.90 -4.17 2.76
C GLY A 32 -10.94 -5.28 3.16
N ILE A 33 -10.64 -6.16 2.21
CA ILE A 33 -9.74 -7.28 2.47
C ILE A 33 -8.35 -7.02 1.92
N ILE A 34 -7.33 -7.32 2.72
CA ILE A 34 -5.95 -7.14 2.28
C ILE A 34 -5.44 -8.41 1.60
N LYS A 35 -4.70 -8.22 0.51
CA LYS A 35 -4.17 -9.33 -0.26
C LYS A 35 -3.50 -10.39 0.62
N THR A 36 -4.28 -11.39 1.04
CA THR A 36 -3.75 -12.46 1.87
C THR A 36 -2.82 -13.36 1.07
N ASN A 37 -1.80 -13.91 1.73
CA ASN A 37 -0.83 -14.77 1.06
C ASN A 37 -1.17 -16.23 1.26
N LYS A 38 -0.66 -17.08 0.35
CA LYS A 38 -0.91 -18.51 0.42
C LYS A 38 0.16 -19.21 1.26
N LYS A 39 1.21 -18.47 1.63
CA LYS A 39 2.29 -19.02 2.43
C LYS A 39 2.00 -18.84 3.92
N THR A 40 1.56 -17.65 4.29
CA THR A 40 1.24 -17.34 5.66
C THR A 40 -0.26 -17.24 5.89
N GLY A 41 -1.03 -17.27 4.80
CA GLY A 41 -2.46 -17.15 4.92
C GLY A 41 -2.87 -15.82 5.51
N GLN A 42 -1.96 -14.85 5.48
CA GLN A 42 -2.21 -13.53 6.03
C GLN A 42 -1.98 -12.45 4.97
N PRO A 43 -2.50 -11.22 5.22
CA PRO A 43 -2.35 -10.10 4.28
C PRO A 43 -0.92 -9.93 3.77
N MET A 44 -0.79 -9.33 2.58
CA MET A 44 0.53 -9.10 1.98
C MET A 44 0.73 -7.62 1.68
N ILE A 45 1.81 -7.08 2.20
CA ILE A 45 2.15 -5.67 2.00
C ILE A 45 3.65 -5.51 1.78
N ASN A 46 4.03 -4.62 0.87
CA ASN A 46 5.43 -4.39 0.57
C ASN A 46 5.94 -3.20 1.36
N LEU A 47 6.90 -3.44 2.25
CA LEU A 47 7.45 -2.38 3.08
C LEU A 47 8.96 -2.29 2.90
N TYR A 48 9.50 -1.09 3.11
CA TYR A 48 10.94 -0.86 2.97
C TYR A 48 11.57 -0.64 4.34
N THR A 49 12.46 -1.54 4.74
CA THR A 49 13.13 -1.44 6.03
C THR A 49 14.64 -1.35 5.86
N ASP A 50 15.31 -0.78 6.86
CA ASP A 50 16.76 -0.64 6.83
C ASP A 50 17.44 -1.90 7.34
N ARG A 51 18.59 -2.23 6.75
CA ARG A 51 19.35 -3.42 7.14
C ARG A 51 20.64 -3.03 7.86
N GLU A 52 21.11 -1.81 7.62
CA GLU A 52 22.34 -1.32 8.23
C GLU A 52 22.13 -1.03 9.71
N THR A 53 21.03 -0.34 10.02
CA THR A 53 20.72 0.01 11.39
C THR A 53 19.68 -0.96 11.98
N GLY A 54 18.91 -1.59 11.10
CA GLY A 54 17.89 -2.53 11.55
C GLY A 54 16.61 -1.84 11.95
N LYS A 55 16.14 -0.93 11.11
CA LYS A 55 14.91 -0.20 11.37
C LYS A 55 14.02 -0.15 10.13
N LEU A 56 13.02 0.74 10.15
CA LEU A 56 12.11 0.86 9.02
C LEU A 56 12.35 2.17 8.27
N LYS A 57 11.78 2.28 7.07
CA LYS A 57 11.94 3.48 6.25
C LYS A 57 10.75 4.41 6.41
N GLY A 58 9.55 3.83 6.50
CA GLY A 58 8.35 4.63 6.66
C GLY A 58 7.53 4.70 5.39
N GLU A 59 7.64 3.67 4.56
CA GLU A 59 6.90 3.62 3.31
C GLU A 59 6.62 2.17 2.91
N ALA A 60 5.37 1.88 2.55
CA ALA A 60 5.00 0.54 2.15
C ALA A 60 3.72 0.49 1.32
N THR A 61 3.69 -0.43 0.37
CA THR A 61 2.52 -0.60 -0.49
C THR A 61 1.66 -1.75 0.03
N VAL A 62 0.35 -1.53 0.08
CA VAL A 62 -0.56 -2.55 0.58
C VAL A 62 -1.37 -3.17 -0.55
N SER A 63 -1.39 -4.50 -0.62
CA SER A 63 -2.15 -5.19 -1.65
C SER A 63 -3.57 -5.48 -1.17
N PHE A 64 -4.53 -5.37 -2.08
CA PHE A 64 -5.93 -5.62 -1.74
C PHE A 64 -6.52 -6.74 -2.58
N ASP A 65 -7.42 -7.52 -1.99
CA ASP A 65 -8.06 -8.62 -2.69
C ASP A 65 -9.18 -8.13 -3.60
N ASP A 66 -9.64 -6.90 -3.35
CA ASP A 66 -10.72 -6.32 -4.17
C ASP A 66 -10.28 -4.97 -4.75
N PRO A 67 -10.10 -4.90 -6.07
CA PRO A 67 -9.68 -3.66 -6.75
C PRO A 67 -10.53 -2.46 -6.33
N PRO A 68 -11.87 -2.56 -6.42
CA PRO A 68 -12.75 -1.44 -6.04
C PRO A 68 -12.55 -1.03 -4.58
N SER A 69 -12.18 -2.01 -3.76
CA SER A 69 -11.96 -1.74 -2.34
C SER A 69 -10.76 -0.82 -2.15
N ALA A 70 -9.75 -0.97 -3.00
CA ALA A 70 -8.56 -0.14 -2.93
C ALA A 70 -8.90 1.33 -3.11
N LYS A 71 -9.74 1.61 -4.10
CA LYS A 71 -10.16 2.98 -4.38
C LYS A 71 -10.92 3.55 -3.19
N ALA A 72 -11.91 2.80 -2.72
CA ALA A 72 -12.71 3.23 -1.58
C ALA A 72 -11.84 3.58 -0.39
N ALA A 73 -10.71 2.86 -0.26
CA ALA A 73 -9.78 3.11 0.82
C ALA A 73 -9.11 4.45 0.63
N ILE A 74 -8.62 4.66 -0.58
CA ILE A 74 -7.96 5.91 -0.93
C ILE A 74 -8.88 7.08 -0.67
N ASP A 75 -10.16 6.86 -0.91
CA ASP A 75 -11.17 7.90 -0.72
C ASP A 75 -11.25 8.29 0.76
N TRP A 76 -10.88 7.36 1.63
CA TRP A 76 -10.94 7.59 3.07
C TRP A 76 -9.57 7.97 3.63
N PHE A 77 -8.63 7.03 3.60
CA PHE A 77 -7.30 7.25 4.14
C PHE A 77 -6.63 8.46 3.50
N ASP A 78 -6.20 8.31 2.26
CA ASP A 78 -5.53 9.37 1.50
C ASP A 78 -5.20 10.57 2.38
N GLY A 79 -4.31 10.36 3.34
CA GLY A 79 -3.93 11.42 4.27
C GLY A 79 -4.31 11.11 5.70
N LYS A 80 -4.47 9.82 6.00
CA LYS A 80 -4.83 9.37 7.33
C LYS A 80 -3.61 9.39 8.25
N GLU A 81 -3.71 8.72 9.40
CA GLU A 81 -2.60 8.69 10.33
C GLU A 81 -2.27 7.26 10.78
N PHE A 82 -0.98 6.96 10.84
CA PHE A 82 -0.51 5.65 11.27
C PHE A 82 0.00 5.73 12.70
N SER A 83 -0.81 5.27 13.64
CA SER A 83 -0.44 5.27 15.05
C SER A 83 0.04 6.66 15.50
N GLY A 84 -0.47 7.70 14.86
CA GLY A 84 -0.08 9.06 15.23
C GLY A 84 0.48 9.86 14.07
N ASN A 85 1.25 9.21 13.20
CA ASN A 85 1.84 9.88 12.05
C ASN A 85 0.85 9.97 10.90
N PRO A 86 1.17 10.74 9.86
CA PRO A 86 0.31 10.91 8.69
C PRO A 86 0.69 9.98 7.54
N ILE A 87 -0.30 9.50 6.79
CA ILE A 87 -0.04 8.60 5.67
C ILE A 87 -0.77 9.06 4.41
N LYS A 88 -0.31 8.57 3.27
CA LYS A 88 -0.92 8.92 1.99
C LYS A 88 -1.22 7.66 1.16
N VAL A 89 -2.48 7.25 1.17
CA VAL A 89 -2.89 6.06 0.41
C VAL A 89 -3.22 6.42 -1.03
N SER A 90 -2.66 5.67 -1.97
CA SER A 90 -2.90 5.92 -3.39
C SER A 90 -3.36 4.65 -4.10
N PHE A 91 -3.56 4.75 -5.42
CA PHE A 91 -4.00 3.62 -6.22
C PHE A 91 -2.82 2.98 -6.95
N ALA A 92 -1.72 2.79 -6.25
CA ALA A 92 -0.53 2.19 -6.83
C ALA A 92 -0.05 2.96 -8.05
N THR A 93 0.52 4.14 -7.81
CA THR A 93 1.02 4.99 -8.88
C THR A 93 2.12 4.29 -9.67
N ARG A 94 2.40 4.80 -10.86
CA ARG A 94 3.44 4.22 -11.71
C ARG A 94 4.79 4.84 -11.42
N ARG A 95 5.81 4.01 -11.31
CA ARG A 95 7.16 4.50 -11.04
C ARG A 95 8.06 4.35 -12.28
N ALA A 96 8.49 5.48 -12.82
CA ALA A 96 9.35 5.48 -14.00
C ALA A 96 9.82 6.89 -14.35
N ASP A 97 10.45 7.02 -15.50
CA ASP A 97 10.95 8.32 -15.95
C ASP A 97 9.92 9.01 -16.85
N PHE A 98 10.30 10.15 -17.40
CA PHE A 98 9.43 10.91 -18.28
C PHE A 98 8.20 11.40 -17.52
N ASN A 99 8.34 12.54 -16.84
CA ASN A 99 7.25 13.12 -16.07
C ASN A 99 7.32 14.64 -16.10
N ARG A 100 6.34 15.26 -16.75
CA ARG A 100 6.29 16.71 -16.85
C ARG A 100 7.53 17.26 -17.56
N GLY A 101 7.80 16.73 -18.75
CA GLY A 101 8.95 17.18 -19.50
C GLY A 101 9.27 16.26 -20.67
N GLY A 102 9.14 16.78 -21.89
CA GLY A 102 9.42 16.00 -23.07
C GLY A 102 8.68 16.50 -24.29
N GLY A 103 7.77 15.69 -24.82
CA GLY A 103 7.01 16.09 -25.99
C GLY A 103 5.90 17.07 -25.67
N ASN A 104 5.09 16.72 -24.67
CA ASN A 104 3.97 17.58 -24.26
C ASN A 104 4.32 18.34 -22.98
N GLY A 105 3.36 19.12 -22.48
CA GLY A 105 3.59 19.89 -21.27
C GLY A 105 3.42 21.38 -21.49
N ARG A 106 3.50 21.81 -22.74
CA ARG A 106 3.37 23.22 -23.08
C ARG A 106 2.04 23.78 -22.57
N GLY A 107 1.92 25.10 -22.56
CA GLY A 107 0.71 25.74 -22.09
C GLY A 107 0.90 27.21 -21.79
N GLY A 108 1.09 28.00 -22.84
CA GLY A 108 1.28 29.43 -22.67
C GLY A 108 0.55 30.25 -23.70
N GLU A 1 -10.19 -10.40 -20.94
CA GLU A 1 -11.04 -10.12 -19.76
C GLU A 1 -10.29 -9.32 -18.69
N GLN A 2 -11.04 -8.59 -17.88
CA GLN A 2 -10.44 -7.79 -16.82
C GLN A 2 -9.52 -6.70 -17.40
N ASP A 3 -8.74 -6.06 -16.54
CA ASP A 3 -7.83 -5.01 -16.97
C ASP A 3 -7.06 -4.44 -15.78
N ASN A 4 -7.72 -4.41 -14.62
CA ASN A 4 -7.09 -3.87 -13.40
C ASN A 4 -5.66 -4.38 -13.24
N SER A 5 -4.70 -3.55 -13.63
CA SER A 5 -3.29 -3.92 -13.54
C SER A 5 -2.60 -3.20 -12.38
N ASP A 6 -3.12 -2.02 -12.03
CA ASP A 6 -2.53 -1.24 -10.94
C ASP A 6 -3.42 -1.24 -9.70
N ASN A 7 -4.73 -1.25 -9.91
CA ASN A 7 -5.67 -1.25 -8.80
C ASN A 7 -5.59 -2.55 -8.01
N ASN A 8 -6.21 -2.55 -6.82
CA ASN A 8 -6.20 -3.73 -5.93
C ASN A 8 -4.94 -3.74 -5.06
N THR A 9 -4.25 -2.60 -5.04
CA THR A 9 -3.03 -2.45 -4.27
C THR A 9 -2.68 -0.97 -4.14
N ILE A 10 -2.87 -0.42 -2.95
CA ILE A 10 -2.58 1.00 -2.72
C ILE A 10 -1.17 1.21 -2.21
N PHE A 11 -0.76 2.48 -2.17
CA PHE A 11 0.57 2.84 -1.71
C PHE A 11 0.47 3.77 -0.50
N VAL A 12 0.87 3.25 0.67
CA VAL A 12 0.83 4.04 1.90
C VAL A 12 2.23 4.52 2.29
N GLN A 13 2.40 5.84 2.34
CA GLN A 13 3.69 6.42 2.71
C GLN A 13 3.52 7.43 3.83
N GLY A 14 4.34 7.31 4.88
CA GLY A 14 4.26 8.24 5.99
C GLY A 14 4.08 7.56 7.33
N LEU A 15 4.43 6.29 7.40
CA LEU A 15 4.31 5.54 8.63
C LEU A 15 5.37 6.02 9.63
N GLY A 16 6.45 5.26 9.79
CA GLY A 16 7.51 5.65 10.71
C GLY A 16 8.54 4.57 10.89
N GLU A 17 8.44 3.84 11.99
CA GLU A 17 9.35 2.75 12.29
C GLU A 17 8.56 1.52 12.71
N ASN A 18 7.39 1.37 12.11
CA ASN A 18 6.50 0.26 12.40
C ASN A 18 6.03 -0.44 11.14
N VAL A 19 5.50 0.36 10.21
CA VAL A 19 4.99 -0.11 8.92
C VAL A 19 5.17 -1.62 8.72
N THR A 20 4.31 -2.40 9.39
CA THR A 20 4.37 -3.85 9.29
C THR A 20 3.13 -4.38 8.58
N ILE A 21 3.25 -5.56 7.97
CA ILE A 21 2.14 -6.18 7.26
C ILE A 21 0.98 -6.46 8.20
N GLU A 22 1.29 -7.04 9.35
CA GLU A 22 0.26 -7.36 10.33
C GLU A 22 -0.36 -6.09 10.91
N SER A 23 0.48 -5.08 11.11
CA SER A 23 0.02 -3.80 11.65
C SER A 23 -0.86 -3.08 10.63
N VAL A 24 -0.46 -3.16 9.37
CA VAL A 24 -1.20 -2.53 8.30
C VAL A 24 -2.47 -3.30 8.03
N ALA A 25 -2.37 -4.61 8.08
CA ALA A 25 -3.51 -5.48 7.86
C ALA A 25 -4.57 -5.27 8.93
N ASP A 26 -4.13 -4.95 10.14
CA ASP A 26 -5.04 -4.74 11.26
C ASP A 26 -5.78 -3.40 11.13
N TYR A 27 -5.06 -2.36 10.71
CA TYR A 27 -5.66 -1.04 10.58
C TYR A 27 -6.27 -0.81 9.20
N PHE A 28 -5.84 -1.59 8.21
CA PHE A 28 -6.36 -1.45 6.85
C PHE A 28 -7.37 -2.56 6.54
N LYS A 29 -8.06 -3.04 7.58
CA LYS A 29 -9.04 -4.10 7.40
C LYS A 29 -10.45 -3.58 7.68
N GLN A 30 -10.62 -2.27 7.64
CA GLN A 30 -11.91 -1.66 7.89
C GLN A 30 -12.57 -1.25 6.57
N ILE A 31 -11.76 -0.73 5.66
CA ILE A 31 -12.24 -0.31 4.36
C ILE A 31 -12.42 -1.49 3.42
N GLY A 32 -11.51 -2.45 3.51
CA GLY A 32 -11.59 -3.62 2.67
C GLY A 32 -10.67 -4.74 3.14
N ILE A 33 -10.53 -5.77 2.30
CA ILE A 33 -9.68 -6.90 2.64
C ILE A 33 -8.33 -6.82 1.94
N ILE A 34 -7.27 -7.26 2.62
CA ILE A 34 -5.94 -7.24 2.05
C ILE A 34 -5.63 -8.59 1.39
N LYS A 35 -5.13 -8.54 0.16
CA LYS A 35 -4.81 -9.76 -0.59
C LYS A 35 -3.99 -10.73 0.23
N THR A 36 -4.69 -11.66 0.89
CA THR A 36 -4.04 -12.66 1.72
C THR A 36 -3.18 -13.58 0.85
N ASN A 37 -2.06 -14.02 1.40
CA ASN A 37 -1.14 -14.89 0.69
C ASN A 37 -1.67 -16.32 0.62
N LYS A 38 -1.11 -17.09 -0.30
CA LYS A 38 -1.49 -18.49 -0.44
C LYS A 38 -0.39 -19.37 0.13
N LYS A 39 0.73 -18.75 0.49
CA LYS A 39 1.86 -19.47 1.06
C LYS A 39 1.92 -19.22 2.56
N THR A 40 1.57 -18.00 2.97
CA THR A 40 1.57 -17.65 4.37
C THR A 40 0.14 -17.51 4.89
N GLY A 41 -0.83 -17.54 3.97
CA GLY A 41 -2.22 -17.41 4.36
C GLY A 41 -2.52 -16.10 5.05
N GLN A 42 -1.60 -15.14 4.96
CA GLN A 42 -1.80 -13.85 5.60
C GLN A 42 -1.74 -12.72 4.58
N PRO A 43 -2.31 -11.56 4.93
CA PRO A 43 -2.33 -10.38 4.04
C PRO A 43 -0.99 -10.12 3.36
N MET A 44 -1.04 -9.52 2.17
CA MET A 44 0.17 -9.22 1.41
C MET A 44 0.45 -7.71 1.40
N ILE A 45 1.61 -7.34 1.93
CA ILE A 45 2.02 -5.94 2.00
C ILE A 45 3.53 -5.82 1.77
N ASN A 46 3.94 -4.77 1.06
CA ASN A 46 5.35 -4.54 0.77
C ASN A 46 5.83 -3.22 1.40
N LEU A 47 6.97 -3.26 2.07
CA LEU A 47 7.53 -2.08 2.71
C LEU A 47 8.96 -1.82 2.24
N TYR A 48 9.45 -0.61 2.49
CA TYR A 48 10.80 -0.23 2.09
C TYR A 48 11.54 0.40 3.26
N THR A 49 12.57 -0.28 3.76
CA THR A 49 13.36 0.23 4.87
C THR A 49 14.67 0.85 4.39
N ASP A 50 15.28 1.68 5.23
CA ASP A 50 16.54 2.32 4.88
C ASP A 50 17.65 1.30 4.69
N ARG A 51 18.42 1.44 3.62
CA ARG A 51 19.50 0.51 3.33
C ARG A 51 20.85 1.11 3.74
N GLU A 52 20.86 2.38 4.13
CA GLU A 52 22.08 3.05 4.54
C GLU A 52 22.21 3.06 6.05
N THR A 53 21.08 3.20 6.74
CA THR A 53 21.07 3.22 8.20
C THR A 53 20.39 1.98 8.75
N GLY A 54 19.53 1.36 7.95
CA GLY A 54 18.84 0.16 8.39
C GLY A 54 17.44 0.46 8.92
N LYS A 55 17.24 1.70 9.35
CA LYS A 55 15.95 2.11 9.89
C LYS A 55 14.83 1.90 8.87
N LEU A 56 13.62 2.31 9.22
CA LEU A 56 12.47 2.17 8.34
C LEU A 56 12.06 3.51 7.75
N LYS A 57 12.13 3.62 6.43
CA LYS A 57 11.77 4.84 5.73
C LYS A 57 10.35 5.28 6.06
N GLY A 58 9.52 4.33 6.51
CA GLY A 58 8.15 4.64 6.83
C GLY A 58 7.27 4.69 5.60
N GLU A 59 7.53 3.77 4.68
CA GLU A 59 6.78 3.71 3.43
C GLU A 59 6.48 2.25 3.04
N ALA A 60 5.22 1.96 2.71
CA ALA A 60 4.86 0.59 2.32
C ALA A 60 3.53 0.56 1.58
N THR A 61 3.43 -0.36 0.62
CA THR A 61 2.21 -0.52 -0.16
C THR A 61 1.34 -1.62 0.44
N VAL A 62 0.02 -1.50 0.28
CA VAL A 62 -0.90 -2.49 0.82
C VAL A 62 -1.80 -3.07 -0.27
N SER A 63 -1.84 -4.40 -0.36
CA SER A 63 -2.65 -5.06 -1.37
C SER A 63 -4.09 -5.22 -0.89
N PHE A 64 -5.02 -5.28 -1.83
CA PHE A 64 -6.44 -5.42 -1.51
C PHE A 64 -7.06 -6.60 -2.26
N ASP A 65 -7.81 -7.43 -1.54
CA ASP A 65 -8.46 -8.59 -2.12
C ASP A 65 -9.47 -8.16 -3.20
N ASP A 66 -9.93 -6.92 -3.12
CA ASP A 66 -10.89 -6.40 -4.07
C ASP A 66 -10.40 -5.07 -4.67
N PRO A 67 -10.15 -5.03 -5.98
CA PRO A 67 -9.68 -3.81 -6.66
C PRO A 67 -10.44 -2.55 -6.23
N PRO A 68 -11.79 -2.59 -6.28
CA PRO A 68 -12.60 -1.43 -5.88
C PRO A 68 -12.33 -1.05 -4.44
N SER A 69 -12.00 -2.04 -3.63
CA SER A 69 -11.71 -1.83 -2.22
C SER A 69 -10.50 -0.91 -2.05
N ALA A 70 -9.50 -1.09 -2.91
CA ALA A 70 -8.29 -0.27 -2.84
C ALA A 70 -8.63 1.20 -2.99
N LYS A 71 -9.52 1.51 -3.92
CA LYS A 71 -9.95 2.88 -4.15
C LYS A 71 -10.64 3.42 -2.90
N ALA A 72 -11.67 2.72 -2.46
CA ALA A 72 -12.42 3.12 -1.27
C ALA A 72 -11.48 3.43 -0.12
N ALA A 73 -10.34 2.73 -0.08
CA ALA A 73 -9.35 2.96 0.95
C ALA A 73 -8.72 4.32 0.75
N ILE A 74 -8.33 4.58 -0.49
CA ILE A 74 -7.72 5.85 -0.84
C ILE A 74 -8.70 6.99 -0.59
N ASP A 75 -9.97 6.70 -0.85
CA ASP A 75 -11.03 7.69 -0.67
C ASP A 75 -11.15 8.10 0.79
N TRP A 76 -10.75 7.20 1.70
CA TRP A 76 -10.84 7.47 3.13
C TRP A 76 -9.58 8.11 3.69
N PHE A 77 -8.48 7.37 3.73
CA PHE A 77 -7.23 7.87 4.29
C PHE A 77 -6.62 8.96 3.43
N ASP A 78 -5.98 8.55 2.33
CA ASP A 78 -5.32 9.47 1.41
C ASP A 78 -4.91 10.77 2.10
N GLY A 79 -4.22 10.66 3.23
CA GLY A 79 -3.78 11.84 3.95
C GLY A 79 -4.21 11.88 5.41
N LYS A 80 -4.41 10.71 6.01
CA LYS A 80 -4.82 10.64 7.41
C LYS A 80 -3.64 10.27 8.30
N GLU A 81 -3.92 9.70 9.47
CA GLU A 81 -2.86 9.33 10.39
C GLU A 81 -2.74 7.82 10.57
N PHE A 82 -1.51 7.32 10.39
CA PHE A 82 -1.22 5.91 10.54
C PHE A 82 -0.42 5.66 11.82
N SER A 83 -1.09 5.17 12.85
CA SER A 83 -0.44 4.89 14.13
C SER A 83 0.08 6.16 14.78
N GLY A 84 -0.56 7.29 14.49
CA GLY A 84 -0.15 8.55 15.07
C GLY A 84 0.61 9.45 14.11
N ASN A 85 1.04 8.91 12.98
CA ASN A 85 1.79 9.69 12.00
C ASN A 85 0.91 9.97 10.78
N PRO A 86 1.37 10.84 9.86
CA PRO A 86 0.61 11.17 8.65
C PRO A 86 1.00 10.27 7.48
N ILE A 87 0.00 9.85 6.69
CA ILE A 87 0.29 8.98 5.55
C ILE A 87 -0.42 9.47 4.28
N LYS A 88 -0.10 8.83 3.17
CA LYS A 88 -0.68 9.19 1.88
C LYS A 88 -0.93 7.95 1.03
N VAL A 89 -2.19 7.56 0.92
CA VAL A 89 -2.56 6.39 0.13
C VAL A 89 -2.71 6.76 -1.35
N SER A 90 -2.24 5.88 -2.22
CA SER A 90 -2.30 6.13 -3.66
C SER A 90 -3.06 5.03 -4.39
N PHE A 91 -3.09 5.12 -5.72
CA PHE A 91 -3.77 4.14 -6.57
C PHE A 91 -2.75 3.21 -7.22
N ALA A 92 -1.74 2.82 -6.46
CA ALA A 92 -0.70 1.93 -6.98
C ALA A 92 0.05 2.57 -8.15
N THR A 93 1.29 2.97 -7.91
CA THR A 93 2.10 3.58 -8.95
C THR A 93 2.57 2.54 -9.95
N ARG A 94 2.45 2.85 -11.24
CA ARG A 94 2.85 1.93 -12.29
C ARG A 94 4.30 1.47 -12.09
N ARG A 95 5.17 2.41 -11.75
CA ARG A 95 6.58 2.11 -11.53
C ARG A 95 7.22 1.53 -12.79
N ALA A 96 8.53 1.69 -12.90
CA ALA A 96 9.27 1.18 -14.06
C ALA A 96 10.75 1.54 -13.96
N ASP A 97 11.33 1.34 -12.78
CA ASP A 97 12.74 1.65 -12.57
C ASP A 97 13.41 0.57 -11.72
N PHE A 98 13.33 -0.67 -12.18
CA PHE A 98 13.93 -1.79 -11.46
C PHE A 98 13.75 -3.10 -12.24
N ASN A 99 14.22 -3.11 -13.48
CA ASN A 99 14.12 -4.29 -14.34
C ASN A 99 12.66 -4.62 -14.63
N ARG A 100 11.98 -5.22 -13.67
CA ARG A 100 10.58 -5.59 -13.82
C ARG A 100 10.41 -6.61 -14.95
N GLY A 101 9.42 -7.48 -14.81
CA GLY A 101 9.18 -8.50 -15.82
C GLY A 101 7.71 -8.63 -16.16
N GLY A 102 7.21 -9.86 -16.19
CA GLY A 102 5.82 -10.09 -16.52
C GLY A 102 5.57 -10.18 -18.01
N GLY A 103 5.07 -11.33 -18.46
CA GLY A 103 4.79 -11.51 -19.87
C GLY A 103 5.93 -12.20 -20.59
N ASN A 104 5.80 -12.32 -21.91
CA ASN A 104 6.83 -12.97 -22.72
C ASN A 104 7.75 -11.94 -23.36
N GLY A 105 8.56 -12.39 -24.31
CA GLY A 105 9.49 -11.49 -24.98
C GLY A 105 8.79 -10.32 -25.65
N ARG A 106 7.53 -10.54 -26.05
CA ARG A 106 6.76 -9.51 -26.71
C ARG A 106 5.62 -9.03 -25.81
N GLY A 107 5.27 -7.75 -25.93
CA GLY A 107 4.20 -7.19 -25.13
C GLY A 107 2.93 -6.95 -25.92
N GLY A 108 1.81 -7.43 -25.41
CA GLY A 108 0.54 -7.25 -26.10
C GLY A 108 0.02 -8.54 -26.69
N GLU A 1 -12.38 -5.60 -22.57
CA GLU A 1 -11.59 -6.81 -22.21
C GLU A 1 -10.12 -6.63 -22.54
N GLN A 2 -9.39 -5.95 -21.65
CA GLN A 2 -7.97 -5.71 -21.85
C GLN A 2 -7.23 -5.74 -20.51
N ASP A 3 -5.92 -5.48 -20.57
CA ASP A 3 -5.09 -5.48 -19.37
C ASP A 3 -5.18 -4.13 -18.66
N ASN A 4 -6.07 -4.04 -17.67
CA ASN A 4 -6.25 -2.81 -16.92
C ASN A 4 -6.68 -3.11 -15.49
N SER A 5 -6.14 -4.18 -14.91
CA SER A 5 -6.47 -4.58 -13.56
C SER A 5 -5.34 -4.25 -12.60
N ASP A 6 -4.51 -3.27 -12.96
CA ASP A 6 -3.40 -2.86 -12.13
C ASP A 6 -3.89 -2.29 -10.80
N ASN A 7 -5.11 -1.74 -10.81
CA ASN A 7 -5.70 -1.16 -9.61
C ASN A 7 -6.12 -2.25 -8.63
N ASN A 8 -5.58 -2.18 -7.42
CA ASN A 8 -5.88 -3.15 -6.37
C ASN A 8 -4.85 -3.01 -5.25
N THR A 9 -3.64 -2.67 -5.62
CA THR A 9 -2.55 -2.48 -4.66
C THR A 9 -2.34 -1.00 -4.40
N ILE A 10 -2.59 -0.56 -3.17
CA ILE A 10 -2.43 0.84 -2.82
C ILE A 10 -1.02 1.12 -2.29
N PHE A 11 -0.73 2.40 -2.08
CA PHE A 11 0.58 2.79 -1.59
C PHE A 11 0.45 3.74 -0.40
N VAL A 12 0.79 3.24 0.79
CA VAL A 12 0.73 4.04 2.00
C VAL A 12 2.13 4.55 2.36
N GLN A 13 2.31 5.87 2.29
CA GLN A 13 3.61 6.46 2.60
C GLN A 13 3.51 7.44 3.76
N GLY A 14 4.40 7.31 4.75
CA GLY A 14 4.40 8.23 5.87
C GLY A 14 4.07 7.58 7.21
N LEU A 15 4.99 6.77 7.72
CA LEU A 15 4.80 6.13 9.02
C LEU A 15 5.98 6.43 9.95
N GLY A 16 7.09 5.73 9.74
CA GLY A 16 8.26 5.96 10.56
C GLY A 16 8.91 4.67 11.03
N GLU A 17 8.37 4.09 12.08
CA GLU A 17 8.88 2.86 12.64
C GLU A 17 7.72 1.96 13.08
N ASN A 18 6.69 1.91 12.25
CA ASN A 18 5.51 1.11 12.57
C ASN A 18 5.00 0.37 11.32
N VAL A 19 5.82 0.32 10.28
CA VAL A 19 5.45 -0.35 9.05
C VAL A 19 5.55 -1.87 9.16
N THR A 20 4.43 -2.51 9.47
CA THR A 20 4.38 -3.95 9.61
C THR A 20 3.19 -4.52 8.86
N ILE A 21 3.32 -5.76 8.40
CA ILE A 21 2.24 -6.40 7.65
C ILE A 21 1.01 -6.61 8.52
N GLU A 22 1.21 -7.16 9.70
CA GLU A 22 0.09 -7.41 10.61
C GLU A 22 -0.51 -6.10 11.10
N SER A 23 0.34 -5.09 11.29
CA SER A 23 -0.11 -3.79 11.75
C SER A 23 -0.90 -3.07 10.67
N VAL A 24 -0.39 -3.13 9.44
CA VAL A 24 -1.07 -2.50 8.32
C VAL A 24 -2.32 -3.29 7.98
N ALA A 25 -2.16 -4.60 7.96
CA ALA A 25 -3.27 -5.51 7.67
C ALA A 25 -4.35 -5.40 8.74
N ASP A 26 -3.95 -5.07 9.96
CA ASP A 26 -4.87 -4.95 11.07
C ASP A 26 -5.72 -3.69 10.97
N TYR A 27 -5.10 -2.59 10.54
CA TYR A 27 -5.82 -1.32 10.42
C TYR A 27 -6.39 -1.10 9.01
N PHE A 28 -5.81 -1.77 8.03
CA PHE A 28 -6.27 -1.62 6.64
C PHE A 28 -7.30 -2.68 6.26
N LYS A 29 -7.72 -3.49 7.24
CA LYS A 29 -8.70 -4.52 6.97
C LYS A 29 -10.10 -4.07 7.36
N GLN A 30 -10.30 -2.75 7.38
CA GLN A 30 -11.61 -2.19 7.73
C GLN A 30 -12.30 -1.66 6.48
N ILE A 31 -11.51 -1.19 5.53
CA ILE A 31 -12.04 -0.65 4.29
C ILE A 31 -12.15 -1.72 3.20
N GLY A 32 -11.16 -2.60 3.14
CA GLY A 32 -11.18 -3.66 2.14
C GLY A 32 -10.45 -4.90 2.58
N ILE A 33 -10.35 -5.88 1.69
CA ILE A 33 -9.69 -7.14 1.99
C ILE A 33 -8.28 -7.17 1.41
N ILE A 34 -7.28 -7.33 2.28
CA ILE A 34 -5.90 -7.40 1.83
C ILE A 34 -5.53 -8.83 1.44
N LYS A 35 -5.05 -8.99 0.21
CA LYS A 35 -4.69 -10.31 -0.35
C LYS A 35 -3.83 -11.15 0.58
N THR A 36 -4.46 -12.15 1.23
CA THR A 36 -3.77 -13.07 2.11
C THR A 36 -2.70 -13.86 1.34
N ASN A 37 -1.62 -14.23 2.02
CA ASN A 37 -0.55 -14.99 1.40
C ASN A 37 -0.56 -16.44 1.87
N LYS A 38 -0.32 -17.37 0.96
CA LYS A 38 -0.35 -18.80 1.26
C LYS A 38 0.90 -19.27 2.02
N LYS A 39 1.88 -18.38 2.20
CA LYS A 39 3.11 -18.73 2.89
C LYS A 39 2.97 -18.43 4.38
N THR A 40 2.15 -17.44 4.70
CA THR A 40 1.92 -17.05 6.09
C THR A 40 0.45 -17.14 6.45
N GLY A 41 -0.40 -17.07 5.42
CA GLY A 41 -1.83 -17.11 5.65
C GLY A 41 -2.37 -15.75 6.00
N GLN A 42 -1.55 -14.71 5.81
CA GLN A 42 -1.96 -13.35 6.11
C GLN A 42 -1.79 -12.45 4.89
N PRO A 43 -2.58 -11.37 4.82
CA PRO A 43 -2.52 -10.41 3.71
C PRO A 43 -1.09 -10.03 3.35
N MET A 44 -0.89 -9.65 2.09
CA MET A 44 0.43 -9.27 1.61
C MET A 44 0.56 -7.76 1.46
N ILE A 45 1.62 -7.22 2.05
CA ILE A 45 1.91 -5.79 1.99
C ILE A 45 3.40 -5.56 1.82
N ASN A 46 3.77 -4.57 1.01
CA ASN A 46 5.17 -4.25 0.77
C ASN A 46 5.61 -3.11 1.67
N LEU A 47 6.87 -3.12 2.06
CA LEU A 47 7.41 -2.08 2.93
C LEU A 47 8.86 -1.75 2.59
N TYR A 48 9.16 -0.45 2.56
CA TYR A 48 10.51 0.01 2.26
C TYR A 48 11.38 -0.10 3.50
N THR A 49 11.99 -1.27 3.70
CA THR A 49 12.84 -1.50 4.86
C THR A 49 14.25 -0.98 4.64
N ASP A 50 15.03 -0.91 5.72
CA ASP A 50 16.39 -0.42 5.65
C ASP A 50 17.27 -1.33 4.80
N ARG A 51 17.49 -0.93 3.55
CA ARG A 51 18.31 -1.69 2.61
C ARG A 51 17.86 -3.14 2.49
N GLU A 52 18.20 -3.95 3.49
CA GLU A 52 17.84 -5.36 3.48
C GLU A 52 17.57 -5.90 4.89
N THR A 53 18.20 -5.29 5.90
CA THR A 53 18.02 -5.73 7.29
C THR A 53 16.55 -6.00 7.60
N GLY A 54 15.66 -5.28 6.92
CA GLY A 54 14.24 -5.47 7.12
C GLY A 54 13.73 -4.79 8.38
N LYS A 55 14.48 -3.81 8.88
CA LYS A 55 14.08 -3.09 10.08
C LYS A 55 12.74 -2.38 9.86
N LEU A 56 12.45 -2.05 8.60
CA LEU A 56 11.22 -1.37 8.25
C LEU A 56 11.15 0.02 8.87
N LYS A 57 10.92 1.02 8.03
CA LYS A 57 10.83 2.41 8.51
C LYS A 57 10.80 3.40 7.34
N GLY A 58 9.62 3.63 6.78
CA GLY A 58 9.52 4.57 5.68
C GLY A 58 8.16 4.58 5.01
N GLU A 59 7.82 3.50 4.32
CA GLU A 59 6.55 3.40 3.61
C GLU A 59 6.19 1.95 3.32
N ALA A 60 4.94 1.71 2.92
CA ALA A 60 4.50 0.36 2.60
C ALA A 60 3.27 0.37 1.68
N THR A 61 3.19 -0.63 0.82
CA THR A 61 2.07 -0.76 -0.11
C THR A 61 1.16 -1.90 0.32
N VAL A 62 -0.14 -1.65 0.32
CA VAL A 62 -1.11 -2.66 0.73
C VAL A 62 -1.77 -3.31 -0.49
N SER A 63 -1.68 -4.63 -0.57
CA SER A 63 -2.27 -5.36 -1.70
C SER A 63 -3.68 -5.86 -1.36
N PHE A 64 -4.68 -5.29 -2.02
CA PHE A 64 -6.07 -5.67 -1.79
C PHE A 64 -6.49 -6.79 -2.74
N ASP A 65 -7.54 -7.51 -2.37
CA ASP A 65 -8.05 -8.60 -3.20
C ASP A 65 -9.08 -8.09 -4.20
N ASP A 66 -9.57 -6.88 -3.98
CA ASP A 66 -10.57 -6.27 -4.86
C ASP A 66 -10.13 -4.88 -5.31
N PRO A 67 -9.98 -4.68 -6.63
CA PRO A 67 -9.56 -3.39 -7.19
C PRO A 67 -10.35 -2.20 -6.61
N PRO A 68 -11.69 -2.29 -6.57
CA PRO A 68 -12.52 -1.21 -6.03
C PRO A 68 -12.19 -0.94 -4.58
N SER A 69 -11.78 -1.98 -3.87
CA SER A 69 -11.43 -1.86 -2.46
C SER A 69 -10.25 -0.90 -2.28
N ALA A 70 -9.33 -0.91 -3.24
CA ALA A 70 -8.17 -0.04 -3.18
C ALA A 70 -8.61 1.43 -3.14
N LYS A 71 -9.48 1.81 -4.06
CA LYS A 71 -9.99 3.16 -4.12
C LYS A 71 -10.72 3.49 -2.82
N ALA A 72 -11.57 2.57 -2.38
CA ALA A 72 -12.32 2.75 -1.15
C ALA A 72 -11.39 3.15 -0.02
N ALA A 73 -10.18 2.59 -0.03
CA ALA A 73 -9.18 2.90 0.98
C ALA A 73 -8.73 4.33 0.81
N ILE A 74 -8.44 4.68 -0.43
CA ILE A 74 -8.01 6.02 -0.78
C ILE A 74 -9.08 7.03 -0.39
N ASP A 75 -10.33 6.61 -0.53
CA ASP A 75 -11.46 7.46 -0.19
C ASP A 75 -11.50 7.72 1.31
N TRP A 76 -10.94 6.79 2.08
CA TRP A 76 -10.92 6.90 3.53
C TRP A 76 -9.70 7.66 4.03
N PHE A 77 -8.52 7.06 3.87
CA PHE A 77 -7.27 7.65 4.33
C PHE A 77 -6.71 8.67 3.35
N ASP A 78 -6.06 8.19 2.30
CA ASP A 78 -5.46 9.05 1.28
C ASP A 78 -5.02 10.40 1.87
N GLY A 79 -4.40 10.34 3.05
CA GLY A 79 -3.95 11.55 3.71
C GLY A 79 -4.28 11.59 5.20
N LYS A 80 -4.38 10.41 5.81
CA LYS A 80 -4.68 10.32 7.24
C LYS A 80 -3.39 10.14 8.03
N GLU A 81 -3.50 9.71 9.28
CA GLU A 81 -2.30 9.52 10.09
C GLU A 81 -2.17 8.07 10.57
N PHE A 82 -0.99 7.49 10.33
CA PHE A 82 -0.69 6.13 10.75
C PHE A 82 -0.27 6.10 12.20
N SER A 83 -1.19 5.71 13.08
CA SER A 83 -0.91 5.62 14.51
C SER A 83 -0.19 6.86 15.03
N GLY A 84 -0.41 8.01 14.40
CA GLY A 84 0.23 9.23 14.87
C GLY A 84 0.81 10.10 13.75
N ASN A 85 1.48 9.47 12.79
CA ASN A 85 2.09 10.21 11.69
C ASN A 85 1.15 10.30 10.51
N PRO A 86 1.40 11.23 9.59
CA PRO A 86 0.58 11.42 8.40
C PRO A 86 0.99 10.50 7.25
N ILE A 87 0.02 9.98 6.50
CA ILE A 87 0.32 9.09 5.39
C ILE A 87 -0.27 9.59 4.09
N LYS A 88 -0.01 8.85 3.01
CA LYS A 88 -0.52 9.20 1.69
C LYS A 88 -0.84 7.94 0.90
N VAL A 89 -2.12 7.61 0.82
CA VAL A 89 -2.56 6.42 0.10
C VAL A 89 -2.75 6.73 -1.39
N SER A 90 -2.25 5.83 -2.24
CA SER A 90 -2.36 6.01 -3.68
C SER A 90 -2.75 4.72 -4.39
N PHE A 91 -3.03 4.83 -5.69
CA PHE A 91 -3.42 3.67 -6.49
C PHE A 91 -2.19 3.04 -7.16
N ALA A 92 -1.27 2.53 -6.34
CA ALA A 92 -0.07 1.90 -6.85
C ALA A 92 0.73 2.87 -7.72
N THR A 93 1.98 2.51 -7.99
CA THR A 93 2.86 3.35 -8.81
C THR A 93 3.00 4.74 -8.20
N ARG A 94 3.99 5.49 -8.67
CA ARG A 94 4.24 6.84 -8.17
C ARG A 94 3.66 7.88 -9.12
N ARG A 95 2.39 8.23 -8.90
CA ARG A 95 1.71 9.21 -9.73
C ARG A 95 2.01 10.62 -9.25
N ALA A 96 1.54 10.94 -8.05
CA ALA A 96 1.75 12.26 -7.47
C ALA A 96 3.16 12.38 -6.89
N ASP A 97 3.78 13.54 -7.09
CA ASP A 97 5.12 13.79 -6.58
C ASP A 97 5.24 15.19 -6.00
N PHE A 98 5.93 15.30 -4.87
CA PHE A 98 6.11 16.60 -4.21
C PHE A 98 4.77 17.22 -3.85
N ASN A 99 3.79 16.38 -3.56
CA ASN A 99 2.45 16.84 -3.20
C ASN A 99 2.04 16.32 -1.82
N ARG A 100 1.41 17.18 -1.04
CA ARG A 100 0.96 16.80 0.30
C ARG A 100 -0.29 17.57 0.70
N GLY A 101 -1.14 16.95 1.52
CA GLY A 101 -2.35 17.59 1.95
C GLY A 101 -3.59 16.74 1.68
N GLY A 102 -4.76 17.26 2.04
CA GLY A 102 -5.99 16.52 1.82
C GLY A 102 -6.87 17.17 0.78
N GLY A 103 -6.32 17.35 -0.43
CA GLY A 103 -7.08 17.96 -1.50
C GLY A 103 -6.22 18.84 -2.39
N ASN A 104 -6.03 18.42 -3.64
CA ASN A 104 -5.23 19.18 -4.59
C ASN A 104 -6.11 20.11 -5.42
N GLY A 105 -7.34 19.68 -5.67
CA GLY A 105 -8.26 20.48 -6.46
C GLY A 105 -9.07 19.64 -7.42
N ARG A 106 -8.48 18.56 -7.91
CA ARG A 106 -9.16 17.67 -8.85
C ARG A 106 -10.08 16.70 -8.11
N GLY A 107 -11.38 16.86 -8.30
CA GLY A 107 -12.34 15.99 -7.65
C GLY A 107 -12.45 16.26 -6.16
N GLY A 108 -12.45 15.19 -5.37
CA GLY A 108 -12.55 15.34 -3.93
C GLY A 108 -11.19 15.44 -3.25
N GLU A 1 3.68 8.14 -17.57
CA GLU A 1 3.53 7.92 -16.10
C GLU A 1 2.81 6.61 -15.82
N GLN A 2 2.67 6.28 -14.53
CA GLN A 2 2.02 5.05 -14.13
C GLN A 2 0.59 4.99 -14.67
N ASP A 3 0.27 3.89 -15.35
CA ASP A 3 -1.05 3.71 -15.94
C ASP A 3 -1.97 2.95 -14.98
N ASN A 4 -1.99 3.39 -13.72
CA ASN A 4 -2.83 2.76 -12.71
C ASN A 4 -4.31 2.97 -13.03
N SER A 5 -5.03 1.86 -13.18
CA SER A 5 -6.47 1.92 -13.49
C SER A 5 -7.31 1.61 -12.26
N ASP A 6 -7.27 0.35 -11.83
CA ASP A 6 -8.04 -0.08 -10.66
C ASP A 6 -7.26 -1.13 -9.86
N ASN A 7 -5.94 -1.04 -9.93
CA ASN A 7 -5.08 -1.99 -9.21
C ASN A 7 -5.35 -1.92 -7.70
N ASN A 8 -5.85 -3.02 -7.16
CA ASN A 8 -6.16 -3.11 -5.73
C ASN A 8 -4.92 -2.80 -4.89
N THR A 9 -3.74 -2.97 -5.49
CA THR A 9 -2.49 -2.72 -4.80
C THR A 9 -2.27 -1.22 -4.57
N ILE A 10 -2.52 -0.77 -3.35
CA ILE A 10 -2.35 0.64 -3.02
C ILE A 10 -1.07 0.82 -2.20
N PHE A 11 -0.57 2.04 -2.13
CA PHE A 11 0.65 2.30 -1.37
C PHE A 11 0.46 3.39 -0.31
N VAL A 12 0.84 3.05 0.92
CA VAL A 12 0.73 3.95 2.05
C VAL A 12 2.10 4.46 2.47
N GLN A 13 2.32 5.77 2.37
CA GLN A 13 3.60 6.34 2.73
C GLN A 13 3.47 7.22 3.98
N GLY A 14 4.34 6.99 4.96
CA GLY A 14 4.29 7.79 6.18
C GLY A 14 3.90 6.97 7.39
N LEU A 15 4.44 5.76 7.50
CA LEU A 15 4.13 4.89 8.62
C LEU A 15 4.77 5.41 9.90
N GLY A 16 6.06 5.17 10.07
CA GLY A 16 6.75 5.64 11.26
C GLY A 16 7.20 4.52 12.17
N GLU A 17 8.38 3.98 11.91
CA GLU A 17 8.93 2.90 12.72
C GLU A 17 7.88 1.83 13.05
N ASN A 18 6.92 1.66 12.14
CA ASN A 18 5.86 0.69 12.32
C ASN A 18 5.45 0.07 10.98
N VAL A 19 6.40 0.01 10.06
CA VAL A 19 6.14 -0.55 8.74
C VAL A 19 6.07 -2.07 8.79
N THR A 20 4.98 -2.58 9.36
CA THR A 20 4.78 -4.02 9.47
C THR A 20 3.56 -4.47 8.67
N ILE A 21 3.62 -5.67 8.12
CA ILE A 21 2.53 -6.21 7.32
C ILE A 21 1.32 -6.52 8.19
N GLU A 22 1.55 -7.14 9.34
CA GLU A 22 0.47 -7.48 10.25
C GLU A 22 -0.19 -6.23 10.81
N SER A 23 0.63 -5.25 11.17
CA SER A 23 0.13 -3.99 11.72
C SER A 23 -0.67 -3.24 10.67
N VAL A 24 -0.17 -3.23 9.44
CA VAL A 24 -0.84 -2.56 8.35
C VAL A 24 -2.10 -3.32 7.98
N ALA A 25 -1.97 -4.64 7.92
CA ALA A 25 -3.09 -5.51 7.59
C ALA A 25 -4.19 -5.41 8.63
N ASP A 26 -3.81 -5.13 9.88
CA ASP A 26 -4.78 -5.02 10.96
C ASP A 26 -5.58 -3.72 10.88
N TYR A 27 -4.91 -2.63 10.52
CA TYR A 27 -5.57 -1.33 10.43
C TYR A 27 -6.16 -1.09 9.03
N PHE A 28 -5.60 -1.77 8.04
CA PHE A 28 -6.08 -1.63 6.66
C PHE A 28 -7.10 -2.71 6.31
N LYS A 29 -7.69 -3.33 7.33
CA LYS A 29 -8.69 -4.36 7.13
C LYS A 29 -10.08 -3.85 7.44
N GLN A 30 -10.24 -2.52 7.43
CA GLN A 30 -11.52 -1.89 7.71
C GLN A 30 -12.18 -1.44 6.41
N ILE A 31 -11.38 -0.91 5.50
CA ILE A 31 -11.88 -0.44 4.22
C ILE A 31 -12.25 -1.60 3.31
N GLY A 32 -11.49 -2.68 3.41
CA GLY A 32 -11.75 -3.85 2.58
C GLY A 32 -10.99 -5.07 3.05
N ILE A 33 -10.71 -5.98 2.11
CA ILE A 33 -10.00 -7.20 2.42
C ILE A 33 -8.59 -7.20 1.83
N ILE A 34 -7.57 -7.29 2.69
CA ILE A 34 -6.20 -7.32 2.23
C ILE A 34 -5.90 -8.66 1.55
N LYS A 35 -5.32 -8.59 0.36
CA LYS A 35 -5.01 -9.80 -0.40
C LYS A 35 -4.30 -10.84 0.46
N THR A 36 -5.06 -11.73 1.06
CA THR A 36 -4.51 -12.77 1.91
C THR A 36 -3.76 -13.79 1.05
N ASN A 37 -2.60 -14.20 1.54
CA ASN A 37 -1.77 -15.16 0.85
C ASN A 37 -2.36 -16.56 0.93
N LYS A 38 -2.51 -17.22 -0.20
CA LYS A 38 -3.04 -18.58 -0.22
C LYS A 38 -1.93 -19.57 0.12
N LYS A 39 -0.71 -19.06 0.25
CA LYS A 39 0.44 -19.88 0.59
C LYS A 39 0.76 -19.77 2.08
N THR A 40 0.64 -18.55 2.59
CA THR A 40 0.92 -18.28 3.99
C THR A 40 -0.37 -18.06 4.78
N GLY A 41 -1.48 -17.93 4.05
CA GLY A 41 -2.76 -17.72 4.71
C GLY A 41 -2.84 -16.38 5.41
N GLN A 42 -1.87 -15.50 5.14
CA GLN A 42 -1.86 -14.18 5.77
C GLN A 42 -1.83 -13.06 4.73
N PRO A 43 -2.37 -11.88 5.06
CA PRO A 43 -2.40 -10.73 4.15
C PRO A 43 -1.05 -10.48 3.50
N MET A 44 -1.06 -9.77 2.38
CA MET A 44 0.17 -9.46 1.66
C MET A 44 0.38 -7.95 1.55
N ILE A 45 1.48 -7.49 2.12
CA ILE A 45 1.82 -6.07 2.11
C ILE A 45 3.33 -5.90 1.95
N ASN A 46 3.74 -4.86 1.24
CA ASN A 46 5.17 -4.61 1.02
C ASN A 46 5.67 -3.48 1.91
N LEU A 47 6.93 -3.57 2.31
CA LEU A 47 7.54 -2.56 3.17
C LEU A 47 8.87 -2.10 2.60
N TYR A 48 9.04 -0.79 2.52
CA TYR A 48 10.27 -0.21 2.00
C TYR A 48 11.19 0.25 3.13
N THR A 49 12.34 -0.40 3.27
CA THR A 49 13.29 -0.07 4.31
C THR A 49 14.51 0.64 3.72
N ASP A 50 15.21 1.39 4.57
CA ASP A 50 16.40 2.12 4.13
C ASP A 50 17.47 1.16 3.62
N ARG A 51 17.98 1.43 2.43
CA ARG A 51 19.02 0.57 1.84
C ARG A 51 20.41 1.14 2.09
N GLU A 52 20.53 2.01 3.10
CA GLU A 52 21.81 2.61 3.44
C GLU A 52 22.17 2.34 4.90
N THR A 53 21.17 2.45 5.77
CA THR A 53 21.37 2.22 7.20
C THR A 53 20.67 0.95 7.65
N GLY A 54 19.58 0.61 6.97
CA GLY A 54 18.84 -0.59 7.33
C GLY A 54 17.48 -0.28 7.94
N LYS A 55 17.37 0.90 8.54
CA LYS A 55 16.13 1.32 9.17
C LYS A 55 14.97 1.27 8.17
N LEU A 56 13.81 1.77 8.60
CA LEU A 56 12.62 1.80 7.75
C LEU A 56 12.42 3.18 7.14
N LYS A 57 12.17 3.22 5.84
CA LYS A 57 11.94 4.48 5.14
C LYS A 57 10.63 5.13 5.57
N GLY A 58 9.72 4.32 6.11
CA GLY A 58 8.44 4.82 6.56
C GLY A 58 7.41 4.84 5.45
N GLU A 59 7.55 3.92 4.49
CA GLU A 59 6.63 3.83 3.37
C GLU A 59 6.39 2.37 2.98
N ALA A 60 5.13 1.99 2.80
CA ALA A 60 4.81 0.61 2.42
C ALA A 60 3.62 0.54 1.48
N THR A 61 3.43 -0.63 0.88
CA THR A 61 2.31 -0.85 -0.04
C THR A 61 1.43 -1.98 0.47
N VAL A 62 0.13 -1.89 0.23
CA VAL A 62 -0.80 -2.91 0.68
C VAL A 62 -1.65 -3.44 -0.47
N SER A 63 -1.78 -4.76 -0.54
CA SER A 63 -2.55 -5.39 -1.60
C SER A 63 -3.96 -5.74 -1.11
N PHE A 64 -4.97 -5.35 -1.89
CA PHE A 64 -6.36 -5.62 -1.54
C PHE A 64 -6.95 -6.71 -2.44
N ASP A 65 -7.87 -7.51 -1.88
CA ASP A 65 -8.50 -8.58 -2.62
C ASP A 65 -9.60 -8.06 -3.55
N ASP A 66 -9.95 -6.79 -3.40
CA ASP A 66 -10.99 -6.18 -4.21
C ASP A 66 -10.52 -4.83 -4.77
N PRO A 67 -10.41 -4.72 -6.11
CA PRO A 67 -9.99 -3.48 -6.76
C PRO A 67 -10.68 -2.24 -6.20
N PRO A 68 -12.02 -2.25 -6.07
CA PRO A 68 -12.76 -1.12 -5.53
C PRO A 68 -12.25 -0.72 -4.15
N SER A 69 -11.75 -1.71 -3.42
CA SER A 69 -11.22 -1.49 -2.08
C SER A 69 -10.07 -0.49 -2.13
N ALA A 70 -9.20 -0.63 -3.11
CA ALA A 70 -8.06 0.28 -3.27
C ALA A 70 -8.55 1.72 -3.36
N LYS A 71 -9.50 1.94 -4.24
CA LYS A 71 -10.07 3.28 -4.42
C LYS A 71 -10.73 3.73 -3.13
N ALA A 72 -11.64 2.90 -2.62
CA ALA A 72 -12.34 3.20 -1.38
C ALA A 72 -11.34 3.52 -0.26
N ALA A 73 -10.17 2.89 -0.31
CA ALA A 73 -9.14 3.12 0.68
C ALA A 73 -8.60 4.53 0.51
N ILE A 74 -8.30 4.87 -0.73
CA ILE A 74 -7.79 6.18 -1.05
C ILE A 74 -8.82 7.24 -0.65
N ASP A 75 -10.07 6.90 -0.82
CA ASP A 75 -11.17 7.81 -0.46
C ASP A 75 -11.24 7.95 1.05
N TRP A 76 -10.77 6.92 1.76
CA TRP A 76 -10.79 6.88 3.21
C TRP A 76 -9.57 7.58 3.81
N PHE A 77 -8.41 6.96 3.60
CA PHE A 77 -7.16 7.46 4.16
C PHE A 77 -6.62 8.67 3.41
N ASP A 78 -5.95 8.40 2.28
CA ASP A 78 -5.36 9.46 1.45
C ASP A 78 -5.00 10.70 2.27
N GLY A 79 -4.38 10.49 3.43
CA GLY A 79 -4.01 11.60 4.28
C GLY A 79 -4.61 11.53 5.67
N LYS A 80 -4.70 10.32 6.22
CA LYS A 80 -5.26 10.12 7.55
C LYS A 80 -4.14 10.06 8.58
N GLU A 81 -4.39 9.41 9.72
CA GLU A 81 -3.39 9.32 10.77
C GLU A 81 -2.92 7.87 10.96
N PHE A 82 -1.60 7.70 10.93
CA PHE A 82 -1.00 6.39 11.10
C PHE A 82 -0.02 6.42 12.27
N SER A 83 -0.45 5.89 13.40
CA SER A 83 0.38 5.88 14.60
C SER A 83 0.74 7.30 15.02
N GLY A 84 -0.14 8.24 14.67
CA GLY A 84 0.08 9.63 15.03
C GLY A 84 0.85 10.39 13.96
N ASN A 85 0.90 9.86 12.75
CA ASN A 85 1.61 10.51 11.65
C ASN A 85 0.73 10.62 10.41
N PRO A 86 1.12 11.47 9.44
CA PRO A 86 0.39 11.66 8.21
C PRO A 86 0.84 10.69 7.12
N ILE A 87 -0.12 10.05 6.45
CA ILE A 87 0.20 9.09 5.39
C ILE A 87 -0.40 9.49 4.06
N LYS A 88 -0.06 8.74 3.02
CA LYS A 88 -0.57 9.00 1.67
C LYS A 88 -0.93 7.69 0.97
N VAL A 89 -2.21 7.37 0.94
CA VAL A 89 -2.69 6.15 0.30
C VAL A 89 -3.20 6.42 -1.11
N SER A 90 -2.51 5.85 -2.10
CA SER A 90 -2.90 6.03 -3.50
C SER A 90 -2.76 4.73 -4.29
N PHE A 91 -2.78 4.84 -5.62
CA PHE A 91 -2.64 3.69 -6.50
C PHE A 91 -1.19 3.28 -6.65
N ALA A 92 -0.87 2.07 -6.20
CA ALA A 92 0.50 1.55 -6.29
C ALA A 92 0.72 0.75 -7.58
N THR A 93 1.94 0.80 -8.09
CA THR A 93 2.28 0.06 -9.30
C THR A 93 3.14 -1.15 -8.98
N ARG A 94 2.66 -2.33 -9.33
CA ARG A 94 3.39 -3.56 -9.08
C ARG A 94 3.54 -4.38 -10.36
N ARG A 95 3.69 -3.68 -11.49
CA ARG A 95 3.85 -4.34 -12.78
C ARG A 95 2.63 -5.22 -13.09
N ALA A 96 2.67 -6.47 -12.66
CA ALA A 96 1.57 -7.41 -12.90
C ALA A 96 1.05 -7.31 -14.32
N ASP A 97 1.62 -8.12 -15.21
CA ASP A 97 1.20 -8.13 -16.61
C ASP A 97 0.73 -9.51 -17.04
N PHE A 98 -0.58 -9.73 -16.96
CA PHE A 98 -1.15 -11.01 -17.34
C PHE A 98 -2.51 -10.82 -18.04
N ASN A 99 -3.58 -10.76 -17.25
CA ASN A 99 -4.92 -10.57 -17.80
C ASN A 99 -5.96 -10.60 -16.69
N ARG A 100 -5.63 -9.99 -15.56
CA ARG A 100 -6.54 -9.94 -14.42
C ARG A 100 -7.20 -8.57 -14.30
N GLY A 101 -8.03 -8.40 -13.28
CA GLY A 101 -8.71 -7.13 -13.07
C GLY A 101 -10.03 -7.30 -12.33
N GLY A 102 -10.80 -8.31 -12.71
CA GLY A 102 -12.07 -8.55 -12.07
C GLY A 102 -13.23 -8.52 -13.06
N GLY A 103 -13.85 -7.35 -13.21
CA GLY A 103 -14.96 -7.22 -14.12
C GLY A 103 -16.26 -6.92 -13.41
N ASN A 104 -16.17 -6.26 -12.27
CA ASN A 104 -17.35 -5.91 -11.48
C ASN A 104 -17.60 -4.39 -11.50
N GLY A 105 -17.22 -3.76 -12.61
CA GLY A 105 -17.41 -2.33 -12.73
C GLY A 105 -18.84 -1.96 -13.07
N ARG A 106 -19.70 -1.94 -12.06
CA ARG A 106 -21.11 -1.60 -12.26
C ARG A 106 -21.52 -0.44 -11.35
N GLY A 107 -22.10 0.59 -11.94
CA GLY A 107 -22.53 1.74 -11.16
C GLY A 107 -23.98 1.63 -10.72
N GLY A 108 -24.88 2.21 -11.51
CA GLY A 108 -26.29 2.17 -11.17
C GLY A 108 -27.05 3.39 -11.65
N GLU A 1 -15.58 3.98 -17.86
CA GLU A 1 -15.75 4.12 -16.38
C GLU A 1 -14.95 3.04 -15.65
N GLN A 2 -15.01 3.07 -14.32
CA GLN A 2 -14.31 2.12 -13.45
C GLN A 2 -12.99 1.67 -14.07
N ASP A 3 -11.91 2.37 -13.72
CA ASP A 3 -10.58 2.04 -14.24
C ASP A 3 -9.84 1.13 -13.28
N ASN A 4 -10.52 0.14 -12.74
CA ASN A 4 -9.92 -0.80 -11.81
C ASN A 4 -9.48 -2.08 -12.54
N SER A 5 -8.54 -1.93 -13.47
CA SER A 5 -8.05 -3.07 -14.23
C SER A 5 -6.85 -3.70 -13.55
N ASP A 6 -5.96 -2.86 -13.02
CA ASP A 6 -4.77 -3.34 -12.33
C ASP A 6 -4.66 -2.72 -10.94
N ASN A 7 -5.78 -2.19 -10.44
CA ASN A 7 -5.81 -1.58 -9.12
C ASN A 7 -6.13 -2.62 -8.05
N ASN A 8 -5.42 -2.54 -6.93
CA ASN A 8 -5.62 -3.46 -5.82
C ASN A 8 -4.49 -3.30 -4.80
N THR A 9 -3.30 -2.97 -5.30
CA THR A 9 -2.14 -2.78 -4.44
C THR A 9 -1.83 -1.30 -4.29
N ILE A 10 -2.34 -0.70 -3.21
CA ILE A 10 -2.12 0.72 -2.96
C ILE A 10 -0.82 0.96 -2.22
N PHE A 11 -0.39 2.21 -2.15
CA PHE A 11 0.84 2.56 -1.47
C PHE A 11 0.58 3.55 -0.34
N VAL A 12 1.02 3.18 0.86
CA VAL A 12 0.87 4.03 2.04
C VAL A 12 2.23 4.56 2.47
N GLN A 13 2.42 5.88 2.37
CA GLN A 13 3.69 6.49 2.74
C GLN A 13 3.51 7.44 3.92
N GLY A 14 4.37 7.30 4.94
CA GLY A 14 4.28 8.16 6.10
C GLY A 14 4.23 7.38 7.40
N LEU A 15 4.68 6.14 7.35
CA LEU A 15 4.68 5.29 8.53
C LEU A 15 5.67 5.85 9.57
N GLY A 16 6.84 5.20 9.68
CA GLY A 16 7.85 5.66 10.61
C GLY A 16 8.24 4.61 11.63
N GLU A 17 7.36 4.37 12.60
CA GLU A 17 7.61 3.40 13.64
C GLU A 17 6.49 2.36 13.68
N ASN A 18 5.96 2.04 12.51
CA ASN A 18 4.88 1.07 12.40
C ASN A 18 5.01 0.28 11.11
N VAL A 19 6.23 0.08 10.64
CA VAL A 19 6.48 -0.65 9.42
C VAL A 19 6.30 -2.15 9.62
N THR A 20 5.05 -2.61 9.57
CA THR A 20 4.75 -4.03 9.73
C THR A 20 3.55 -4.43 8.89
N ILE A 21 3.57 -5.66 8.38
CA ILE A 21 2.48 -6.16 7.55
C ILE A 21 1.24 -6.43 8.38
N GLU A 22 1.42 -7.02 9.55
CA GLU A 22 0.30 -7.32 10.44
C GLU A 22 -0.33 -6.04 10.96
N SER A 23 0.51 -5.06 11.29
CA SER A 23 0.03 -3.79 11.79
C SER A 23 -0.80 -3.07 10.73
N VAL A 24 -0.34 -3.14 9.49
CA VAL A 24 -1.05 -2.51 8.39
C VAL A 24 -2.28 -3.31 8.04
N ALA A 25 -2.13 -4.62 8.04
CA ALA A 25 -3.23 -5.53 7.74
C ALA A 25 -4.28 -5.48 8.84
N ASP A 26 -3.85 -5.21 10.06
CA ASP A 26 -4.75 -5.14 11.20
C ASP A 26 -5.60 -3.87 11.18
N TYR A 27 -4.99 -2.75 10.80
CA TYR A 27 -5.70 -1.48 10.75
C TYR A 27 -6.30 -1.21 9.37
N PHE A 28 -5.73 -1.82 8.34
CA PHE A 28 -6.21 -1.64 6.97
C PHE A 28 -7.15 -2.77 6.57
N LYS A 29 -7.90 -3.30 7.52
CA LYS A 29 -8.84 -4.38 7.25
C LYS A 29 -10.28 -3.94 7.52
N GLN A 30 -10.50 -2.63 7.60
CA GLN A 30 -11.83 -2.08 7.85
C GLN A 30 -12.47 -1.63 6.54
N ILE A 31 -11.68 -0.98 5.69
CA ILE A 31 -12.17 -0.50 4.40
C ILE A 31 -12.42 -1.66 3.45
N GLY A 32 -11.61 -2.71 3.57
CA GLY A 32 -11.77 -3.86 2.70
C GLY A 32 -10.87 -5.02 3.10
N ILE A 33 -10.69 -5.97 2.19
CA ILE A 33 -9.86 -7.14 2.46
C ILE A 33 -8.48 -7.00 1.83
N ILE A 34 -7.46 -7.46 2.53
CA ILE A 34 -6.09 -7.40 2.03
C ILE A 34 -5.66 -8.75 1.46
N LYS A 35 -5.22 -8.76 0.22
CA LYS A 35 -4.81 -9.98 -0.47
C LYS A 35 -3.85 -10.82 0.38
N THR A 36 -4.35 -11.94 0.89
CA THR A 36 -3.54 -12.85 1.69
C THR A 36 -2.57 -13.61 0.81
N ASN A 37 -1.44 -14.03 1.37
CA ASN A 37 -0.44 -14.76 0.61
C ASN A 37 -0.46 -16.24 0.96
N LYS A 38 -0.34 -17.09 -0.05
CA LYS A 38 -0.37 -18.55 0.14
C LYS A 38 0.92 -19.10 0.73
N LYS A 39 1.90 -18.24 0.95
CA LYS A 39 3.17 -18.66 1.53
C LYS A 39 3.19 -18.43 3.04
N THR A 40 2.41 -17.46 3.47
CA THR A 40 2.31 -17.11 4.88
C THR A 40 0.89 -17.24 5.38
N GLY A 41 -0.06 -17.21 4.44
CA GLY A 41 -1.47 -17.32 4.79
C GLY A 41 -2.00 -16.03 5.37
N GLN A 42 -1.24 -14.94 5.22
CA GLN A 42 -1.65 -13.65 5.74
C GLN A 42 -1.64 -12.59 4.64
N PRO A 43 -2.31 -11.45 4.89
CA PRO A 43 -2.36 -10.34 3.93
C PRO A 43 -1.00 -10.04 3.32
N MET A 44 -1.01 -9.44 2.12
CA MET A 44 0.22 -9.11 1.42
C MET A 44 0.47 -7.61 1.39
N ILE A 45 1.59 -7.21 1.96
CA ILE A 45 1.98 -5.80 2.01
C ILE A 45 3.49 -5.67 1.84
N ASN A 46 3.93 -4.61 1.18
CA ASN A 46 5.36 -4.39 0.95
C ASN A 46 5.80 -3.08 1.58
N LEU A 47 6.70 -3.19 2.56
CA LEU A 47 7.22 -2.02 3.26
C LEU A 47 8.71 -1.80 2.95
N TYR A 48 9.05 -0.58 2.57
CA TYR A 48 10.44 -0.25 2.24
C TYR A 48 11.05 0.64 3.31
N THR A 49 11.69 0.02 4.31
CA THR A 49 12.32 0.77 5.39
C THR A 49 13.57 0.06 5.89
N ASP A 50 14.39 0.78 6.66
CA ASP A 50 15.62 0.23 7.20
C ASP A 50 15.35 -0.94 8.13
N ARG A 51 16.27 -1.89 8.16
CA ARG A 51 16.15 -3.05 9.03
C ARG A 51 17.08 -2.94 10.23
N GLU A 52 18.11 -2.09 10.10
CA GLU A 52 19.07 -1.89 11.17
C GLU A 52 20.17 -0.91 10.75
N THR A 53 19.81 0.04 9.87
CA THR A 53 20.77 1.04 9.41
C THR A 53 20.33 2.44 9.83
N GLY A 54 19.03 2.68 9.83
CA GLY A 54 18.51 3.98 10.24
C GLY A 54 17.98 4.79 9.08
N LYS A 55 17.85 4.19 7.91
CA LYS A 55 17.34 4.89 6.73
C LYS A 55 15.86 5.20 6.89
N LEU A 56 15.04 4.16 6.83
CA LEU A 56 13.60 4.32 6.97
C LEU A 56 13.03 5.25 5.90
N LYS A 57 12.27 4.68 4.98
CA LYS A 57 11.66 5.45 3.90
C LYS A 57 10.21 5.79 4.22
N GLY A 58 9.65 5.08 5.21
CA GLY A 58 8.27 5.33 5.59
C GLY A 58 7.30 5.15 4.44
N GLU A 59 7.45 4.05 3.72
CA GLU A 59 6.58 3.77 2.58
C GLU A 59 6.23 2.28 2.51
N ALA A 60 4.94 1.99 2.35
CA ALA A 60 4.48 0.60 2.26
C ALA A 60 3.41 0.44 1.19
N THR A 61 3.08 -0.81 0.88
CA THR A 61 2.07 -1.12 -0.11
C THR A 61 1.04 -2.08 0.44
N VAL A 62 -0.23 -1.70 0.35
CA VAL A 62 -1.31 -2.52 0.86
C VAL A 62 -2.10 -3.18 -0.27
N SER A 63 -2.06 -4.51 -0.32
CA SER A 63 -2.77 -5.26 -1.35
C SER A 63 -4.25 -5.39 -0.99
N PHE A 64 -5.09 -5.53 -2.01
CA PHE A 64 -6.53 -5.66 -1.79
C PHE A 64 -7.12 -6.76 -2.68
N ASP A 65 -8.03 -7.55 -2.11
CA ASP A 65 -8.67 -8.63 -2.85
C ASP A 65 -9.60 -8.09 -3.93
N ASP A 66 -10.11 -6.88 -3.72
CA ASP A 66 -11.01 -6.25 -4.68
C ASP A 66 -10.47 -4.89 -5.11
N PRO A 67 -10.13 -4.74 -6.41
CA PRO A 67 -9.61 -3.48 -6.95
C PRO A 67 -10.35 -2.25 -6.43
N PRO A 68 -11.70 -2.23 -6.51
CA PRO A 68 -12.48 -1.10 -6.02
C PRO A 68 -12.14 -0.77 -4.57
N SER A 69 -11.76 -1.80 -3.84
CA SER A 69 -11.39 -1.66 -2.43
C SER A 69 -10.25 -0.67 -2.26
N ALA A 70 -9.22 -0.79 -3.09
CA ALA A 70 -8.07 0.11 -3.02
C ALA A 70 -8.52 1.56 -3.11
N LYS A 71 -9.49 1.80 -3.98
CA LYS A 71 -10.03 3.15 -4.14
C LYS A 71 -10.71 3.59 -2.86
N ALA A 72 -11.72 2.82 -2.44
CA ALA A 72 -12.46 3.12 -1.23
C ALA A 72 -11.51 3.44 -0.09
N ALA A 73 -10.32 2.83 -0.12
CA ALA A 73 -9.32 3.08 0.90
C ALA A 73 -8.80 4.49 0.76
N ILE A 74 -8.43 4.83 -0.47
CA ILE A 74 -7.92 6.15 -0.77
C ILE A 74 -8.97 7.19 -0.43
N ASP A 75 -10.22 6.84 -0.70
CA ASP A 75 -11.34 7.72 -0.43
C ASP A 75 -11.42 8.07 1.05
N TRP A 76 -10.91 7.18 1.89
CA TRP A 76 -10.95 7.38 3.33
C TRP A 76 -9.63 7.93 3.89
N PHE A 77 -8.59 7.12 3.86
CA PHE A 77 -7.30 7.51 4.41
C PHE A 77 -6.70 8.69 3.67
N ASP A 78 -6.16 8.42 2.49
CA ASP A 78 -5.53 9.45 1.64
C ASP A 78 -5.13 10.69 2.45
N GLY A 79 -4.33 10.48 3.49
CA GLY A 79 -3.90 11.58 4.34
C GLY A 79 -4.31 11.41 5.79
N LYS A 80 -4.67 10.18 6.16
CA LYS A 80 -5.09 9.87 7.51
C LYS A 80 -3.90 9.81 8.47
N GLU A 81 -4.11 9.18 9.63
CA GLU A 81 -3.05 9.07 10.63
C GLU A 81 -2.60 7.63 10.81
N PHE A 82 -1.35 7.47 11.23
CA PHE A 82 -0.76 6.16 11.45
C PHE A 82 0.15 6.20 12.68
N SER A 83 -0.36 5.71 13.79
CA SER A 83 0.42 5.72 15.04
C SER A 83 0.99 7.12 15.31
N GLY A 84 0.30 8.14 14.80
CA GLY A 84 0.75 9.51 14.99
C GLY A 84 1.45 10.07 13.77
N ASN A 85 1.27 9.45 12.60
CA ASN A 85 1.91 9.92 11.38
C ASN A 85 0.91 10.06 10.25
N PRO A 86 1.18 10.97 9.29
CA PRO A 86 0.31 11.19 8.14
C PRO A 86 0.64 10.23 7.00
N ILE A 87 -0.38 9.61 6.41
CA ILE A 87 -0.14 8.66 5.33
C ILE A 87 -0.80 9.10 4.02
N LYS A 88 -0.19 8.69 2.91
CA LYS A 88 -0.71 9.03 1.59
C LYS A 88 -1.01 7.76 0.81
N VAL A 89 -2.29 7.42 0.70
CA VAL A 89 -2.71 6.23 -0.02
C VAL A 89 -2.83 6.52 -1.51
N SER A 90 -2.23 5.67 -2.33
CA SER A 90 -2.26 5.86 -3.78
C SER A 90 -3.30 4.96 -4.44
N PHE A 91 -3.32 4.97 -5.77
CA PHE A 91 -4.25 4.17 -6.54
C PHE A 91 -3.54 3.00 -7.22
N ALA A 92 -2.54 2.44 -6.54
CA ALA A 92 -1.79 1.32 -7.07
C ALA A 92 -1.18 1.66 -8.43
N THR A 93 -0.76 2.91 -8.58
CA THR A 93 -0.16 3.36 -9.83
C THR A 93 0.95 4.38 -9.57
N ARG A 94 1.72 4.70 -10.60
CA ARG A 94 2.81 5.65 -10.49
C ARG A 94 2.31 7.09 -10.54
N ARG A 95 1.00 7.26 -10.65
CA ARG A 95 0.41 8.60 -10.71
C ARG A 95 0.92 9.37 -11.92
N ALA A 96 0.42 9.01 -13.10
CA ALA A 96 0.84 9.67 -14.33
C ALA A 96 0.52 11.16 -14.28
N ASP A 97 0.69 11.85 -15.43
CA ASP A 97 0.43 13.28 -15.52
C ASP A 97 1.58 14.10 -14.93
N PHE A 98 2.01 13.75 -13.72
CA PHE A 98 3.10 14.46 -13.06
C PHE A 98 2.61 15.76 -12.44
N ASN A 99 1.35 15.77 -12.02
CA ASN A 99 0.75 16.96 -11.40
C ASN A 99 0.87 18.16 -12.33
N ARG A 100 0.34 19.30 -11.88
CA ARG A 100 0.39 20.53 -12.67
C ARG A 100 -0.32 21.66 -11.93
N GLY A 101 0.43 22.35 -11.07
CA GLY A 101 -0.15 23.45 -10.31
C GLY A 101 0.59 23.70 -9.01
N GLY A 102 0.26 22.92 -7.99
CA GLY A 102 0.90 23.07 -6.70
C GLY A 102 1.45 21.76 -6.16
N GLY A 103 1.98 21.79 -4.94
CA GLY A 103 2.53 20.59 -4.35
C GLY A 103 3.48 20.90 -3.20
N ASN A 104 3.97 19.85 -2.55
CA ASN A 104 4.90 20.02 -1.43
C ASN A 104 4.21 20.73 -0.26
N GLY A 105 4.46 20.24 0.95
CA GLY A 105 3.86 20.85 2.12
C GLY A 105 4.38 22.26 2.38
N ARG A 106 3.54 23.25 2.09
CA ARG A 106 3.91 24.64 2.30
C ARG A 106 2.81 25.40 3.03
N GLY A 107 3.19 26.46 3.74
CA GLY A 107 2.22 27.25 4.47
C GLY A 107 2.88 28.15 5.51
N GLY A 108 2.59 27.89 6.78
CA GLY A 108 3.16 28.69 7.85
C GLY A 108 3.24 27.93 9.16
N GLU A 1 -7.78 -4.74 -23.33
CA GLU A 1 -6.38 -5.04 -22.91
C GLU A 1 -5.92 -4.09 -21.80
N GLN A 2 -4.74 -4.35 -21.27
CA GLN A 2 -4.16 -3.53 -20.20
C GLN A 2 -5.21 -3.19 -19.14
N ASP A 3 -5.54 -4.18 -18.31
CA ASP A 3 -6.53 -3.99 -17.25
C ASP A 3 -5.84 -3.78 -15.90
N ASN A 4 -4.71 -3.09 -15.91
CA ASN A 4 -3.96 -2.83 -14.70
C ASN A 4 -4.22 -1.42 -14.19
N SER A 5 -5.44 -0.93 -14.41
CA SER A 5 -5.82 0.42 -13.98
C SER A 5 -6.52 0.38 -12.62
N ASP A 6 -7.10 -0.77 -12.29
CA ASP A 6 -7.80 -0.93 -11.03
C ASP A 6 -6.94 -1.67 -10.01
N ASN A 7 -5.62 -1.49 -10.12
CA ASN A 7 -4.68 -2.16 -9.22
C ASN A 7 -5.15 -2.08 -7.76
N ASN A 8 -5.53 -3.22 -7.21
CA ASN A 8 -6.01 -3.28 -5.83
C ASN A 8 -4.93 -2.81 -4.86
N THR A 9 -3.68 -2.91 -5.29
CA THR A 9 -2.56 -2.50 -4.45
C THR A 9 -2.53 -0.98 -4.28
N ILE A 10 -2.22 -0.53 -3.06
CA ILE A 10 -2.16 0.90 -2.78
C ILE A 10 -0.79 1.29 -2.24
N PHE A 11 -0.50 2.59 -2.24
CA PHE A 11 0.77 3.10 -1.75
C PHE A 11 0.57 3.92 -0.47
N VAL A 12 1.02 3.37 0.65
CA VAL A 12 0.91 4.05 1.94
C VAL A 12 2.24 4.68 2.35
N GLN A 13 2.27 6.01 2.41
CA GLN A 13 3.47 6.73 2.80
C GLN A 13 3.27 7.44 4.14
N GLY A 14 4.21 7.25 5.06
CA GLY A 14 4.12 7.89 6.36
C GLY A 14 3.72 6.93 7.46
N LEU A 15 4.39 5.79 7.52
CA LEU A 15 4.11 4.79 8.54
C LEU A 15 4.53 5.28 9.92
N GLY A 16 5.84 5.38 10.14
CA GLY A 16 6.33 5.87 11.42
C GLY A 16 6.85 4.77 12.33
N GLU A 17 8.05 4.28 12.05
CA GLU A 17 8.69 3.22 12.85
C GLU A 17 7.69 2.13 13.24
N ASN A 18 6.71 1.90 12.37
CA ASN A 18 5.70 0.87 12.62
C ASN A 18 5.41 0.08 11.34
N VAL A 19 6.41 -0.01 10.48
CA VAL A 19 6.28 -0.72 9.22
C VAL A 19 6.15 -2.22 9.42
N THR A 20 4.92 -2.68 9.64
CA THR A 20 4.65 -4.11 9.84
C THR A 20 3.45 -4.54 9.00
N ILE A 21 3.48 -5.77 8.53
CA ILE A 21 2.40 -6.30 7.71
C ILE A 21 1.15 -6.53 8.54
N GLU A 22 1.32 -7.11 9.72
CA GLU A 22 0.19 -7.38 10.61
C GLU A 22 -0.42 -6.08 11.12
N SER A 23 0.45 -5.14 11.50
CA SER A 23 -0.01 -3.85 11.99
C SER A 23 -0.72 -3.07 10.90
N VAL A 24 -0.17 -3.11 9.70
CA VAL A 24 -0.77 -2.43 8.57
C VAL A 24 -2.03 -3.15 8.14
N ALA A 25 -1.95 -4.46 8.13
CA ALA A 25 -3.07 -5.31 7.76
C ALA A 25 -4.17 -5.24 8.81
N ASP A 26 -3.77 -5.01 10.06
CA ASP A 26 -4.72 -4.95 11.17
C ASP A 26 -5.52 -3.65 11.15
N TYR A 27 -4.88 -2.56 10.75
CA TYR A 27 -5.54 -1.26 10.72
C TYR A 27 -6.25 -1.03 9.38
N PHE A 28 -5.80 -1.73 8.34
CA PHE A 28 -6.41 -1.59 7.01
C PHE A 28 -7.57 -2.55 6.81
N LYS A 29 -8.03 -3.18 7.89
CA LYS A 29 -9.14 -4.12 7.80
C LYS A 29 -10.47 -3.43 8.10
N GLN A 30 -10.54 -2.15 7.79
CA GLN A 30 -11.76 -1.38 8.00
C GLN A 30 -12.38 -0.97 6.67
N ILE A 31 -11.53 -0.69 5.68
CA ILE A 31 -11.99 -0.30 4.36
C ILE A 31 -12.41 -1.51 3.54
N GLY A 32 -11.72 -2.63 3.75
CA GLY A 32 -12.05 -3.84 3.01
C GLY A 32 -11.15 -5.01 3.37
N ILE A 33 -10.94 -5.90 2.42
CA ILE A 33 -10.10 -7.08 2.63
C ILE A 33 -8.71 -6.89 2.03
N ILE A 34 -7.68 -7.14 2.82
CA ILE A 34 -6.32 -7.02 2.35
C ILE A 34 -5.88 -8.29 1.63
N LYS A 35 -5.41 -8.14 0.40
CA LYS A 35 -4.98 -9.27 -0.42
C LYS A 35 -4.02 -10.20 0.33
N THR A 36 -4.58 -11.21 0.96
CA THR A 36 -3.78 -12.19 1.69
C THR A 36 -3.25 -13.24 0.74
N ASN A 37 -2.34 -14.08 1.22
CA ASN A 37 -1.72 -15.10 0.40
C ASN A 37 -2.24 -16.49 0.71
N LYS A 38 -2.19 -17.36 -0.28
CA LYS A 38 -2.60 -18.74 -0.12
C LYS A 38 -1.48 -19.56 0.50
N LYS A 39 -0.34 -18.91 0.75
CA LYS A 39 0.81 -19.55 1.35
C LYS A 39 0.79 -19.33 2.86
N THR A 40 0.57 -18.08 3.27
CA THR A 40 0.52 -17.75 4.67
C THR A 40 -0.92 -17.53 5.13
N GLY A 41 -1.84 -17.41 4.18
CA GLY A 41 -3.23 -17.18 4.54
C GLY A 41 -3.39 -15.87 5.27
N GLN A 42 -2.41 -14.99 5.12
CA GLN A 42 -2.44 -13.70 5.78
C GLN A 42 -2.29 -12.58 4.75
N PRO A 43 -2.82 -11.38 5.06
CA PRO A 43 -2.73 -10.23 4.15
C PRO A 43 -1.29 -9.99 3.68
N MET A 44 -1.14 -9.46 2.48
CA MET A 44 0.19 -9.21 1.93
C MET A 44 0.44 -7.72 1.64
N ILE A 45 1.55 -7.23 2.16
CA ILE A 45 1.96 -5.85 1.98
C ILE A 45 3.47 -5.78 1.77
N ASN A 46 3.91 -4.85 0.92
CA ASN A 46 5.34 -4.71 0.63
C ASN A 46 5.88 -3.38 1.18
N LEU A 47 6.79 -3.48 2.14
CA LEU A 47 7.37 -2.28 2.74
C LEU A 47 8.87 -2.21 2.47
N TYR A 48 9.40 -0.99 2.46
CA TYR A 48 10.83 -0.78 2.22
C TYR A 48 11.44 0.09 3.31
N THR A 49 12.43 -0.47 4.01
CA THR A 49 13.10 0.26 5.09
C THR A 49 14.55 0.55 4.73
N ASP A 50 14.86 1.83 4.57
CA ASP A 50 16.20 2.26 4.24
C ASP A 50 16.33 3.78 4.30
N ARG A 51 16.88 4.28 5.40
CA ARG A 51 17.08 5.72 5.56
C ARG A 51 18.57 6.01 5.66
N GLU A 52 19.27 5.15 6.40
CA GLU A 52 20.71 5.28 6.58
C GLU A 52 21.36 3.92 6.83
N THR A 53 20.62 2.84 6.59
CA THR A 53 21.13 1.47 6.80
C THR A 53 19.97 0.51 7.06
N GLY A 54 18.92 0.60 6.25
CA GLY A 54 17.77 -0.27 6.41
C GLY A 54 16.74 0.29 7.38
N LYS A 55 16.63 1.61 7.41
CA LYS A 55 15.69 2.29 8.29
C LYS A 55 14.35 2.55 7.60
N LEU A 56 13.27 2.08 8.20
CA LEU A 56 11.93 2.28 7.65
C LEU A 56 11.72 3.73 7.22
N LYS A 57 11.48 3.92 5.93
CA LYS A 57 11.27 5.26 5.40
C LYS A 57 9.79 5.59 5.28
N GLY A 58 9.00 5.00 6.17
CA GLY A 58 7.56 5.23 6.17
C GLY A 58 6.95 5.05 4.79
N GLU A 59 7.19 3.90 4.17
CA GLU A 59 6.66 3.63 2.84
C GLU A 59 6.38 2.14 2.66
N ALA A 60 5.18 1.82 2.17
CA ALA A 60 4.79 0.44 1.93
C ALA A 60 3.66 0.35 0.92
N THR A 61 3.36 -0.87 0.49
CA THR A 61 2.29 -1.12 -0.46
C THR A 61 1.34 -2.17 0.06
N VAL A 62 0.11 -1.77 0.33
CA VAL A 62 -0.90 -2.66 0.85
C VAL A 62 -1.76 -3.23 -0.27
N SER A 63 -1.70 -4.55 -0.44
CA SER A 63 -2.48 -5.22 -1.49
C SER A 63 -3.89 -5.50 -1.00
N PHE A 64 -4.89 -5.16 -1.82
CA PHE A 64 -6.29 -5.38 -1.47
C PHE A 64 -6.86 -6.56 -2.23
N ASP A 65 -7.72 -7.34 -1.55
CA ASP A 65 -8.34 -8.50 -2.18
C ASP A 65 -9.36 -8.10 -3.23
N ASP A 66 -9.81 -6.85 -3.16
CA ASP A 66 -10.79 -6.34 -4.10
C ASP A 66 -10.33 -5.01 -4.70
N PRO A 67 -10.18 -4.94 -6.03
CA PRO A 67 -9.74 -3.72 -6.73
C PRO A 67 -10.49 -2.47 -6.27
N PRO A 68 -11.84 -2.52 -6.22
CA PRO A 68 -12.64 -1.37 -5.79
C PRO A 68 -12.29 -0.97 -4.36
N SER A 69 -11.91 -1.95 -3.56
CA SER A 69 -11.54 -1.71 -2.17
C SER A 69 -10.36 -0.76 -2.10
N ALA A 70 -9.47 -0.84 -3.08
CA ALA A 70 -8.29 0.03 -3.12
C ALA A 70 -8.71 1.49 -3.20
N LYS A 71 -9.52 1.82 -4.22
CA LYS A 71 -10.00 3.18 -4.39
C LYS A 71 -10.77 3.63 -3.17
N ALA A 72 -11.62 2.75 -2.65
CA ALA A 72 -12.41 3.04 -1.48
C ALA A 72 -11.53 3.47 -0.32
N ALA A 73 -10.35 2.87 -0.23
CA ALA A 73 -9.39 3.21 0.82
C ALA A 73 -8.86 4.60 0.58
N ILE A 74 -8.43 4.84 -0.65
CA ILE A 74 -7.90 6.13 -1.02
C ILE A 74 -8.94 7.21 -0.81
N ASP A 75 -10.18 6.86 -1.08
CA ASP A 75 -11.30 7.77 -0.90
C ASP A 75 -11.45 8.18 0.55
N TRP A 76 -10.98 7.31 1.44
CA TRP A 76 -11.07 7.55 2.88
C TRP A 76 -9.75 8.04 3.47
N PHE A 77 -8.75 7.18 3.48
CA PHE A 77 -7.46 7.51 4.06
C PHE A 77 -6.79 8.67 3.34
N ASP A 78 -6.22 8.38 2.18
CA ASP A 78 -5.51 9.39 1.36
C ASP A 78 -5.16 10.64 2.19
N GLY A 79 -4.37 10.43 3.25
CA GLY A 79 -3.98 11.55 4.10
C GLY A 79 -4.37 11.34 5.55
N LYS A 80 -4.58 10.08 5.95
CA LYS A 80 -4.96 9.76 7.30
C LYS A 80 -3.75 9.74 8.22
N GLU A 81 -3.90 9.17 9.41
CA GLU A 81 -2.81 9.11 10.36
C GLU A 81 -2.52 7.68 10.80
N PHE A 82 -1.25 7.29 10.72
CA PHE A 82 -0.83 5.96 11.14
C PHE A 82 -0.44 5.96 12.61
N SER A 83 -1.35 5.48 13.46
CA SER A 83 -1.12 5.42 14.90
C SER A 83 -0.52 6.73 15.43
N GLY A 84 -0.84 7.85 14.77
CA GLY A 84 -0.34 9.13 15.23
C GLY A 84 0.20 10.01 14.10
N ASN A 85 1.03 9.45 13.23
CA ASN A 85 1.60 10.22 12.12
C ASN A 85 0.63 10.27 10.96
N PRO A 86 0.92 11.10 9.95
CA PRO A 86 0.08 11.25 8.76
C PRO A 86 0.57 10.38 7.61
N ILE A 87 -0.36 9.86 6.81
CA ILE A 87 0.03 9.02 5.68
C ILE A 87 -0.58 9.49 4.37
N LYS A 88 -0.29 8.76 3.29
CA LYS A 88 -0.81 9.11 1.97
C LYS A 88 -1.09 7.85 1.16
N VAL A 89 -2.36 7.47 1.11
CA VAL A 89 -2.77 6.28 0.36
C VAL A 89 -3.06 6.62 -1.09
N SER A 90 -2.44 5.88 -2.01
CA SER A 90 -2.63 6.10 -3.43
C SER A 90 -2.72 4.79 -4.19
N PHE A 91 -2.59 4.85 -5.51
CA PHE A 91 -2.67 3.67 -6.35
C PHE A 91 -1.28 3.09 -6.61
N ALA A 92 -1.03 1.90 -6.08
CA ALA A 92 0.26 1.25 -6.25
C ALA A 92 0.46 0.79 -7.69
N THR A 93 1.65 0.26 -7.97
CA THR A 93 1.97 -0.23 -9.30
C THR A 93 2.14 -1.74 -9.29
N ARG A 94 2.71 -2.28 -10.37
CA ARG A 94 2.93 -3.71 -10.49
C ARG A 94 4.16 -4.13 -9.69
N ARG A 95 5.21 -3.32 -9.79
CA ARG A 95 6.46 -3.61 -9.09
C ARG A 95 7.41 -2.43 -9.20
N ALA A 96 8.65 -2.62 -8.73
CA ALA A 96 9.66 -1.57 -8.77
C ALA A 96 9.71 -0.90 -10.14
N ASP A 97 9.24 0.34 -10.21
CA ASP A 97 9.23 1.09 -11.47
C ASP A 97 10.34 2.14 -11.48
N PHE A 98 10.66 2.68 -10.30
CA PHE A 98 11.70 3.69 -10.18
C PHE A 98 13.03 3.18 -10.72
N ASN A 99 13.44 2.01 -10.24
CA ASN A 99 14.69 1.40 -10.67
C ASN A 99 14.47 0.41 -11.80
N ARG A 100 15.53 0.06 -12.51
CA ARG A 100 15.44 -0.89 -13.62
C ARG A 100 15.17 -2.30 -13.10
N GLY A 101 16.20 -2.93 -12.55
CA GLY A 101 16.05 -4.27 -12.03
C GLY A 101 16.58 -5.32 -12.97
N GLY A 102 15.85 -6.43 -13.10
CA GLY A 102 16.28 -7.50 -13.98
C GLY A 102 16.04 -8.88 -13.38
N GLY A 103 14.80 -9.35 -13.46
CA GLY A 103 14.47 -10.65 -12.91
C GLY A 103 12.98 -10.83 -12.70
N ASN A 104 12.30 -9.74 -12.35
CA ASN A 104 10.86 -9.78 -12.11
C ASN A 104 10.11 -10.23 -13.36
N GLY A 105 9.03 -10.96 -13.16
CA GLY A 105 8.25 -11.45 -14.27
C GLY A 105 7.58 -12.78 -13.99
N ARG A 106 6.31 -12.89 -14.34
CA ARG A 106 5.55 -14.12 -14.12
C ARG A 106 5.94 -15.19 -15.14
N GLY A 107 5.86 -16.45 -14.73
CA GLY A 107 6.20 -17.54 -15.63
C GLY A 107 6.85 -18.70 -14.90
N GLY A 108 8.15 -18.89 -15.12
CA GLY A 108 8.86 -19.97 -14.47
C GLY A 108 10.30 -19.64 -14.18
N GLU A 1 -16.63 6.11 -16.27
CA GLU A 1 -16.09 5.83 -14.92
C GLU A 1 -14.56 5.89 -14.92
N GLN A 2 -13.96 5.33 -13.88
CA GLN A 2 -12.50 5.32 -13.77
C GLN A 2 -11.88 4.35 -14.77
N ASP A 3 -10.59 4.10 -14.62
CA ASP A 3 -9.88 3.20 -15.52
C ASP A 3 -8.87 2.34 -14.74
N ASN A 4 -9.34 1.20 -14.24
CA ASN A 4 -8.48 0.29 -13.48
C ASN A 4 -8.85 -1.16 -13.74
N SER A 5 -7.90 -1.93 -14.26
CA SER A 5 -8.12 -3.33 -14.56
C SER A 5 -7.43 -4.22 -13.51
N ASP A 6 -6.26 -3.80 -13.06
CA ASP A 6 -5.50 -4.55 -12.06
C ASP A 6 -5.07 -3.63 -10.92
N ASN A 7 -5.89 -2.62 -10.65
CA ASN A 7 -5.60 -1.67 -9.58
C ASN A 7 -6.15 -2.14 -8.25
N ASN A 8 -5.41 -3.03 -7.59
CA ASN A 8 -5.82 -3.58 -6.30
C ASN A 8 -4.75 -3.33 -5.23
N THR A 9 -3.63 -2.73 -5.63
CA THR A 9 -2.55 -2.45 -4.70
C THR A 9 -2.34 -0.94 -4.54
N ILE A 10 -2.34 -0.48 -3.30
CA ILE A 10 -2.16 0.93 -3.01
C ILE A 10 -0.80 1.18 -2.39
N PHE A 11 -0.42 2.44 -2.32
CA PHE A 11 0.86 2.84 -1.73
C PHE A 11 0.63 3.82 -0.58
N VAL A 12 0.97 3.39 0.63
CA VAL A 12 0.81 4.25 1.80
C VAL A 12 2.16 4.78 2.27
N GLN A 13 2.36 6.08 2.17
CA GLN A 13 3.62 6.70 2.59
C GLN A 13 3.44 7.50 3.88
N GLY A 14 4.32 7.27 4.85
CA GLY A 14 4.23 7.98 6.11
C GLY A 14 4.02 7.07 7.30
N LEU A 15 4.91 6.10 7.46
CA LEU A 15 4.82 5.16 8.56
C LEU A 15 5.61 5.65 9.77
N GLY A 16 6.93 5.50 9.72
CA GLY A 16 7.77 5.95 10.81
C GLY A 16 8.30 4.81 11.67
N GLU A 17 9.30 4.09 11.15
CA GLU A 17 9.90 2.97 11.87
C GLU A 17 8.84 2.07 12.50
N ASN A 18 7.77 1.82 11.76
CA ASN A 18 6.69 0.96 12.25
C ASN A 18 5.95 0.31 11.08
N VAL A 19 6.63 0.19 9.94
CA VAL A 19 6.01 -0.40 8.75
C VAL A 19 5.88 -1.91 8.89
N THR A 20 4.76 -2.35 9.46
CA THR A 20 4.51 -3.78 9.63
C THR A 20 3.30 -4.21 8.82
N ILE A 21 3.33 -5.44 8.33
CA ILE A 21 2.23 -5.98 7.54
C ILE A 21 1.01 -6.26 8.40
N GLU A 22 1.24 -6.86 9.57
CA GLU A 22 0.15 -7.18 10.48
C GLU A 22 -0.50 -5.91 11.01
N SER A 23 0.34 -4.92 11.34
CA SER A 23 -0.16 -3.66 11.87
C SER A 23 -0.98 -2.92 10.82
N VAL A 24 -0.50 -2.92 9.59
CA VAL A 24 -1.20 -2.27 8.50
C VAL A 24 -2.42 -3.09 8.11
N ALA A 25 -2.22 -4.39 8.08
CA ALA A 25 -3.29 -5.32 7.75
C ALA A 25 -4.36 -5.33 8.83
N ASP A 26 -3.95 -5.08 10.06
CA ASP A 26 -4.87 -5.07 11.20
C ASP A 26 -5.77 -3.83 11.18
N TYR A 27 -5.21 -2.69 10.82
CA TYR A 27 -5.97 -1.45 10.79
C TYR A 27 -6.51 -1.11 9.40
N PHE A 28 -5.87 -1.67 8.37
CA PHE A 28 -6.28 -1.39 6.99
C PHE A 28 -7.21 -2.47 6.44
N LYS A 29 -7.57 -3.45 7.26
CA LYS A 29 -8.47 -4.52 6.81
C LYS A 29 -9.91 -4.23 7.22
N GLN A 30 -10.25 -2.95 7.30
CA GLN A 30 -11.60 -2.54 7.66
C GLN A 30 -12.33 -1.98 6.44
N ILE A 31 -11.58 -1.31 5.58
CA ILE A 31 -12.14 -0.72 4.37
C ILE A 31 -12.30 -1.77 3.28
N GLY A 32 -11.31 -2.64 3.14
CA GLY A 32 -11.37 -3.67 2.12
C GLY A 32 -10.70 -4.96 2.56
N ILE A 33 -10.49 -5.87 1.62
CA ILE A 33 -9.86 -7.15 1.89
C ILE A 33 -8.43 -7.19 1.38
N ILE A 34 -7.46 -7.14 2.29
CA ILE A 34 -6.06 -7.19 1.89
C ILE A 34 -5.71 -8.62 1.45
N LYS A 35 -5.10 -8.72 0.27
CA LYS A 35 -4.74 -10.01 -0.32
C LYS A 35 -4.01 -10.95 0.64
N THR A 36 -4.77 -11.80 1.33
CA THR A 36 -4.22 -12.78 2.24
C THR A 36 -3.41 -13.80 1.46
N ASN A 37 -2.25 -14.19 1.99
CA ASN A 37 -1.39 -15.15 1.33
C ASN A 37 -1.72 -16.58 1.73
N LYS A 38 -1.18 -17.52 0.96
CA LYS A 38 -1.40 -18.93 1.21
C LYS A 38 -0.16 -19.54 1.87
N LYS A 39 0.89 -18.73 2.00
CA LYS A 39 2.13 -19.18 2.63
C LYS A 39 2.14 -18.77 4.10
N THR A 40 1.67 -17.55 4.36
CA THR A 40 1.59 -17.04 5.72
C THR A 40 0.15 -17.03 6.21
N GLY A 41 -0.79 -17.10 5.25
CA GLY A 41 -2.19 -17.08 5.60
C GLY A 41 -2.68 -15.69 5.97
N GLN A 42 -1.82 -14.69 5.76
CA GLN A 42 -2.18 -13.32 6.09
C GLN A 42 -1.99 -12.40 4.88
N PRO A 43 -2.68 -11.25 4.86
CA PRO A 43 -2.58 -10.28 3.76
C PRO A 43 -1.14 -10.02 3.34
N MET A 44 -0.96 -9.45 2.16
CA MET A 44 0.37 -9.17 1.63
C MET A 44 0.58 -7.67 1.44
N ILE A 45 1.70 -7.19 1.96
CA ILE A 45 2.07 -5.78 1.85
C ILE A 45 3.58 -5.65 1.67
N ASN A 46 4.00 -4.73 0.81
CA ASN A 46 5.42 -4.52 0.55
C ASN A 46 5.92 -3.25 1.22
N LEU A 47 6.83 -3.41 2.17
CA LEU A 47 7.39 -2.28 2.89
C LEU A 47 8.84 -2.02 2.49
N TYR A 48 9.26 -0.75 2.58
CA TYR A 48 10.62 -0.38 2.23
C TYR A 48 11.53 -0.40 3.45
N THR A 49 12.31 -1.46 3.59
CA THR A 49 13.21 -1.61 4.72
C THR A 49 14.67 -1.41 4.30
N ASP A 50 15.52 -1.09 5.27
CA ASP A 50 16.94 -0.87 4.99
C ASP A 50 17.68 -2.20 4.84
N ARG A 51 18.71 -2.21 4.00
CA ARG A 51 19.49 -3.42 3.77
C ARG A 51 20.77 -3.40 4.60
N GLU A 52 20.81 -2.56 5.63
CA GLU A 52 21.97 -2.46 6.49
C GLU A 52 21.69 -3.06 7.86
N THR A 53 20.48 -2.79 8.37
CA THR A 53 20.07 -3.31 9.67
C THR A 53 18.83 -4.20 9.54
N GLY A 54 18.24 -4.24 8.35
CA GLY A 54 17.07 -5.07 8.13
C GLY A 54 15.85 -4.52 8.85
N LYS A 55 15.77 -3.20 8.97
CA LYS A 55 14.67 -2.54 9.65
C LYS A 55 13.81 -1.77 8.66
N LEU A 56 12.54 -1.58 9.01
CA LEU A 56 11.60 -0.85 8.15
C LEU A 56 11.40 0.56 8.69
N LYS A 57 11.18 1.50 7.78
CA LYS A 57 10.95 2.89 8.17
C LYS A 57 10.80 3.79 6.95
N GLY A 58 9.56 3.95 6.50
CA GLY A 58 9.30 4.81 5.35
C GLY A 58 7.89 4.69 4.84
N GLU A 59 7.60 3.61 4.13
CA GLU A 59 6.26 3.39 3.57
C GLU A 59 6.03 1.93 3.24
N ALA A 60 4.83 1.62 2.76
CA ALA A 60 4.48 0.25 2.39
C ALA A 60 3.37 0.23 1.34
N THR A 61 3.22 -0.91 0.68
CA THR A 61 2.21 -1.08 -0.35
C THR A 61 1.22 -2.15 0.06
N VAL A 62 -0.03 -1.74 0.22
CA VAL A 62 -1.09 -2.65 0.65
C VAL A 62 -1.81 -3.26 -0.55
N SER A 63 -1.83 -4.59 -0.62
CA SER A 63 -2.48 -5.30 -1.71
C SER A 63 -3.85 -5.83 -1.29
N PHE A 64 -4.88 -5.58 -2.10
CA PHE A 64 -6.23 -6.03 -1.80
C PHE A 64 -6.72 -7.06 -2.82
N ASP A 65 -7.70 -7.85 -2.43
CA ASP A 65 -8.27 -8.86 -3.31
C ASP A 65 -9.41 -8.30 -4.15
N ASP A 66 -9.62 -6.99 -4.06
CA ASP A 66 -10.69 -6.32 -4.81
C ASP A 66 -10.23 -4.95 -5.31
N PRO A 67 -10.26 -4.72 -6.63
CA PRO A 67 -9.84 -3.45 -7.22
C PRO A 67 -10.54 -2.23 -6.60
N PRO A 68 -11.87 -2.27 -6.44
CA PRO A 68 -12.61 -1.15 -5.85
C PRO A 68 -12.15 -0.89 -4.43
N SER A 69 -11.70 -1.94 -3.76
CA SER A 69 -11.22 -1.84 -2.40
C SER A 69 -10.06 -0.85 -2.30
N ALA A 70 -9.16 -0.88 -3.28
CA ALA A 70 -8.02 0.03 -3.27
C ALA A 70 -8.49 1.48 -3.28
N LYS A 71 -9.38 1.80 -4.21
CA LYS A 71 -9.93 3.15 -4.30
C LYS A 71 -10.69 3.49 -3.03
N ALA A 72 -11.59 2.60 -2.63
CA ALA A 72 -12.38 2.80 -1.43
C ALA A 72 -11.50 3.13 -0.24
N ALA A 73 -10.30 2.54 -0.21
CA ALA A 73 -9.36 2.79 0.87
C ALA A 73 -8.85 4.22 0.78
N ILE A 74 -8.47 4.60 -0.44
CA ILE A 74 -7.97 5.94 -0.69
C ILE A 74 -9.01 6.97 -0.29
N ASP A 75 -10.27 6.62 -0.50
CA ASP A 75 -11.38 7.50 -0.16
C ASP A 75 -11.43 7.77 1.34
N TRP A 76 -10.92 6.81 2.11
CA TRP A 76 -10.93 6.90 3.57
C TRP A 76 -9.71 7.65 4.11
N PHE A 77 -8.54 7.03 3.97
CA PHE A 77 -7.29 7.58 4.49
C PHE A 77 -6.73 8.69 3.62
N ASP A 78 -6.08 8.31 2.52
CA ASP A 78 -5.47 9.29 1.60
C ASP A 78 -5.05 10.57 2.32
N GLY A 79 -4.41 10.41 3.47
CA GLY A 79 -3.97 11.56 4.24
C GLY A 79 -4.42 11.48 5.69
N LYS A 80 -4.52 10.26 6.21
CA LYS A 80 -4.94 10.04 7.58
C LYS A 80 -3.74 10.00 8.53
N GLU A 81 -3.92 9.42 9.71
CA GLU A 81 -2.84 9.33 10.69
C GLU A 81 -2.40 7.89 10.92
N PHE A 82 -1.14 7.74 11.32
CA PHE A 82 -0.55 6.43 11.60
C PHE A 82 0.27 6.51 12.87
N SER A 83 -0.30 6.02 13.97
CA SER A 83 0.39 6.06 15.26
C SER A 83 1.00 7.44 15.51
N GLY A 84 0.38 8.46 14.94
CA GLY A 84 0.87 9.82 15.10
C GLY A 84 1.62 10.34 13.88
N ASN A 85 1.43 9.70 12.73
CA ASN A 85 2.11 10.11 11.51
C ASN A 85 1.13 10.28 10.35
N PRO A 86 1.45 11.19 9.41
CA PRO A 86 0.61 11.44 8.24
C PRO A 86 0.91 10.46 7.11
N ILE A 87 -0.12 9.80 6.58
CA ILE A 87 0.07 8.84 5.51
C ILE A 87 -0.51 9.32 4.19
N LYS A 88 -0.13 8.68 3.10
CA LYS A 88 -0.61 9.04 1.78
C LYS A 88 -0.91 7.79 0.94
N VAL A 89 -2.19 7.44 0.87
CA VAL A 89 -2.62 6.26 0.11
C VAL A 89 -2.85 6.62 -1.36
N SER A 90 -2.33 5.79 -2.26
CA SER A 90 -2.48 6.03 -3.69
C SER A 90 -2.88 4.76 -4.44
N PHE A 91 -2.98 4.87 -5.76
CA PHE A 91 -3.35 3.73 -6.61
C PHE A 91 -2.11 3.00 -7.12
N ALA A 92 -1.10 2.88 -6.26
CA ALA A 92 0.15 2.22 -6.65
C ALA A 92 0.81 2.94 -7.81
N THR A 93 0.61 4.26 -7.86
CA THR A 93 1.19 5.09 -8.91
C THR A 93 2.71 5.18 -8.76
N ARG A 94 3.30 6.18 -9.42
CA ARG A 94 4.74 6.39 -9.36
C ARG A 94 5.48 5.35 -10.20
N ARG A 95 6.44 5.80 -11.00
CA ARG A 95 7.22 4.90 -11.84
C ARG A 95 8.68 5.34 -11.91
N ALA A 96 8.89 6.63 -12.14
CA ALA A 96 10.24 7.17 -12.22
C ALA A 96 10.21 8.68 -12.44
N ASP A 97 10.85 9.42 -11.54
CA ASP A 97 10.90 10.87 -11.63
C ASP A 97 9.50 11.46 -11.64
N PHE A 98 9.40 12.77 -11.93
CA PHE A 98 8.12 13.45 -11.97
C PHE A 98 7.15 12.76 -12.92
N ASN A 99 5.95 13.32 -13.06
CA ASN A 99 4.94 12.77 -13.94
C ASN A 99 4.92 13.50 -15.28
N ARG A 100 4.35 12.85 -16.30
CA ARG A 100 4.26 13.44 -17.62
C ARG A 100 3.47 14.74 -17.59
N GLY A 101 3.63 15.56 -18.63
CA GLY A 101 2.93 16.82 -18.70
C GLY A 101 1.43 16.65 -18.65
N GLY A 102 0.88 16.66 -17.44
CA GLY A 102 -0.56 16.52 -17.28
C GLY A 102 -1.02 15.08 -17.45
N GLY A 103 -2.15 14.90 -18.12
CA GLY A 103 -2.67 13.56 -18.34
C GLY A 103 -3.52 13.07 -17.18
N ASN A 104 -4.77 12.74 -17.48
CA ASN A 104 -5.70 12.26 -16.45
C ASN A 104 -7.03 11.88 -17.06
N GLY A 105 -7.68 10.88 -16.48
CA GLY A 105 -8.96 10.42 -16.98
C GLY A 105 -10.09 10.66 -15.98
N ARG A 106 -9.94 11.70 -15.16
CA ARG A 106 -10.94 12.04 -14.17
C ARG A 106 -11.13 13.56 -14.07
N GLY A 107 -12.29 14.03 -14.52
CA GLY A 107 -12.58 15.45 -14.48
C GLY A 107 -12.36 16.12 -15.82
N GLY A 108 -11.14 16.59 -16.06
CA GLY A 108 -10.82 17.25 -17.32
C GLY A 108 -10.71 18.75 -17.17
N GLU A 1 -6.04 -8.72 -18.18
CA GLU A 1 -4.67 -8.34 -17.71
C GLU A 1 -4.60 -6.85 -17.38
N GLN A 2 -3.38 -6.33 -17.30
CA GLN A 2 -3.17 -4.92 -16.99
C GLN A 2 -3.81 -4.55 -15.65
N ASP A 3 -3.63 -3.31 -15.23
CA ASP A 3 -4.19 -2.84 -13.97
C ASP A 3 -5.23 -1.76 -14.20
N ASN A 4 -4.78 -0.50 -14.30
CA ASN A 4 -5.68 0.61 -14.53
C ASN A 4 -6.75 0.68 -13.44
N SER A 5 -7.84 -0.07 -13.64
CA SER A 5 -8.93 -0.09 -12.67
C SER A 5 -8.92 -1.39 -11.87
N ASP A 6 -8.25 -2.41 -12.41
CA ASP A 6 -8.15 -3.70 -11.74
C ASP A 6 -7.16 -3.66 -10.58
N ASN A 7 -6.25 -2.69 -10.62
CA ASN A 7 -5.26 -2.55 -9.56
C ASN A 7 -5.94 -2.37 -8.20
N ASN A 8 -5.66 -3.30 -7.29
CA ASN A 8 -6.23 -3.26 -5.96
C ASN A 8 -5.19 -2.81 -4.95
N THR A 9 -3.92 -3.10 -5.26
CA THR A 9 -2.82 -2.71 -4.38
C THR A 9 -2.71 -1.20 -4.30
N ILE A 10 -2.32 -0.69 -3.13
CA ILE A 10 -2.17 0.74 -2.93
C ILE A 10 -0.79 1.08 -2.41
N PHE A 11 -0.51 2.38 -2.32
CA PHE A 11 0.78 2.84 -1.84
C PHE A 11 0.62 3.74 -0.62
N VAL A 12 1.02 3.24 0.54
CA VAL A 12 0.92 4.00 1.79
C VAL A 12 2.29 4.54 2.19
N GLN A 13 2.41 5.86 2.24
CA GLN A 13 3.67 6.51 2.60
C GLN A 13 3.46 7.57 3.69
N GLY A 14 4.28 7.51 4.74
CA GLY A 14 4.16 8.47 5.82
C GLY A 14 3.95 7.80 7.16
N LEU A 15 4.28 6.52 7.25
CA LEU A 15 4.13 5.78 8.49
C LEU A 15 5.14 6.25 9.53
N GLY A 16 6.23 5.50 9.72
CA GLY A 16 7.24 5.89 10.69
C GLY A 16 8.09 4.70 11.12
N GLU A 17 7.70 4.07 12.21
CA GLU A 17 8.42 2.91 12.73
C GLU A 17 7.44 1.79 13.06
N ASN A 18 6.34 1.76 12.32
CA ASN A 18 5.30 0.76 12.52
C ASN A 18 5.03 -0.03 11.24
N VAL A 19 5.56 0.47 10.12
CA VAL A 19 5.37 -0.18 8.82
C VAL A 19 5.56 -1.70 8.89
N THR A 20 4.45 -2.42 9.06
CA THR A 20 4.48 -3.88 9.12
C THR A 20 3.25 -4.46 8.43
N ILE A 21 3.41 -5.62 7.82
CA ILE A 21 2.30 -6.26 7.12
C ILE A 21 1.15 -6.58 8.06
N GLU A 22 1.47 -7.18 9.19
CA GLU A 22 0.45 -7.55 10.17
C GLU A 22 -0.20 -6.31 10.76
N SER A 23 0.61 -5.29 11.02
CA SER A 23 0.11 -4.04 11.60
C SER A 23 -0.77 -3.31 10.59
N VAL A 24 -0.33 -3.27 9.34
CA VAL A 24 -1.09 -2.61 8.30
C VAL A 24 -2.31 -3.44 7.95
N ALA A 25 -2.11 -4.76 7.93
CA ALA A 25 -3.19 -5.69 7.63
C ALA A 25 -4.23 -5.70 8.74
N ASP A 26 -3.77 -5.43 9.97
CA ASP A 26 -4.64 -5.41 11.12
C ASP A 26 -5.56 -4.19 11.13
N TYR A 27 -5.02 -3.03 10.76
CA TYR A 27 -5.80 -1.81 10.75
C TYR A 27 -6.37 -1.49 9.36
N PHE A 28 -5.73 -2.01 8.32
CA PHE A 28 -6.18 -1.77 6.94
C PHE A 28 -7.06 -2.92 6.45
N LYS A 29 -7.82 -3.51 7.38
CA LYS A 29 -8.71 -4.61 7.03
C LYS A 29 -10.16 -4.25 7.31
N GLN A 30 -10.44 -2.94 7.38
CA GLN A 30 -11.80 -2.48 7.64
C GLN A 30 -12.43 -1.96 6.36
N ILE A 31 -11.64 -1.26 5.55
CA ILE A 31 -12.11 -0.71 4.29
C ILE A 31 -12.32 -1.81 3.26
N GLY A 32 -11.56 -2.89 3.39
CA GLY A 32 -11.67 -3.99 2.45
C GLY A 32 -10.79 -5.17 2.83
N ILE A 33 -10.62 -6.10 1.89
CA ILE A 33 -9.81 -7.28 2.12
C ILE A 33 -8.41 -7.13 1.53
N ILE A 34 -7.40 -7.51 2.31
CA ILE A 34 -6.02 -7.43 1.86
C ILE A 34 -5.57 -8.76 1.26
N LYS A 35 -5.03 -8.71 0.05
CA LYS A 35 -4.58 -9.92 -0.65
C LYS A 35 -3.70 -10.78 0.25
N THR A 36 -4.23 -11.93 0.65
CA THR A 36 -3.49 -12.85 1.50
C THR A 36 -2.20 -13.30 0.83
N ASN A 37 -1.45 -14.15 1.52
CA ASN A 37 -0.18 -14.66 1.00
C ASN A 37 -0.35 -16.01 0.33
N LYS A 38 -1.16 -16.86 0.94
CA LYS A 38 -1.41 -18.21 0.47
C LYS A 38 -0.34 -19.15 1.03
N LYS A 39 0.85 -18.60 1.25
CA LYS A 39 1.94 -19.37 1.82
C LYS A 39 1.92 -19.21 3.34
N THR A 40 1.65 -17.98 3.79
CA THR A 40 1.56 -17.69 5.21
C THR A 40 0.10 -17.63 5.65
N GLY A 41 -0.81 -17.61 4.67
CA GLY A 41 -2.21 -17.55 4.98
C GLY A 41 -2.62 -16.20 5.53
N GLN A 42 -1.74 -15.21 5.42
CA GLN A 42 -2.03 -13.87 5.92
C GLN A 42 -1.88 -12.82 4.83
N PRO A 43 -2.54 -11.67 4.99
CA PRO A 43 -2.49 -10.57 4.01
C PRO A 43 -1.09 -10.27 3.51
N MET A 44 -1.00 -9.57 2.38
CA MET A 44 0.29 -9.23 1.78
C MET A 44 0.47 -7.72 1.66
N ILE A 45 1.57 -7.24 2.24
CA ILE A 45 1.89 -5.82 2.20
C ILE A 45 3.40 -5.64 2.04
N ASN A 46 3.80 -4.71 1.18
CA ASN A 46 5.21 -4.43 0.95
C ASN A 46 5.67 -3.26 1.80
N LEU A 47 6.93 -3.29 2.22
CA LEU A 47 7.47 -2.21 3.05
C LEU A 47 8.93 -1.93 2.71
N TYR A 48 9.36 -0.70 2.95
CA TYR A 48 10.74 -0.30 2.67
C TYR A 48 11.50 -0.09 3.98
N THR A 49 12.35 -1.06 4.33
CA THR A 49 13.13 -0.98 5.55
C THR A 49 14.53 -0.42 5.27
N ASP A 50 15.11 0.22 6.27
CA ASP A 50 16.44 0.81 6.13
C ASP A 50 17.47 -0.29 5.86
N ARG A 51 18.09 -0.23 4.68
CA ARG A 51 19.10 -1.21 4.29
C ARG A 51 20.48 -0.84 4.85
N GLU A 52 20.55 0.24 5.61
CA GLU A 52 21.81 0.68 6.19
C GLU A 52 21.96 0.14 7.61
N THR A 53 20.88 0.18 8.37
CA THR A 53 20.89 -0.32 9.75
C THR A 53 19.95 -1.51 9.91
N GLY A 54 18.99 -1.65 9.00
CA GLY A 54 18.04 -2.75 9.08
C GLY A 54 16.70 -2.31 9.66
N LYS A 55 16.68 -1.14 10.30
CA LYS A 55 15.45 -0.62 10.89
C LYS A 55 14.40 -0.35 9.82
N LEU A 56 13.26 0.19 10.24
CA LEU A 56 12.17 0.50 9.33
C LEU A 56 12.28 1.93 8.82
N LYS A 57 11.45 2.28 7.84
CA LYS A 57 11.45 3.61 7.27
C LYS A 57 10.09 4.28 7.42
N GLY A 58 9.04 3.53 7.10
CA GLY A 58 7.69 4.06 7.22
C GLY A 58 6.95 4.09 5.89
N GLU A 59 7.42 3.30 4.93
CA GLU A 59 6.80 3.24 3.60
C GLU A 59 6.36 1.81 3.30
N ALA A 60 5.13 1.64 2.82
CA ALA A 60 4.64 0.31 2.49
C ALA A 60 3.46 0.34 1.54
N THR A 61 3.34 -0.72 0.74
CA THR A 61 2.25 -0.87 -0.22
C THR A 61 1.30 -1.95 0.26
N VAL A 62 0.02 -1.62 0.33
CA VAL A 62 -0.99 -2.57 0.81
C VAL A 62 -1.74 -3.24 -0.34
N SER A 63 -1.78 -4.57 -0.32
CA SER A 63 -2.49 -5.32 -1.37
C SER A 63 -3.96 -5.47 -1.02
N PHE A 64 -4.81 -5.61 -2.02
CA PHE A 64 -6.24 -5.76 -1.81
C PHE A 64 -6.83 -6.86 -2.69
N ASP A 65 -7.76 -7.63 -2.14
CA ASP A 65 -8.40 -8.70 -2.88
C ASP A 65 -9.49 -8.16 -3.81
N ASP A 66 -9.82 -6.89 -3.67
CA ASP A 66 -10.84 -6.26 -4.50
C ASP A 66 -10.36 -4.90 -5.02
N PRO A 67 -10.25 -4.74 -6.35
CA PRO A 67 -9.80 -3.49 -6.96
C PRO A 67 -10.55 -2.27 -6.44
N PRO A 68 -11.89 -2.31 -6.41
CA PRO A 68 -12.69 -1.18 -5.91
C PRO A 68 -12.35 -0.87 -4.47
N SER A 69 -11.97 -1.91 -3.73
CA SER A 69 -11.60 -1.76 -2.34
C SER A 69 -10.43 -0.81 -2.17
N ALA A 70 -9.50 -0.82 -3.14
CA ALA A 70 -8.34 0.06 -3.09
C ALA A 70 -8.79 1.52 -3.13
N LYS A 71 -9.60 1.84 -4.13
CA LYS A 71 -10.11 3.19 -4.29
C LYS A 71 -10.88 3.61 -3.03
N ALA A 72 -11.74 2.72 -2.57
CA ALA A 72 -12.53 2.98 -1.37
C ALA A 72 -11.64 3.35 -0.19
N ALA A 73 -10.44 2.74 -0.15
CA ALA A 73 -9.49 3.04 0.90
C ALA A 73 -8.99 4.45 0.75
N ILE A 74 -8.59 4.76 -0.48
CA ILE A 74 -8.11 6.09 -0.81
C ILE A 74 -9.13 7.14 -0.39
N ASP A 75 -10.39 6.78 -0.50
CA ASP A 75 -11.48 7.66 -0.12
C ASP A 75 -11.40 8.02 1.37
N TRP A 76 -10.80 7.13 2.15
CA TRP A 76 -10.67 7.35 3.60
C TRP A 76 -9.26 7.80 3.98
N PHE A 77 -8.28 6.94 3.75
CA PHE A 77 -6.90 7.24 4.11
C PHE A 77 -6.35 8.39 3.27
N ASP A 78 -5.98 8.07 2.03
CA ASP A 78 -5.42 9.05 1.09
C ASP A 78 -5.08 10.39 1.74
N GLY A 79 -4.16 10.36 2.70
CA GLY A 79 -3.76 11.58 3.38
C GLY A 79 -4.29 11.68 4.79
N LYS A 80 -4.38 10.54 5.49
CA LYS A 80 -4.87 10.53 6.86
C LYS A 80 -3.70 10.50 7.83
N GLU A 81 -3.93 10.01 9.04
CA GLU A 81 -2.87 9.94 10.03
C GLU A 81 -2.69 8.54 10.59
N PHE A 82 -1.45 8.05 10.58
CA PHE A 82 -1.13 6.73 11.09
C PHE A 82 -0.78 6.83 12.57
N SER A 83 -1.72 6.48 13.42
CA SER A 83 -1.51 6.53 14.87
C SER A 83 -0.88 7.85 15.30
N GLY A 84 -1.13 8.91 14.54
CA GLY A 84 -0.58 10.21 14.88
C GLY A 84 0.14 10.89 13.71
N ASN A 85 0.93 10.13 12.97
CA ASN A 85 1.68 10.68 11.84
C ASN A 85 0.80 10.76 10.60
N PRO A 86 1.27 11.43 9.54
CA PRO A 86 0.53 11.60 8.30
C PRO A 86 0.96 10.59 7.23
N ILE A 87 0.00 10.08 6.45
CA ILE A 87 0.31 9.11 5.40
C ILE A 87 -0.25 9.55 4.05
N LYS A 88 0.03 8.76 3.02
CA LYS A 88 -0.44 9.06 1.67
C LYS A 88 -0.77 7.78 0.92
N VAL A 89 -2.06 7.45 0.83
CA VAL A 89 -2.50 6.25 0.12
C VAL A 89 -2.73 6.55 -1.35
N SER A 90 -2.29 5.64 -2.21
CA SER A 90 -2.47 5.80 -3.65
C SER A 90 -2.87 4.48 -4.32
N PHE A 91 -2.73 4.43 -5.64
CA PHE A 91 -3.09 3.24 -6.41
C PHE A 91 -1.86 2.37 -6.68
N ALA A 92 -0.87 2.47 -5.80
CA ALA A 92 0.37 1.69 -5.91
C ALA A 92 0.78 1.47 -7.37
N THR A 93 0.79 2.54 -8.15
CA THR A 93 1.16 2.45 -9.56
C THR A 93 1.52 3.83 -10.12
N ARG A 94 2.11 3.83 -11.32
CA ARG A 94 2.51 5.07 -11.97
C ARG A 94 3.53 5.82 -11.14
N ARG A 95 4.72 6.00 -11.70
CA ARG A 95 5.80 6.71 -11.02
C ARG A 95 6.21 7.95 -11.79
N ALA A 96 5.27 8.87 -11.98
CA ALA A 96 5.52 10.10 -12.70
C ALA A 96 5.92 9.81 -14.15
N ASP A 97 4.94 9.47 -14.98
CA ASP A 97 5.19 9.16 -16.38
C ASP A 97 5.76 10.37 -17.10
N PHE A 98 6.20 10.16 -18.34
CA PHE A 98 6.77 11.24 -19.14
C PHE A 98 7.12 10.75 -20.55
N ASN A 99 7.68 11.64 -21.35
CA ASN A 99 8.06 11.29 -22.72
C ASN A 99 9.16 12.23 -23.24
N ARG A 100 10.06 12.62 -22.34
CA ARG A 100 11.15 13.50 -22.70
C ARG A 100 12.50 12.79 -22.58
N GLY A 101 13.50 13.31 -23.28
CA GLY A 101 14.83 12.71 -23.24
C GLY A 101 15.05 11.72 -24.37
N GLY A 102 16.08 10.90 -24.24
CA GLY A 102 16.39 9.92 -25.26
C GLY A 102 16.98 10.56 -26.51
N GLY A 103 17.60 9.73 -27.35
CA GLY A 103 18.19 10.24 -28.57
C GLY A 103 17.23 10.22 -29.73
N ASN A 104 16.79 11.41 -30.16
CA ASN A 104 15.86 11.52 -31.27
C ASN A 104 15.91 12.92 -31.88
N GLY A 105 15.72 13.94 -31.04
CA GLY A 105 15.75 15.32 -31.52
C GLY A 105 14.76 15.56 -32.63
N ARG A 106 13.48 15.61 -32.28
CA ARG A 106 12.43 15.85 -33.26
C ARG A 106 12.62 17.20 -33.94
N GLY A 107 12.12 17.32 -35.17
CA GLY A 107 12.25 18.57 -35.91
C GLY A 107 11.30 18.64 -37.09
N GLY A 108 10.19 19.33 -36.91
CA GLY A 108 9.21 19.47 -37.98
C GLY A 108 7.78 19.28 -37.49
N GLU A 1 1.52 -5.29 -9.05
CA GLU A 1 0.78 -6.25 -9.89
C GLU A 1 0.44 -5.65 -11.25
N GLN A 2 -0.50 -6.27 -11.95
CA GLN A 2 -0.91 -5.79 -13.27
C GLN A 2 -1.37 -4.34 -13.21
N ASP A 3 -0.83 -3.52 -14.10
CA ASP A 3 -1.19 -2.10 -14.15
C ASP A 3 -2.58 -1.91 -14.72
N ASN A 4 -3.39 -1.10 -14.05
CA ASN A 4 -4.75 -0.83 -14.51
C ASN A 4 -5.28 0.47 -13.91
N SER A 5 -6.53 0.79 -14.22
CA SER A 5 -7.16 2.01 -13.72
C SER A 5 -7.73 1.80 -12.32
N ASP A 6 -8.20 0.58 -12.06
CA ASP A 6 -8.77 0.25 -10.77
C ASP A 6 -7.70 0.21 -9.68
N ASN A 7 -6.50 -0.23 -10.05
CA ASN A 7 -5.39 -0.30 -9.10
C ASN A 7 -5.81 -0.99 -7.81
N ASN A 8 -5.66 -2.31 -7.76
CA ASN A 8 -6.02 -3.07 -6.57
C ASN A 8 -5.04 -2.82 -5.43
N THR A 9 -3.77 -2.67 -5.79
CA THR A 9 -2.73 -2.41 -4.80
C THR A 9 -2.54 -0.91 -4.58
N ILE A 10 -2.41 -0.51 -3.32
CA ILE A 10 -2.22 0.89 -2.96
C ILE A 10 -0.86 1.10 -2.30
N PHE A 11 -0.51 2.35 -2.06
CA PHE A 11 0.75 2.68 -1.42
C PHE A 11 0.58 3.74 -0.35
N VAL A 12 0.95 3.38 0.88
CA VAL A 12 0.84 4.29 2.02
C VAL A 12 2.20 4.90 2.35
N GLN A 13 2.26 6.23 2.43
CA GLN A 13 3.50 6.92 2.75
C GLN A 13 3.33 7.85 3.94
N GLY A 14 4.22 7.75 4.91
CA GLY A 14 4.14 8.61 6.09
C GLY A 14 3.77 7.85 7.34
N LEU A 15 4.72 7.07 7.85
CA LEU A 15 4.50 6.28 9.06
C LEU A 15 5.71 6.40 9.99
N GLY A 16 6.69 5.52 9.80
CA GLY A 16 7.89 5.58 10.62
C GLY A 16 7.88 4.64 11.80
N GLU A 17 8.79 3.67 11.78
CA GLU A 17 8.94 2.69 12.86
C GLU A 17 7.62 1.99 13.18
N ASN A 18 6.79 1.78 12.17
CA ASN A 18 5.52 1.11 12.36
C ASN A 18 5.11 0.33 11.12
N VAL A 19 6.01 0.22 10.14
CA VAL A 19 5.70 -0.47 8.90
C VAL A 19 5.76 -1.99 9.06
N THR A 20 4.60 -2.59 9.32
CA THR A 20 4.50 -4.04 9.47
C THR A 20 3.28 -4.55 8.72
N ILE A 21 3.38 -5.76 8.18
CA ILE A 21 2.29 -6.35 7.43
C ILE A 21 1.07 -6.60 8.32
N GLU A 22 1.30 -7.18 9.49
CA GLU A 22 0.21 -7.47 10.41
C GLU A 22 -0.40 -6.17 10.93
N SER A 23 0.45 -5.21 11.25
CA SER A 23 -0.01 -3.93 11.77
C SER A 23 -0.84 -3.20 10.74
N VAL A 24 -0.40 -3.24 9.48
CA VAL A 24 -1.12 -2.59 8.41
C VAL A 24 -2.37 -3.38 8.08
N ALA A 25 -2.22 -4.68 7.97
CA ALA A 25 -3.33 -5.57 7.68
C ALA A 25 -4.38 -5.49 8.78
N ASP A 26 -3.93 -5.19 9.99
CA ASP A 26 -4.82 -5.09 11.15
C ASP A 26 -5.64 -3.80 11.11
N TYR A 27 -5.02 -2.71 10.66
CA TYR A 27 -5.71 -1.42 10.62
C TYR A 27 -6.38 -1.19 9.25
N PHE A 28 -5.90 -1.88 8.23
CA PHE A 28 -6.45 -1.72 6.89
C PHE A 28 -7.58 -2.74 6.61
N LYS A 29 -8.04 -3.42 7.66
CA LYS A 29 -9.10 -4.40 7.50
C LYS A 29 -10.46 -3.79 7.83
N GLN A 30 -10.56 -2.48 7.71
CA GLN A 30 -11.81 -1.78 7.99
C GLN A 30 -12.47 -1.34 6.69
N ILE A 31 -11.65 -0.91 5.74
CA ILE A 31 -12.14 -0.47 4.44
C ILE A 31 -12.55 -1.65 3.57
N GLY A 32 -11.76 -2.72 3.63
CA GLY A 32 -12.05 -3.90 2.84
C GLY A 32 -11.09 -5.04 3.12
N ILE A 33 -11.11 -6.04 2.26
CA ILE A 33 -10.25 -7.20 2.42
C ILE A 33 -8.84 -6.93 1.92
N ILE A 34 -7.85 -7.42 2.66
CA ILE A 34 -6.47 -7.24 2.27
C ILE A 34 -6.01 -8.46 1.47
N LYS A 35 -5.26 -8.21 0.42
CA LYS A 35 -4.76 -9.27 -0.46
C LYS A 35 -4.13 -10.40 0.36
N THR A 36 -4.95 -11.39 0.71
CA THR A 36 -4.47 -12.52 1.49
C THR A 36 -3.50 -13.37 0.68
N ASN A 37 -2.51 -13.93 1.36
CA ASN A 37 -1.50 -14.76 0.71
C ASN A 37 -2.02 -16.15 0.44
N LYS A 38 -1.24 -16.92 -0.30
CA LYS A 38 -1.58 -18.29 -0.63
C LYS A 38 -0.58 -19.25 0.03
N LYS A 39 0.56 -18.69 0.45
CA LYS A 39 1.59 -19.48 1.10
C LYS A 39 1.50 -19.30 2.61
N THR A 40 1.16 -18.08 3.04
CA THR A 40 1.03 -17.78 4.45
C THR A 40 -0.44 -17.58 4.84
N GLY A 41 -1.33 -17.59 3.84
CA GLY A 41 -2.73 -17.39 4.11
C GLY A 41 -3.00 -16.10 4.85
N GLN A 42 -2.04 -15.18 4.81
CA GLN A 42 -2.18 -13.89 5.49
C GLN A 42 -2.10 -12.75 4.48
N PRO A 43 -2.70 -11.59 4.82
CA PRO A 43 -2.71 -10.42 3.93
C PRO A 43 -1.33 -10.15 3.31
N MET A 44 -1.33 -9.42 2.20
CA MET A 44 -0.09 -9.11 1.49
C MET A 44 0.14 -7.60 1.38
N ILE A 45 1.26 -7.16 1.92
CA ILE A 45 1.63 -5.75 1.90
C ILE A 45 3.15 -5.61 1.70
N ASN A 46 3.55 -4.60 0.94
CA ASN A 46 4.96 -4.36 0.68
C ASN A 46 5.47 -3.20 1.53
N LEU A 47 6.73 -3.24 1.91
CA LEU A 47 7.30 -2.19 2.73
C LEU A 47 8.81 -2.07 2.50
N TYR A 48 9.32 -0.86 2.60
CA TYR A 48 10.75 -0.60 2.40
C TYR A 48 11.33 0.15 3.60
N THR A 49 12.60 -0.12 3.89
CA THR A 49 13.28 0.53 5.01
C THR A 49 14.76 0.74 4.70
N ASP A 50 15.39 1.66 5.43
CA ASP A 50 16.80 1.94 5.23
C ASP A 50 17.67 0.78 5.71
N ARG A 51 18.75 0.51 4.97
CA ARG A 51 19.65 -0.58 5.31
C ARG A 51 20.98 -0.06 5.86
N GLU A 52 21.30 1.19 5.52
CA GLU A 52 22.54 1.79 5.98
C GLU A 52 22.45 2.15 7.46
N THR A 53 21.26 2.54 7.90
CA THR A 53 21.03 2.90 9.30
C THR A 53 20.03 1.96 9.95
N GLY A 54 19.25 1.26 9.14
CA GLY A 54 18.25 0.34 9.68
C GLY A 54 17.00 1.06 10.13
N LYS A 55 16.71 2.20 9.51
CA LYS A 55 15.54 2.99 9.85
C LYS A 55 14.47 2.88 8.78
N LEU A 56 13.25 2.56 9.20
CA LEU A 56 12.13 2.43 8.27
C LEU A 56 11.89 3.74 7.54
N LYS A 57 11.61 3.64 6.24
CA LYS A 57 11.35 4.83 5.43
C LYS A 57 9.86 5.16 5.38
N GLY A 58 9.10 4.64 6.35
CA GLY A 58 7.67 4.91 6.41
C GLY A 58 6.98 4.75 5.06
N GLU A 59 7.19 3.63 4.40
CA GLU A 59 6.58 3.38 3.11
C GLU A 59 6.16 1.92 2.96
N ALA A 60 4.91 1.70 2.53
CA ALA A 60 4.41 0.34 2.35
C ALA A 60 3.18 0.31 1.45
N THR A 61 3.12 -0.71 0.60
CA THR A 61 1.98 -0.87 -0.31
C THR A 61 1.02 -1.91 0.22
N VAL A 62 -0.26 -1.57 0.25
CA VAL A 62 -1.29 -2.47 0.75
C VAL A 62 -2.18 -2.98 -0.36
N SER A 63 -2.25 -4.31 -0.53
CA SER A 63 -3.10 -4.90 -1.55
C SER A 63 -4.42 -5.36 -0.94
N PHE A 64 -5.50 -5.28 -1.71
CA PHE A 64 -6.81 -5.69 -1.23
C PHE A 64 -7.40 -6.79 -2.10
N ASP A 65 -8.26 -7.63 -1.53
CA ASP A 65 -8.88 -8.72 -2.27
C ASP A 65 -9.98 -8.20 -3.20
N ASP A 66 -9.69 -7.13 -3.93
CA ASP A 66 -10.65 -6.54 -4.86
C ASP A 66 -10.20 -5.14 -5.27
N PRO A 67 -10.09 -4.88 -6.58
CA PRO A 67 -9.66 -3.58 -7.10
C PRO A 67 -10.44 -2.39 -6.51
N PRO A 68 -11.78 -2.44 -6.48
CA PRO A 68 -12.59 -1.36 -5.95
C PRO A 68 -12.24 -1.05 -4.50
N SER A 69 -11.79 -2.07 -3.77
CA SER A 69 -11.42 -1.88 -2.37
C SER A 69 -10.25 -0.90 -2.26
N ALA A 70 -9.30 -1.01 -3.19
CA ALA A 70 -8.14 -0.13 -3.18
C ALA A 70 -8.58 1.34 -3.23
N LYS A 71 -9.43 1.68 -4.18
CA LYS A 71 -9.92 3.04 -4.30
C LYS A 71 -10.68 3.44 -3.05
N ALA A 72 -11.54 2.54 -2.59
CA ALA A 72 -12.33 2.80 -1.39
C ALA A 72 -11.42 3.16 -0.22
N ALA A 73 -10.25 2.55 -0.18
CA ALA A 73 -9.28 2.82 0.86
C ALA A 73 -8.75 4.23 0.70
N ILE A 74 -8.32 4.53 -0.52
CA ILE A 74 -7.80 5.84 -0.83
C ILE A 74 -8.83 6.91 -0.48
N ASP A 75 -10.09 6.59 -0.68
CA ASP A 75 -11.17 7.51 -0.38
C ASP A 75 -11.27 7.75 1.13
N TRP A 76 -10.82 6.77 1.90
CA TRP A 76 -10.87 6.83 3.36
C TRP A 76 -9.70 7.62 3.94
N PHE A 77 -8.50 7.06 3.82
CA PHE A 77 -7.29 7.65 4.39
C PHE A 77 -6.70 8.73 3.48
N ASP A 78 -6.00 8.31 2.43
CA ASP A 78 -5.36 9.24 1.49
C ASP A 78 -4.93 10.54 2.16
N GLY A 79 -4.20 10.41 3.27
CA GLY A 79 -3.74 11.59 3.99
C GLY A 79 -4.13 11.59 5.45
N LYS A 80 -4.41 10.41 6.00
CA LYS A 80 -4.79 10.28 7.40
C LYS A 80 -3.55 10.23 8.27
N GLU A 81 -3.69 9.79 9.52
CA GLU A 81 -2.55 9.71 10.42
C GLU A 81 -2.27 8.28 10.89
N PHE A 82 -1.01 7.87 10.80
CA PHE A 82 -0.59 6.55 11.23
C PHE A 82 -0.15 6.61 12.69
N SER A 83 -1.03 6.17 13.58
CA SER A 83 -0.74 6.17 15.01
C SER A 83 -0.09 7.47 15.47
N GLY A 84 -0.40 8.57 14.79
CA GLY A 84 0.16 9.87 15.17
C GLY A 84 0.66 10.68 13.99
N ASN A 85 1.44 10.07 13.10
CA ASN A 85 1.99 10.77 11.95
C ASN A 85 0.99 10.78 10.80
N PRO A 86 1.27 11.51 9.71
CA PRO A 86 0.41 11.59 8.55
C PRO A 86 0.80 10.57 7.48
N ILE A 87 -0.19 10.02 6.77
CA ILE A 87 0.10 9.03 5.73
C ILE A 87 -0.31 9.53 4.35
N LYS A 88 -0.06 8.70 3.34
CA LYS A 88 -0.40 9.04 1.96
C LYS A 88 -0.75 7.79 1.15
N VAL A 89 -2.05 7.57 0.97
CA VAL A 89 -2.53 6.42 0.22
C VAL A 89 -2.82 6.80 -1.24
N SER A 90 -2.30 6.01 -2.17
CA SER A 90 -2.52 6.28 -3.59
C SER A 90 -2.77 5.01 -4.39
N PHE A 91 -2.65 5.11 -5.72
CA PHE A 91 -2.88 3.97 -6.61
C PHE A 91 -1.60 3.17 -6.84
N ALA A 92 -0.97 2.74 -5.75
CA ALA A 92 0.26 1.95 -5.84
C ALA A 92 1.32 2.65 -6.68
N THR A 93 2.28 3.29 -6.02
CA THR A 93 3.38 3.99 -6.68
C THR A 93 2.87 4.96 -7.74
N ARG A 94 3.38 6.19 -7.70
CA ARG A 94 2.99 7.22 -8.66
C ARG A 94 3.66 6.96 -10.01
N ARG A 95 3.53 7.93 -10.91
CA ARG A 95 4.12 7.81 -12.26
C ARG A 95 3.89 6.42 -12.85
N ALA A 96 4.60 6.13 -13.93
CA ALA A 96 4.49 4.83 -14.59
C ALA A 96 5.88 4.22 -14.82
N ASP A 97 6.09 3.03 -14.28
CA ASP A 97 7.38 2.34 -14.42
C ASP A 97 7.78 2.24 -15.89
N PHE A 98 8.55 3.20 -16.35
CA PHE A 98 9.02 3.22 -17.74
C PHE A 98 10.00 2.09 -18.00
N ASN A 99 10.63 2.11 -19.16
CA ASN A 99 11.60 1.09 -19.55
C ASN A 99 10.90 -0.26 -19.74
N ARG A 100 11.57 -1.15 -20.47
CA ARG A 100 11.01 -2.49 -20.73
C ARG A 100 11.77 -3.54 -19.94
N GLY A 101 11.08 -4.63 -19.60
CA GLY A 101 11.71 -5.71 -18.86
C GLY A 101 10.71 -6.50 -18.03
N GLY A 102 9.56 -6.82 -18.63
CA GLY A 102 8.54 -7.58 -17.93
C GLY A 102 8.60 -9.05 -18.24
N GLY A 103 8.40 -9.89 -17.22
CA GLY A 103 8.43 -11.32 -17.41
C GLY A 103 7.24 -11.83 -18.19
N ASN A 104 6.10 -11.15 -18.03
CA ASN A 104 4.88 -11.54 -18.72
C ASN A 104 4.45 -12.96 -18.33
N GLY A 105 3.59 -13.06 -17.34
CA GLY A 105 3.13 -14.36 -16.89
C GLY A 105 1.69 -14.65 -17.31
N ARG A 106 0.86 -15.04 -16.35
CA ARG A 106 -0.54 -15.33 -16.63
C ARG A 106 -1.46 -14.29 -16.00
N GLY A 107 -2.76 -14.45 -16.22
CA GLY A 107 -3.72 -13.52 -15.66
C GLY A 107 -4.93 -14.22 -15.08
N GLY A 108 -6.00 -14.33 -15.88
CA GLY A 108 -7.20 -14.98 -15.42
C GLY A 108 -8.09 -14.05 -14.61
N GLU A 1 0.34 -3.78 -21.02
CA GLU A 1 1.48 -4.71 -21.15
C GLU A 1 2.25 -4.83 -19.83
N GLN A 2 1.53 -5.04 -18.74
CA GLN A 2 2.14 -5.17 -17.43
C GLN A 2 1.09 -5.50 -16.37
N ASP A 3 1.56 -5.76 -15.15
CA ASP A 3 0.66 -6.09 -14.04
C ASP A 3 0.29 -4.84 -13.25
N ASN A 4 -0.67 -4.07 -13.77
CA ASN A 4 -1.12 -2.86 -13.11
C ASN A 4 -2.27 -2.22 -13.88
N SER A 5 -3.15 -3.06 -14.41
CA SER A 5 -4.31 -2.57 -15.17
C SER A 5 -5.59 -2.70 -14.35
N ASP A 6 -5.45 -2.70 -13.02
CA ASP A 6 -6.59 -2.81 -12.13
C ASP A 6 -6.43 -1.88 -10.93
N ASN A 7 -5.20 -1.72 -10.47
CA ASN A 7 -4.91 -0.85 -9.33
C ASN A 7 -5.60 -1.36 -8.06
N ASN A 8 -5.15 -2.51 -7.58
CA ASN A 8 -5.72 -3.10 -6.37
C ASN A 8 -4.78 -2.85 -5.19
N THR A 9 -3.49 -2.82 -5.47
CA THR A 9 -2.48 -2.59 -4.44
C THR A 9 -2.32 -1.09 -4.21
N ILE A 10 -2.44 -0.66 -2.97
CA ILE A 10 -2.30 0.75 -2.63
C ILE A 10 -0.90 1.07 -2.15
N PHE A 11 -0.63 2.36 -1.96
CA PHE A 11 0.68 2.80 -1.51
C PHE A 11 0.54 3.76 -0.33
N VAL A 12 0.94 3.30 0.85
CA VAL A 12 0.87 4.13 2.06
C VAL A 12 2.22 4.77 2.36
N GLN A 13 2.27 6.09 2.28
CA GLN A 13 3.50 6.84 2.55
C GLN A 13 3.33 7.78 3.73
N GLY A 14 4.28 7.73 4.67
CA GLY A 14 4.21 8.59 5.83
C GLY A 14 3.97 7.83 7.12
N LEU A 15 5.04 7.28 7.69
CA LEU A 15 4.94 6.51 8.93
C LEU A 15 6.14 6.79 9.84
N GLY A 16 7.27 6.17 9.53
CA GLY A 16 8.46 6.36 10.34
C GLY A 16 9.17 5.05 10.66
N GLU A 17 8.65 4.34 11.66
CA GLU A 17 9.24 3.08 12.07
C GLU A 17 8.16 2.15 12.62
N ASN A 18 6.95 2.28 12.08
CA ASN A 18 5.83 1.47 12.52
C ASN A 18 5.32 0.57 11.38
N VAL A 19 5.69 0.91 10.14
CA VAL A 19 5.26 0.16 8.98
C VAL A 19 5.41 -1.35 9.16
N THR A 20 4.31 -2.07 9.00
CA THR A 20 4.30 -3.52 9.13
C THR A 20 3.04 -4.11 8.51
N ILE A 21 3.16 -5.30 7.95
CA ILE A 21 2.03 -5.96 7.31
C ILE A 21 0.94 -6.30 8.30
N GLU A 22 1.33 -6.86 9.44
CA GLU A 22 0.36 -7.25 10.46
C GLU A 22 -0.31 -6.02 11.07
N SER A 23 0.44 -4.93 11.19
CA SER A 23 -0.08 -3.69 11.74
C SER A 23 -1.02 -3.02 10.74
N VAL A 24 -0.60 -2.98 9.49
CA VAL A 24 -1.42 -2.37 8.45
C VAL A 24 -2.61 -3.26 8.14
N ALA A 25 -2.37 -4.56 8.19
CA ALA A 25 -3.42 -5.53 7.93
C ALA A 25 -4.46 -5.52 9.04
N ASP A 26 -4.04 -5.17 10.25
CA ASP A 26 -4.93 -5.13 11.40
C ASP A 26 -5.86 -3.92 11.35
N TYR A 27 -5.33 -2.77 10.95
CA TYR A 27 -6.13 -1.55 10.89
C TYR A 27 -6.64 -1.26 9.48
N PHE A 28 -6.00 -1.84 8.47
CA PHE A 28 -6.41 -1.63 7.09
C PHE A 28 -7.22 -2.81 6.56
N LYS A 29 -8.02 -3.41 7.43
CA LYS A 29 -8.85 -4.54 7.05
C LYS A 29 -10.34 -4.25 7.30
N GLN A 30 -10.67 -2.97 7.42
CA GLN A 30 -12.05 -2.57 7.65
C GLN A 30 -12.69 -2.09 6.35
N ILE A 31 -11.91 -1.33 5.56
CA ILE A 31 -12.40 -0.80 4.31
C ILE A 31 -12.51 -1.90 3.25
N GLY A 32 -11.63 -2.89 3.33
CA GLY A 32 -11.65 -3.98 2.38
C GLY A 32 -10.93 -5.22 2.87
N ILE A 33 -10.61 -6.12 1.95
CA ILE A 33 -9.91 -7.35 2.28
C ILE A 33 -8.49 -7.35 1.74
N ILE A 34 -7.50 -7.38 2.62
CA ILE A 34 -6.10 -7.40 2.20
C ILE A 34 -5.73 -8.80 1.71
N LYS A 35 -5.22 -8.88 0.48
CA LYS A 35 -4.85 -10.16 -0.12
C LYS A 35 -4.00 -11.01 0.83
N THR A 36 -4.56 -12.14 1.23
CA THR A 36 -3.86 -13.06 2.12
C THR A 36 -2.78 -13.83 1.36
N ASN A 37 -1.73 -14.22 2.07
CA ASN A 37 -0.63 -14.96 1.45
C ASN A 37 -0.68 -16.43 1.84
N LYS A 38 -0.59 -17.30 0.85
CA LYS A 38 -0.66 -18.75 1.07
C LYS A 38 0.62 -19.31 1.68
N LYS A 39 1.64 -18.47 1.83
CA LYS A 39 2.91 -18.91 2.42
C LYS A 39 2.80 -18.92 3.94
N THR A 40 2.07 -17.94 4.47
CA THR A 40 1.86 -17.81 5.89
C THR A 40 0.38 -17.91 6.23
N GLY A 41 -0.44 -17.46 5.29
CA GLY A 41 -1.87 -17.49 5.48
C GLY A 41 -2.39 -16.15 5.96
N GLN A 42 -1.57 -15.10 5.86
CA GLN A 42 -1.98 -13.78 6.30
C GLN A 42 -1.85 -12.76 5.17
N PRO A 43 -2.53 -11.61 5.30
CA PRO A 43 -2.48 -10.55 4.29
C PRO A 43 -1.08 -10.28 3.78
N MET A 44 -0.97 -9.62 2.63
CA MET A 44 0.34 -9.32 2.05
C MET A 44 0.53 -7.82 1.84
N ILE A 45 1.65 -7.32 2.34
CA ILE A 45 2.00 -5.91 2.22
C ILE A 45 3.49 -5.75 1.98
N ASN A 46 3.85 -4.85 1.07
CA ASN A 46 5.25 -4.61 0.75
C ASN A 46 5.77 -3.38 1.48
N LEU A 47 7.00 -3.44 1.96
CA LEU A 47 7.59 -2.32 2.67
C LEU A 47 9.08 -2.21 2.39
N TYR A 48 9.54 -1.01 2.06
CA TYR A 48 10.95 -0.78 1.77
C TYR A 48 11.73 -0.55 3.06
N THR A 49 12.96 -1.06 3.11
CA THR A 49 13.80 -0.91 4.29
C THR A 49 15.28 -0.83 3.91
N ASP A 50 16.07 -0.16 4.74
CA ASP A 50 17.50 -0.03 4.48
C ASP A 50 18.24 -1.30 4.91
N ARG A 51 19.32 -1.63 4.21
CA ARG A 51 20.10 -2.82 4.51
C ARG A 51 20.32 -3.00 6.01
N GLU A 52 20.75 -1.93 6.68
CA GLU A 52 21.01 -1.97 8.11
C GLU A 52 21.49 -0.63 8.64
N THR A 53 21.20 0.45 7.91
CA THR A 53 21.59 1.78 8.33
C THR A 53 20.62 2.29 9.39
N GLY A 54 19.43 1.70 9.40
CA GLY A 54 18.42 2.09 10.38
C GLY A 54 17.10 2.47 9.74
N LYS A 55 17.17 3.29 8.70
CA LYS A 55 15.96 3.73 8.01
C LYS A 55 15.25 2.55 7.36
N LEU A 56 14.05 2.25 7.86
CA LEU A 56 13.27 1.14 7.33
C LEU A 56 12.20 1.65 6.36
N LYS A 57 12.47 2.80 5.76
CA LYS A 57 11.57 3.44 4.81
C LYS A 57 10.13 3.31 5.24
N GLY A 58 9.63 4.34 5.89
CA GLY A 58 8.25 4.34 6.35
C GLY A 58 7.24 4.32 5.21
N GLU A 59 7.60 3.65 4.12
CA GLU A 59 6.73 3.55 2.96
C GLU A 59 6.44 2.08 2.62
N ALA A 60 5.17 1.75 2.42
CA ALA A 60 4.79 0.37 2.11
C ALA A 60 3.52 0.31 1.27
N THR A 61 3.41 -0.74 0.46
CA THR A 61 2.25 -0.95 -0.39
C THR A 61 1.36 -2.07 0.17
N VAL A 62 0.08 -1.75 0.36
CA VAL A 62 -0.86 -2.72 0.89
C VAL A 62 -1.69 -3.35 -0.22
N SER A 63 -1.74 -4.68 -0.25
CA SER A 63 -2.49 -5.39 -1.27
C SER A 63 -3.97 -5.53 -0.89
N PHE A 64 -4.83 -5.62 -1.91
CA PHE A 64 -6.26 -5.77 -1.68
C PHE A 64 -6.82 -6.91 -2.53
N ASP A 65 -7.86 -7.57 -2.01
CA ASP A 65 -8.48 -8.69 -2.74
C ASP A 65 -9.40 -8.18 -3.86
N ASP A 66 -9.76 -6.90 -3.79
CA ASP A 66 -10.64 -6.31 -4.79
C ASP A 66 -10.13 -4.94 -5.22
N PRO A 67 -9.82 -4.75 -6.52
CA PRO A 67 -9.33 -3.48 -7.04
C PRO A 67 -10.11 -2.27 -6.51
N PRO A 68 -11.45 -2.29 -6.60
CA PRO A 68 -12.28 -1.18 -6.10
C PRO A 68 -11.96 -0.86 -4.65
N SER A 69 -11.54 -1.88 -3.91
CA SER A 69 -11.19 -1.73 -2.51
C SER A 69 -10.10 -0.70 -2.33
N ALA A 70 -9.10 -0.74 -3.21
CA ALA A 70 -7.99 0.21 -3.15
C ALA A 70 -8.51 1.65 -3.18
N LYS A 71 -9.37 1.94 -4.14
CA LYS A 71 -9.94 3.27 -4.26
C LYS A 71 -10.74 3.60 -3.01
N ALA A 72 -11.66 2.72 -2.65
CA ALA A 72 -12.49 2.90 -1.47
C ALA A 72 -11.63 3.24 -0.27
N ALA A 73 -10.43 2.67 -0.21
CA ALA A 73 -9.51 2.94 0.87
C ALA A 73 -9.03 4.38 0.77
N ILE A 74 -8.53 4.72 -0.41
CA ILE A 74 -8.04 6.05 -0.66
C ILE A 74 -9.11 7.08 -0.35
N ASP A 75 -10.34 6.73 -0.64
CA ASP A 75 -11.47 7.60 -0.40
C ASP A 75 -11.60 7.93 1.09
N TRP A 76 -11.08 7.03 1.93
CA TRP A 76 -11.16 7.21 3.38
C TRP A 76 -9.85 7.78 3.97
N PHE A 77 -8.79 6.99 3.93
CA PHE A 77 -7.50 7.39 4.49
C PHE A 77 -6.89 8.55 3.71
N ASP A 78 -6.35 8.23 2.53
CA ASP A 78 -5.71 9.22 1.65
C ASP A 78 -5.41 10.53 2.39
N GLY A 79 -4.55 10.45 3.41
CA GLY A 79 -4.21 11.64 4.17
C GLY A 79 -4.52 11.51 5.66
N LYS A 80 -4.65 10.27 6.13
CA LYS A 80 -4.95 10.02 7.53
C LYS A 80 -3.66 9.95 8.34
N GLU A 81 -3.75 9.44 9.56
CA GLU A 81 -2.58 9.36 10.42
C GLU A 81 -2.28 7.92 10.85
N PHE A 82 -0.99 7.59 10.93
CA PHE A 82 -0.55 6.26 11.33
C PHE A 82 0.14 6.31 12.69
N SER A 83 -0.58 5.91 13.73
CA SER A 83 -0.04 5.89 15.09
C SER A 83 0.56 7.24 15.49
N GLY A 84 0.05 8.32 14.92
CA GLY A 84 0.55 9.65 15.28
C GLY A 84 1.20 10.39 14.12
N ASN A 85 1.31 9.76 12.96
CA ASN A 85 1.92 10.40 11.80
C ASN A 85 0.92 10.53 10.67
N PRO A 86 1.26 11.29 9.61
CA PRO A 86 0.39 11.48 8.46
C PRO A 86 0.72 10.51 7.32
N ILE A 87 -0.31 10.01 6.62
CA ILE A 87 -0.06 9.08 5.52
C ILE A 87 -0.76 9.50 4.24
N LYS A 88 -0.40 8.84 3.14
CA LYS A 88 -0.98 9.13 1.84
C LYS A 88 -1.17 7.85 1.03
N VAL A 89 -2.41 7.35 1.00
CA VAL A 89 -2.74 6.14 0.28
C VAL A 89 -3.02 6.44 -1.19
N SER A 90 -2.39 5.66 -2.08
CA SER A 90 -2.58 5.85 -3.52
C SER A 90 -2.79 4.51 -4.22
N PHE A 91 -2.84 4.55 -5.55
CA PHE A 91 -3.04 3.35 -6.35
C PHE A 91 -1.70 2.72 -6.72
N ALA A 92 -0.87 2.45 -5.72
CA ALA A 92 0.44 1.85 -5.95
C ALA A 92 1.18 2.56 -7.08
N THR A 93 1.66 3.77 -6.79
CA THR A 93 2.38 4.57 -7.78
C THR A 93 1.44 4.98 -8.91
N ARG A 94 1.87 5.96 -9.70
CA ARG A 94 1.06 6.44 -10.81
C ARG A 94 1.94 6.93 -11.95
N ARG A 95 1.58 6.56 -13.17
CA ARG A 95 2.33 6.96 -14.35
C ARG A 95 3.78 6.48 -14.28
N ALA A 96 4.11 5.48 -15.07
CA ALA A 96 5.46 4.91 -15.09
C ALA A 96 6.48 5.98 -15.46
N ASP A 97 7.76 5.61 -15.38
CA ASP A 97 8.84 6.54 -15.71
C ASP A 97 9.57 6.10 -16.97
N PHE A 98 8.80 5.71 -17.99
CA PHE A 98 9.37 5.26 -19.25
C PHE A 98 8.49 5.67 -20.42
N ASN A 99 7.36 4.98 -20.58
CA ASN A 99 6.43 5.27 -21.67
C ASN A 99 5.17 4.42 -21.54
N ARG A 100 5.36 3.11 -21.37
CA ARG A 100 4.23 2.19 -21.25
C ARG A 100 4.72 0.77 -20.99
N GLY A 101 5.39 0.19 -21.98
CA GLY A 101 5.90 -1.16 -21.84
C GLY A 101 7.09 -1.44 -22.75
N GLY A 102 8.27 -1.57 -22.16
CA GLY A 102 9.46 -1.84 -22.93
C GLY A 102 10.72 -1.34 -22.24
N GLY A 103 11.81 -2.09 -22.41
CA GLY A 103 13.07 -1.69 -21.79
C GLY A 103 14.07 -2.83 -21.79
N ASN A 104 14.83 -2.95 -20.70
CA ASN A 104 15.83 -3.99 -20.57
C ASN A 104 15.38 -5.08 -19.61
N GLY A 105 14.06 -5.26 -19.50
CA GLY A 105 13.52 -6.26 -18.61
C GLY A 105 13.99 -6.10 -17.18
N ARG A 106 14.30 -4.85 -16.80
CA ARG A 106 14.76 -4.56 -15.44
C ARG A 106 13.89 -3.50 -14.79
N GLY A 107 13.14 -3.91 -13.78
CA GLY A 107 12.27 -2.99 -13.08
C GLY A 107 10.88 -2.93 -13.67
N GLY A 108 10.81 -2.78 -15.00
CA GLY A 108 9.52 -2.73 -15.66
C GLY A 108 9.11 -1.30 -16.01
N GLU A 1 0.47 2.81 -24.05
CA GLU A 1 0.92 1.65 -23.23
C GLU A 1 -0.23 1.11 -22.38
N GLN A 2 0.08 0.12 -21.54
CA GLN A 2 -0.92 -0.49 -20.68
C GLN A 2 -1.55 0.55 -19.75
N ASP A 3 -2.88 0.58 -19.70
CA ASP A 3 -3.60 1.51 -18.86
C ASP A 3 -4.22 0.81 -17.66
N ASN A 4 -3.38 0.49 -16.68
CA ASN A 4 -3.84 -0.18 -15.47
C ASN A 4 -3.66 0.71 -14.24
N SER A 5 -4.56 1.68 -14.09
CA SER A 5 -4.50 2.60 -12.97
C SER A 5 -5.56 2.25 -11.91
N ASP A 6 -5.97 0.99 -11.90
CA ASP A 6 -6.97 0.53 -10.95
C ASP A 6 -6.45 -0.66 -10.15
N ASN A 7 -5.13 -0.81 -10.08
CA ASN A 7 -4.51 -1.91 -9.35
C ASN A 7 -4.95 -1.91 -7.90
N ASN A 8 -5.56 -3.02 -7.47
CA ASN A 8 -6.02 -3.16 -6.10
C ASN A 8 -4.89 -2.82 -5.12
N THR A 9 -3.66 -2.99 -5.58
CA THR A 9 -2.50 -2.69 -4.74
C THR A 9 -2.32 -1.18 -4.56
N ILE A 10 -2.41 -0.73 -3.32
CA ILE A 10 -2.24 0.67 -3.01
C ILE A 10 -0.91 0.92 -2.31
N PHE A 11 -0.52 2.17 -2.16
CA PHE A 11 0.73 2.50 -1.49
C PHE A 11 0.54 3.62 -0.47
N VAL A 12 0.90 3.33 0.77
CA VAL A 12 0.76 4.30 1.86
C VAL A 12 2.12 4.78 2.34
N GLN A 13 2.28 6.10 2.39
CA GLN A 13 3.54 6.70 2.85
C GLN A 13 3.32 7.41 4.18
N GLY A 14 4.19 7.14 5.15
CA GLY A 14 4.05 7.78 6.45
C GLY A 14 3.78 6.79 7.56
N LEU A 15 4.34 5.60 7.45
CA LEU A 15 4.15 4.57 8.46
C LEU A 15 4.68 5.06 9.81
N GLY A 16 5.98 4.91 10.03
CA GLY A 16 6.58 5.38 11.27
C GLY A 16 6.69 4.30 12.34
N GLU A 17 7.87 3.70 12.46
CA GLU A 17 8.12 2.66 13.47
C GLU A 17 6.99 1.66 13.55
N ASN A 18 6.31 1.42 12.43
CA ASN A 18 5.20 0.48 12.39
C ASN A 18 5.18 -0.27 11.06
N VAL A 19 6.37 -0.46 10.49
CA VAL A 19 6.49 -1.15 9.21
C VAL A 19 6.31 -2.66 9.37
N THR A 20 5.08 -3.08 9.65
CA THR A 20 4.77 -4.49 9.81
C THR A 20 3.56 -4.87 8.96
N ILE A 21 3.56 -6.10 8.45
CA ILE A 21 2.47 -6.57 7.61
C ILE A 21 1.20 -6.80 8.43
N GLU A 22 1.36 -7.40 9.61
CA GLU A 22 0.21 -7.69 10.47
C GLU A 22 -0.40 -6.38 10.99
N SER A 23 0.46 -5.43 11.35
CA SER A 23 -0.01 -4.15 11.85
C SER A 23 -0.71 -3.36 10.76
N VAL A 24 -0.15 -3.38 9.57
CA VAL A 24 -0.73 -2.68 8.44
C VAL A 24 -1.99 -3.41 7.99
N ALA A 25 -1.90 -4.73 8.00
CA ALA A 25 -3.03 -5.58 7.61
C ALA A 25 -4.15 -5.48 8.63
N ASP A 26 -3.78 -5.23 9.88
CA ASP A 26 -4.75 -5.12 10.97
C ASP A 26 -5.58 -3.84 10.86
N TYR A 27 -4.93 -2.73 10.53
CA TYR A 27 -5.64 -1.45 10.43
C TYR A 27 -6.22 -1.22 9.03
N PHE A 28 -5.63 -1.86 8.02
CA PHE A 28 -6.11 -1.72 6.65
C PHE A 28 -7.03 -2.88 6.26
N LYS A 29 -7.73 -3.42 7.25
CA LYS A 29 -8.65 -4.52 7.02
C LYS A 29 -10.09 -4.11 7.29
N GLN A 30 -10.29 -2.83 7.64
CA GLN A 30 -11.63 -2.33 7.92
C GLN A 30 -12.34 -1.89 6.65
N ILE A 31 -11.66 -1.04 5.87
CA ILE A 31 -12.22 -0.54 4.63
C ILE A 31 -12.38 -1.67 3.61
N GLY A 32 -11.54 -2.70 3.73
CA GLY A 32 -11.61 -3.82 2.83
C GLY A 32 -10.64 -4.93 3.20
N ILE A 33 -10.53 -5.93 2.32
CA ILE A 33 -9.64 -7.05 2.57
C ILE A 33 -8.30 -6.88 1.87
N ILE A 34 -7.23 -7.34 2.52
CA ILE A 34 -5.89 -7.24 1.94
C ILE A 34 -5.50 -8.56 1.27
N LYS A 35 -5.09 -8.49 0.01
CA LYS A 35 -4.68 -9.69 -0.73
C LYS A 35 -3.70 -10.51 0.08
N THR A 36 -4.18 -11.55 0.72
CA THR A 36 -3.33 -12.42 1.52
C THR A 36 -2.68 -13.50 0.68
N ASN A 37 -1.55 -13.95 1.19
CA ASN A 37 -0.77 -14.99 0.56
C ASN A 37 -1.46 -16.34 0.65
N LYS A 38 -2.14 -16.71 -0.42
CA LYS A 38 -2.82 -17.99 -0.48
C LYS A 38 -1.93 -19.13 0.02
N LYS A 39 -0.62 -18.88 0.11
CA LYS A 39 0.33 -19.88 0.58
C LYS A 39 0.55 -19.77 2.08
N THR A 40 0.59 -18.52 2.57
CA THR A 40 0.79 -18.30 4.00
C THR A 40 -0.51 -17.93 4.70
N GLY A 41 -1.58 -17.80 3.92
CA GLY A 41 -2.86 -17.44 4.47
C GLY A 41 -2.82 -16.12 5.23
N GLN A 42 -1.77 -15.32 4.98
CA GLN A 42 -1.64 -14.03 5.64
C GLN A 42 -1.65 -12.87 4.64
N PRO A 43 -2.34 -11.76 4.97
CA PRO A 43 -2.43 -10.60 4.08
C PRO A 43 -1.08 -10.22 3.48
N MET A 44 -1.10 -9.71 2.25
CA MET A 44 0.14 -9.33 1.57
C MET A 44 0.30 -7.80 1.47
N ILE A 45 1.42 -7.33 2.01
CA ILE A 45 1.76 -5.91 1.99
C ILE A 45 3.26 -5.74 1.78
N ASN A 46 3.64 -4.75 0.98
CA ASN A 46 5.05 -4.50 0.71
C ASN A 46 5.59 -3.36 1.56
N LEU A 47 6.87 -3.45 1.92
CA LEU A 47 7.51 -2.43 2.74
C LEU A 47 8.80 -1.93 2.09
N TYR A 48 9.14 -0.68 2.35
CA TYR A 48 10.36 -0.09 1.79
C TYR A 48 11.30 0.35 2.91
N THR A 49 12.59 0.13 2.71
CA THR A 49 13.60 0.50 3.70
C THR A 49 14.68 1.39 3.09
N ASP A 50 15.61 1.85 3.93
CA ASP A 50 16.69 2.70 3.46
C ASP A 50 17.58 1.98 2.47
N ARG A 51 18.15 2.74 1.54
CA ARG A 51 19.02 2.18 0.50
C ARG A 51 19.98 1.13 1.06
N GLU A 52 20.76 1.52 2.06
CA GLU A 52 21.73 0.60 2.67
C GLU A 52 22.00 0.94 4.14
N THR A 53 21.91 2.22 4.50
CA THR A 53 22.17 2.67 5.86
C THR A 53 21.51 1.74 6.89
N GLY A 54 20.40 1.13 6.50
CA GLY A 54 19.70 0.23 7.40
C GLY A 54 18.39 0.80 7.90
N LYS A 55 18.30 2.12 7.98
CA LYS A 55 17.09 2.79 8.45
C LYS A 55 15.86 2.33 7.67
N LEU A 56 14.72 2.94 7.95
CA LEU A 56 13.47 2.59 7.27
C LEU A 56 12.81 3.83 6.67
N LYS A 57 12.35 3.70 5.42
CA LYS A 57 11.70 4.80 4.74
C LYS A 57 10.41 5.20 5.45
N GLY A 58 9.82 4.26 6.18
CA GLY A 58 8.59 4.54 6.90
C GLY A 58 7.38 4.55 5.98
N GLU A 59 7.35 3.62 5.03
CA GLU A 59 6.23 3.53 4.09
C GLU A 59 6.07 2.09 3.57
N ALA A 60 4.87 1.77 3.10
CA ALA A 60 4.60 0.43 2.60
C ALA A 60 3.36 0.39 1.70
N THR A 61 3.30 -0.61 0.83
CA THR A 61 2.17 -0.77 -0.08
C THR A 61 1.25 -1.87 0.42
N VAL A 62 -0.04 -1.64 0.37
CA VAL A 62 -1.02 -2.62 0.83
C VAL A 62 -1.84 -3.18 -0.33
N SER A 63 -1.93 -4.51 -0.38
CA SER A 63 -2.70 -5.16 -1.45
C SER A 63 -4.17 -5.27 -1.05
N PHE A 64 -5.06 -5.32 -2.04
CA PHE A 64 -6.49 -5.42 -1.79
C PHE A 64 -7.11 -6.56 -2.60
N ASP A 65 -7.97 -7.35 -1.96
CA ASP A 65 -8.62 -8.47 -2.62
C ASP A 65 -9.52 -8.00 -3.75
N ASP A 66 -10.16 -6.85 -3.56
CA ASP A 66 -11.05 -6.29 -4.57
C ASP A 66 -10.56 -4.93 -5.04
N PRO A 67 -10.25 -4.80 -6.35
CA PRO A 67 -9.77 -3.55 -6.93
C PRO A 67 -10.53 -2.32 -6.42
N PRO A 68 -11.88 -2.35 -6.47
CA PRO A 68 -12.70 -1.23 -5.99
C PRO A 68 -12.37 -0.91 -4.54
N SER A 69 -11.98 -1.92 -3.79
CA SER A 69 -11.64 -1.75 -2.38
C SER A 69 -10.46 -0.80 -2.24
N ALA A 70 -9.48 -0.92 -3.13
CA ALA A 70 -8.31 -0.06 -3.09
C ALA A 70 -8.72 1.41 -3.16
N LYS A 71 -9.58 1.72 -4.12
CA LYS A 71 -10.08 3.08 -4.30
C LYS A 71 -10.79 3.52 -3.03
N ALA A 72 -11.77 2.73 -2.61
CA ALA A 72 -12.53 3.02 -1.41
C ALA A 72 -11.60 3.32 -0.23
N ALA A 73 -10.47 2.62 -0.20
CA ALA A 73 -9.49 2.82 0.84
C ALA A 73 -8.85 4.19 0.67
N ILE A 74 -8.37 4.44 -0.54
CA ILE A 74 -7.74 5.71 -0.85
C ILE A 74 -8.68 6.84 -0.50
N ASP A 75 -9.95 6.63 -0.77
CA ASP A 75 -10.98 7.63 -0.47
C ASP A 75 -10.90 8.07 0.98
N TRP A 76 -10.39 7.18 1.83
CA TRP A 76 -10.27 7.44 3.25
C TRP A 76 -8.81 7.70 3.66
N PHE A 77 -8.00 6.65 3.59
CA PHE A 77 -6.58 6.73 3.98
C PHE A 77 -5.78 7.75 3.19
N ASP A 78 -6.34 8.32 2.12
CA ASP A 78 -5.62 9.30 1.32
C ASP A 78 -5.49 10.61 2.07
N GLY A 79 -4.79 10.57 3.20
CA GLY A 79 -4.60 11.77 4.00
C GLY A 79 -4.98 11.58 5.44
N LYS A 80 -4.72 10.39 5.98
CA LYS A 80 -5.04 10.10 7.37
C LYS A 80 -3.76 10.06 8.20
N GLU A 81 -3.88 9.68 9.46
CA GLU A 81 -2.72 9.63 10.34
C GLU A 81 -2.41 8.22 10.82
N PHE A 82 -1.13 7.85 10.73
CA PHE A 82 -0.69 6.53 11.17
C PHE A 82 -0.21 6.61 12.62
N SER A 83 -1.05 6.16 13.53
CA SER A 83 -0.72 6.17 14.95
C SER A 83 -0.18 7.53 15.39
N GLY A 84 -0.59 8.58 14.70
CA GLY A 84 -0.14 9.92 15.06
C GLY A 84 0.40 10.72 13.88
N ASN A 85 1.24 10.08 13.06
CA ASN A 85 1.84 10.76 11.90
C ASN A 85 0.86 10.81 10.73
N PRO A 86 1.19 11.57 9.68
CA PRO A 86 0.36 11.71 8.49
C PRO A 86 0.77 10.75 7.39
N ILE A 87 -0.20 10.24 6.64
CA ILE A 87 0.09 9.31 5.55
C ILE A 87 -0.51 9.74 4.22
N LYS A 88 -0.22 8.97 3.18
CA LYS A 88 -0.72 9.25 1.83
C LYS A 88 -0.93 7.94 1.06
N VAL A 89 -2.18 7.64 0.72
CA VAL A 89 -2.50 6.42 -0.01
C VAL A 89 -2.91 6.70 -1.45
N SER A 90 -2.39 5.91 -2.38
CA SER A 90 -2.72 6.07 -3.79
C SER A 90 -2.87 4.70 -4.48
N PHE A 91 -2.82 4.70 -5.81
CA PHE A 91 -2.96 3.46 -6.57
C PHE A 91 -1.58 2.89 -6.92
N ALA A 92 -0.85 2.46 -5.89
CA ALA A 92 0.48 1.89 -6.09
C ALA A 92 1.42 2.89 -6.74
N THR A 93 2.72 2.68 -6.55
CA THR A 93 3.73 3.56 -7.13
C THR A 93 3.67 3.53 -8.65
N ARG A 94 3.77 4.69 -9.27
CA ARG A 94 3.73 4.79 -10.73
C ARG A 94 5.14 4.85 -11.32
N ARG A 95 6.06 4.11 -10.70
CA ARG A 95 7.44 4.07 -11.16
C ARG A 95 8.06 5.47 -11.14
N ALA A 96 7.82 6.20 -10.05
CA ALA A 96 8.35 7.54 -9.91
C ALA A 96 9.87 7.55 -10.01
N ASP A 97 10.38 7.82 -11.21
CA ASP A 97 11.82 7.86 -11.45
C ASP A 97 12.54 6.70 -10.78
N PHE A 98 12.32 5.50 -11.30
CA PHE A 98 12.95 4.30 -10.74
C PHE A 98 12.62 3.07 -11.57
N ASN A 99 13.48 2.76 -12.53
CA ASN A 99 13.27 1.60 -13.41
C ASN A 99 14.33 0.54 -13.16
N ARG A 100 13.90 -0.66 -12.77
CA ARG A 100 14.82 -1.75 -12.50
C ARG A 100 14.77 -2.78 -13.63
N GLY A 101 15.91 -3.01 -14.27
CA GLY A 101 15.99 -3.96 -15.35
C GLY A 101 15.74 -3.32 -16.71
N GLY A 102 16.09 -2.05 -16.82
CA GLY A 102 15.91 -1.34 -18.08
C GLY A 102 16.80 -1.85 -19.18
N GLY A 103 18.11 -1.79 -18.97
CA GLY A 103 19.05 -2.26 -19.96
C GLY A 103 20.30 -1.40 -20.05
N ASN A 104 20.14 -0.12 -19.71
CA ASN A 104 21.25 0.82 -19.75
C ASN A 104 22.17 0.64 -18.55
N GLY A 105 21.70 1.07 -17.39
CA GLY A 105 22.50 0.95 -16.17
C GLY A 105 22.17 2.01 -15.14
N ARG A 106 23.10 2.92 -14.92
CA ARG A 106 22.91 4.00 -13.95
C ARG A 106 22.03 5.10 -14.53
N GLY A 107 20.97 5.45 -13.81
CA GLY A 107 20.07 6.49 -14.27
C GLY A 107 20.40 7.85 -13.67
N GLY A 108 21.63 8.29 -13.88
CA GLY A 108 22.04 9.58 -13.35
C GLY A 108 21.95 10.69 -14.38
N GLU A 1 2.74 -1.07 -17.75
CA GLU A 1 3.05 -2.44 -17.29
C GLU A 1 2.52 -2.68 -15.88
N GLN A 2 1.32 -2.18 -15.61
CA GLN A 2 0.70 -2.34 -14.30
C GLN A 2 -0.82 -2.34 -14.41
N ASP A 3 -1.49 -2.42 -13.27
CA ASP A 3 -2.95 -2.43 -13.24
C ASP A 3 -3.52 -1.15 -13.84
N ASN A 4 -3.46 -0.08 -13.06
CA ASN A 4 -3.97 1.23 -13.50
C ASN A 4 -5.50 1.23 -13.59
N SER A 5 -6.04 0.36 -14.43
CA SER A 5 -7.49 0.26 -14.62
C SER A 5 -8.24 0.33 -13.29
N ASP A 6 -7.86 -0.53 -12.35
CA ASP A 6 -8.50 -0.55 -11.04
C ASP A 6 -7.46 -0.46 -9.92
N ASN A 7 -6.30 -1.07 -10.13
CA ASN A 7 -5.23 -1.06 -9.14
C ASN A 7 -5.72 -1.56 -7.79
N ASN A 8 -5.34 -2.78 -7.45
CA ASN A 8 -5.73 -3.38 -6.17
C ASN A 8 -4.72 -3.02 -5.09
N THR A 9 -3.47 -2.87 -5.49
CA THR A 9 -2.40 -2.53 -4.56
C THR A 9 -2.29 -1.01 -4.41
N ILE A 10 -2.19 -0.55 -3.17
CA ILE A 10 -2.07 0.88 -2.90
C ILE A 10 -0.70 1.24 -2.38
N PHE A 11 -0.45 2.53 -2.23
CA PHE A 11 0.84 3.03 -1.76
C PHE A 11 0.65 3.98 -0.59
N VAL A 12 1.01 3.52 0.62
CA VAL A 12 0.88 4.33 1.82
C VAL A 12 2.25 4.85 2.26
N GLN A 13 2.41 6.16 2.22
CA GLN A 13 3.68 6.78 2.61
C GLN A 13 3.50 7.59 3.89
N GLY A 14 4.38 7.37 4.86
CA GLY A 14 4.29 8.11 6.11
C GLY A 14 4.11 7.20 7.31
N LEU A 15 4.76 6.04 7.29
CA LEU A 15 4.66 5.09 8.38
C LEU A 15 5.55 5.51 9.55
N GLY A 16 6.80 5.07 9.53
CA GLY A 16 7.73 5.43 10.59
C GLY A 16 7.30 4.95 11.96
N GLU A 17 7.95 3.90 12.44
CA GLU A 17 7.66 3.33 13.76
C GLU A 17 6.39 2.48 13.73
N ASN A 18 6.25 1.67 12.69
CA ASN A 18 5.09 0.81 12.54
C ASN A 18 5.31 -0.21 11.43
N VAL A 19 5.97 0.23 10.35
CA VAL A 19 6.26 -0.61 9.18
C VAL A 19 6.16 -2.12 9.47
N THR A 20 4.99 -2.69 9.20
CA THR A 20 4.76 -4.12 9.40
C THR A 20 3.50 -4.56 8.65
N ILE A 21 3.51 -5.79 8.15
CA ILE A 21 2.37 -6.33 7.41
C ILE A 21 1.18 -6.61 8.32
N GLU A 22 1.45 -7.17 9.49
CA GLU A 22 0.38 -7.50 10.43
C GLU A 22 -0.28 -6.24 10.96
N SER A 23 0.53 -5.24 11.30
CA SER A 23 0.02 -3.99 11.83
C SER A 23 -0.80 -3.26 10.76
N VAL A 24 -0.34 -3.34 9.52
CA VAL A 24 -1.05 -2.71 8.42
C VAL A 24 -2.29 -3.51 8.07
N ALA A 25 -2.13 -4.83 8.08
CA ALA A 25 -3.23 -5.73 7.79
C ALA A 25 -4.28 -5.67 8.89
N ASP A 26 -3.83 -5.42 10.12
CA ASP A 26 -4.73 -5.35 11.27
C ASP A 26 -5.54 -4.05 11.28
N TYR A 27 -4.93 -2.95 10.84
CA TYR A 27 -5.61 -1.67 10.82
C TYR A 27 -6.22 -1.36 9.45
N PHE A 28 -5.68 -1.97 8.40
CA PHE A 28 -6.18 -1.74 7.04
C PHE A 28 -7.18 -2.83 6.63
N LYS A 29 -7.86 -3.41 7.62
CA LYS A 29 -8.86 -4.45 7.35
C LYS A 29 -10.26 -3.93 7.59
N GLN A 30 -10.43 -2.61 7.54
CA GLN A 30 -11.74 -2.00 7.75
C GLN A 30 -12.32 -1.51 6.42
N ILE A 31 -11.44 -1.15 5.50
CA ILE A 31 -11.85 -0.67 4.18
C ILE A 31 -12.14 -1.84 3.24
N GLY A 32 -11.44 -2.95 3.45
CA GLY A 32 -11.62 -4.11 2.61
C GLY A 32 -10.73 -5.28 3.02
N ILE A 33 -10.57 -6.24 2.12
CA ILE A 33 -9.75 -7.41 2.39
C ILE A 33 -8.36 -7.27 1.79
N ILE A 34 -7.35 -7.77 2.51
CA ILE A 34 -5.97 -7.70 2.03
C ILE A 34 -5.57 -9.03 1.40
N LYS A 35 -4.90 -8.95 0.25
CA LYS A 35 -4.46 -10.15 -0.48
C LYS A 35 -3.76 -11.17 0.42
N THR A 36 -4.51 -12.15 0.91
CA THR A 36 -3.92 -13.19 1.73
C THR A 36 -3.00 -14.06 0.90
N ASN A 37 -1.92 -14.56 1.51
CA ASN A 37 -0.97 -15.40 0.78
C ASN A 37 -1.18 -16.87 1.08
N LYS A 38 -0.94 -17.70 0.07
CA LYS A 38 -1.10 -19.15 0.22
C LYS A 38 0.09 -19.75 0.98
N LYS A 39 1.10 -18.93 1.23
CA LYS A 39 2.28 -19.38 1.95
C LYS A 39 2.04 -19.32 3.46
N THR A 40 1.59 -18.18 3.93
CA THR A 40 1.30 -18.00 5.35
C THR A 40 -0.19 -17.95 5.62
N GLY A 41 -0.99 -17.91 4.55
CA GLY A 41 -2.42 -17.82 4.72
C GLY A 41 -2.83 -16.49 5.30
N GLN A 42 -1.92 -15.51 5.26
CA GLN A 42 -2.21 -14.18 5.79
C GLN A 42 -2.07 -13.10 4.73
N PRO A 43 -2.62 -11.90 5.00
CA PRO A 43 -2.56 -10.76 4.06
C PRO A 43 -1.19 -10.56 3.43
N MET A 44 -1.16 -9.81 2.33
CA MET A 44 0.08 -9.53 1.62
C MET A 44 0.30 -8.01 1.49
N ILE A 45 1.40 -7.55 2.08
CA ILE A 45 1.74 -6.12 2.03
C ILE A 45 3.26 -5.96 1.87
N ASN A 46 3.66 -4.87 1.23
CA ASN A 46 5.07 -4.59 1.01
C ASN A 46 5.50 -3.34 1.78
N LEU A 47 6.75 -3.33 2.22
CA LEU A 47 7.28 -2.20 2.96
C LEU A 47 8.62 -1.75 2.41
N TYR A 48 9.09 -0.59 2.85
CA TYR A 48 10.37 -0.06 2.39
C TYR A 48 11.30 0.21 3.57
N THR A 49 12.28 -0.67 3.76
CA THR A 49 13.23 -0.53 4.86
C THR A 49 14.66 -0.68 4.34
N ASP A 50 15.58 0.09 4.91
CA ASP A 50 16.98 0.03 4.51
C ASP A 50 17.67 -1.20 5.09
N ARG A 51 17.92 -2.19 4.24
CA ARG A 51 18.57 -3.42 4.66
C ARG A 51 20.09 -3.31 4.57
N GLU A 52 20.59 -2.11 4.28
CA GLU A 52 22.03 -1.89 4.15
C GLU A 52 22.63 -1.51 5.50
N THR A 53 21.89 -0.71 6.26
CA THR A 53 22.35 -0.28 7.58
C THR A 53 21.40 -0.75 8.68
N GLY A 54 20.11 -0.74 8.38
CA GLY A 54 19.13 -1.18 9.36
C GLY A 54 18.11 -0.10 9.71
N LYS A 55 17.84 0.78 8.76
CA LYS A 55 16.88 1.85 8.98
C LYS A 55 15.53 1.52 8.35
N LEU A 56 14.64 2.50 8.28
CA LEU A 56 13.32 2.30 7.70
C LEU A 56 12.92 3.52 6.87
N LYS A 57 12.49 3.28 5.64
CA LYS A 57 12.09 4.36 4.74
C LYS A 57 10.79 5.00 5.19
N GLY A 58 9.74 4.19 5.27
CA GLY A 58 8.44 4.70 5.69
C GLY A 58 7.41 4.59 4.58
N GLU A 59 7.59 3.60 3.72
CA GLU A 59 6.69 3.37 2.60
C GLU A 59 6.26 1.91 2.52
N ALA A 60 4.97 1.67 2.33
CA ALA A 60 4.46 0.31 2.24
C ALA A 60 3.26 0.23 1.31
N THR A 61 3.18 -0.87 0.56
CA THR A 61 2.07 -1.07 -0.37
C THR A 61 1.16 -2.18 0.12
N VAL A 62 -0.10 -1.83 0.36
CA VAL A 62 -1.09 -2.79 0.83
C VAL A 62 -1.87 -3.40 -0.34
N SER A 63 -1.84 -4.72 -0.44
CA SER A 63 -2.55 -5.40 -1.53
C SER A 63 -3.94 -5.84 -1.07
N PHE A 64 -4.96 -5.52 -1.86
CA PHE A 64 -6.33 -5.88 -1.53
C PHE A 64 -6.86 -6.95 -2.48
N ASP A 65 -7.77 -7.77 -1.97
CA ASP A 65 -8.37 -8.85 -2.76
C ASP A 65 -9.39 -8.30 -3.75
N ASP A 66 -9.84 -7.06 -3.52
CA ASP A 66 -10.82 -6.44 -4.40
C ASP A 66 -10.32 -5.07 -4.88
N PRO A 67 -10.11 -4.92 -6.20
CA PRO A 67 -9.64 -3.65 -6.78
C PRO A 67 -10.36 -2.44 -6.21
N PRO A 68 -11.71 -2.45 -6.20
CA PRO A 68 -12.49 -1.33 -5.66
C PRO A 68 -12.05 -0.99 -4.24
N SER A 69 -11.59 -2.01 -3.52
CA SER A 69 -11.13 -1.85 -2.15
C SER A 69 -10.05 -0.78 -2.07
N ALA A 70 -9.05 -0.89 -2.93
CA ALA A 70 -7.95 0.08 -2.94
C ALA A 70 -8.49 1.50 -3.04
N LYS A 71 -9.44 1.71 -3.93
CA LYS A 71 -10.06 3.01 -4.11
C LYS A 71 -10.67 3.49 -2.80
N ALA A 72 -11.53 2.66 -2.23
CA ALA A 72 -12.20 2.97 -0.98
C ALA A 72 -11.22 3.48 0.07
N ALA A 73 -10.03 2.89 0.11
CA ALA A 73 -9.02 3.32 1.07
C ALA A 73 -8.52 4.70 0.70
N ILE A 74 -8.24 4.88 -0.57
CA ILE A 74 -7.77 6.16 -1.06
C ILE A 74 -8.81 7.25 -0.80
N ASP A 75 -10.06 6.84 -0.85
CA ASP A 75 -11.18 7.74 -0.66
C ASP A 75 -11.17 8.38 0.73
N TRP A 76 -10.85 7.60 1.76
CA TRP A 76 -10.84 8.11 3.12
C TRP A 76 -9.42 8.33 3.66
N PHE A 77 -8.56 7.36 3.44
CA PHE A 77 -7.17 7.44 3.91
C PHE A 77 -6.48 8.65 3.31
N ASP A 78 -6.12 8.53 2.03
CA ASP A 78 -5.44 9.60 1.27
C ASP A 78 -5.18 10.84 2.12
N GLY A 79 -4.36 10.67 3.14
CA GLY A 79 -4.05 11.79 4.03
C GLY A 79 -4.65 11.61 5.41
N LYS A 80 -4.67 10.37 5.90
CA LYS A 80 -5.22 10.07 7.22
C LYS A 80 -4.10 9.99 8.27
N GLU A 81 -4.38 9.30 9.38
CA GLU A 81 -3.39 9.14 10.44
C GLU A 81 -2.97 7.69 10.59
N PHE A 82 -1.67 7.46 10.59
CA PHE A 82 -1.10 6.12 10.72
C PHE A 82 -0.16 6.06 11.92
N SER A 83 -0.62 5.42 13.00
CA SER A 83 0.18 5.30 14.21
C SER A 83 0.54 6.68 14.76
N GLY A 84 -0.34 7.65 14.52
CA GLY A 84 -0.11 9.00 15.01
C GLY A 84 0.70 9.85 14.04
N ASN A 85 0.77 9.42 12.79
CA ASN A 85 1.52 10.16 11.76
C ASN A 85 0.66 10.39 10.52
N PRO A 86 1.11 11.28 9.63
CA PRO A 86 0.39 11.59 8.40
C PRO A 86 0.82 10.68 7.24
N ILE A 87 -0.15 10.07 6.57
CA ILE A 87 0.16 9.18 5.46
C ILE A 87 -0.56 9.60 4.19
N LYS A 88 -0.17 9.01 3.06
CA LYS A 88 -0.79 9.33 1.77
C LYS A 88 -1.00 8.06 0.94
N VAL A 89 -2.24 7.58 0.90
CA VAL A 89 -2.57 6.39 0.14
C VAL A 89 -2.86 6.74 -1.31
N SER A 90 -2.30 5.94 -2.23
CA SER A 90 -2.50 6.17 -3.65
C SER A 90 -2.68 4.86 -4.41
N PHE A 91 -2.72 4.96 -5.74
CA PHE A 91 -2.90 3.79 -6.59
C PHE A 91 -1.54 3.26 -7.06
N ALA A 92 -0.67 2.94 -6.11
CA ALA A 92 0.66 2.42 -6.43
C ALA A 92 1.37 3.35 -7.41
N THR A 93 2.24 4.21 -6.87
CA THR A 93 2.98 5.16 -7.70
C THR A 93 2.03 6.09 -8.45
N ARG A 94 2.58 7.18 -8.98
CA ARG A 94 1.77 8.16 -9.71
C ARG A 94 2.19 8.24 -11.18
N ARG A 95 3.41 7.84 -11.48
CA ARG A 95 3.92 7.87 -12.85
C ARG A 95 4.21 9.31 -13.29
N ALA A 96 4.92 10.05 -12.44
CA ALA A 96 5.26 11.43 -12.74
C ALA A 96 6.07 11.53 -14.03
N ASP A 97 5.45 12.07 -15.06
CA ASP A 97 6.11 12.22 -16.36
C ASP A 97 5.20 12.94 -17.37
N PHE A 98 5.70 13.15 -18.57
CA PHE A 98 4.94 13.81 -19.62
C PHE A 98 5.06 13.07 -20.94
N ASN A 99 5.06 11.74 -20.87
CA ASN A 99 5.17 10.92 -22.06
C ASN A 99 3.81 10.44 -22.53
N ARG A 100 3.11 11.29 -23.27
CA ARG A 100 1.78 10.95 -23.78
C ARG A 100 0.79 10.72 -22.63
N GLY A 101 -0.25 11.53 -22.58
CA GLY A 101 -1.25 11.39 -21.53
C GLY A 101 -2.39 12.37 -21.69
N GLY A 102 -3.46 12.15 -20.93
CA GLY A 102 -4.61 13.03 -21.01
C GLY A 102 -4.30 14.44 -20.51
N GLY A 103 -5.11 15.40 -20.94
CA GLY A 103 -4.90 16.77 -20.53
C GLY A 103 -6.19 17.56 -20.43
N ASN A 104 -6.08 18.88 -20.43
CA ASN A 104 -7.25 19.75 -20.35
C ASN A 104 -7.00 21.07 -21.05
N GLY A 105 -6.02 21.82 -20.58
CA GLY A 105 -5.70 23.10 -21.18
C GLY A 105 -5.28 22.96 -22.63
N ARG A 106 -6.22 23.20 -23.54
CA ARG A 106 -5.94 23.11 -24.97
C ARG A 106 -5.06 24.27 -25.43
N GLY A 107 -4.27 24.03 -26.47
CA GLY A 107 -3.39 25.07 -26.99
C GLY A 107 -1.94 24.82 -26.64
N GLY A 108 -1.58 23.56 -26.47
CA GLY A 108 -0.20 23.21 -26.12
C GLY A 108 0.16 21.80 -26.53
N GLU A 1 -6.12 -2.04 -20.18
CA GLU A 1 -5.30 -0.88 -20.58
C GLU A 1 -5.83 0.41 -19.97
N GLN A 2 -6.36 0.31 -18.76
CA GLN A 2 -6.92 1.47 -18.06
C GLN A 2 -6.34 1.59 -16.66
N ASP A 3 -6.84 2.55 -15.90
CA ASP A 3 -6.37 2.76 -14.53
C ASP A 3 -7.52 3.17 -13.62
N ASN A 4 -8.04 2.21 -12.86
CA ASN A 4 -9.14 2.47 -11.94
C ASN A 4 -9.51 1.21 -11.16
N SER A 5 -10.16 0.26 -11.83
CA SER A 5 -10.57 -0.98 -11.20
C SER A 5 -9.68 -2.15 -11.65
N ASP A 6 -8.47 -1.82 -12.09
CA ASP A 6 -7.53 -2.84 -12.56
C ASP A 6 -6.30 -2.89 -11.67
N ASN A 7 -6.48 -2.57 -10.39
CA ASN A 7 -5.37 -2.57 -9.44
C ASN A 7 -5.87 -2.40 -8.01
N ASN A 8 -5.60 -3.40 -7.17
CA ASN A 8 -6.02 -3.37 -5.78
C ASN A 8 -4.87 -2.96 -4.87
N THR A 9 -3.65 -3.05 -5.39
CA THR A 9 -2.46 -2.69 -4.62
C THR A 9 -2.37 -1.18 -4.42
N ILE A 10 -2.42 -0.76 -3.15
CA ILE A 10 -2.34 0.65 -2.82
C ILE A 10 -0.96 0.97 -2.24
N PHE A 11 -0.62 2.25 -2.19
CA PHE A 11 0.67 2.68 -1.66
C PHE A 11 0.50 3.71 -0.56
N VAL A 12 0.93 3.35 0.65
CA VAL A 12 0.83 4.24 1.80
C VAL A 12 2.20 4.74 2.24
N GLN A 13 2.42 6.05 2.12
CA GLN A 13 3.69 6.65 2.49
C GLN A 13 3.53 7.56 3.70
N GLY A 14 4.42 7.41 4.68
CA GLY A 14 4.35 8.24 5.87
C GLY A 14 4.00 7.45 7.12
N LEU A 15 4.97 6.70 7.64
CA LEU A 15 4.76 5.90 8.83
C LEU A 15 5.79 6.26 9.90
N GLY A 16 7.02 5.77 9.72
CA GLY A 16 8.07 6.07 10.69
C GLY A 16 8.75 4.82 11.22
N GLU A 17 9.44 4.11 10.34
CA GLU A 17 10.17 2.89 10.72
C GLU A 17 9.33 2.00 11.63
N ASN A 18 8.01 2.05 11.46
CA ASN A 18 7.10 1.23 12.26
C ASN A 18 6.10 0.48 11.38
N VAL A 19 6.26 0.60 10.06
CA VAL A 19 5.37 -0.05 9.13
C VAL A 19 5.50 -1.57 9.19
N THR A 20 4.46 -2.22 9.71
CA THR A 20 4.45 -3.68 9.83
C THR A 20 3.29 -4.26 9.04
N ILE A 21 3.45 -5.48 8.55
CA ILE A 21 2.42 -6.15 7.78
C ILE A 21 1.15 -6.36 8.60
N GLU A 22 1.32 -6.89 9.79
CA GLU A 22 0.19 -7.14 10.67
C GLU A 22 -0.45 -5.83 11.12
N SER A 23 0.38 -4.86 11.44
CA SER A 23 -0.11 -3.55 11.88
C SER A 23 -0.83 -2.84 10.74
N VAL A 24 -0.27 -2.94 9.53
CA VAL A 24 -0.89 -2.31 8.38
C VAL A 24 -2.12 -3.09 7.97
N ALA A 25 -2.01 -4.41 8.04
CA ALA A 25 -3.10 -5.31 7.70
C ALA A 25 -4.22 -5.20 8.73
N ASP A 26 -3.86 -4.88 9.96
CA ASP A 26 -4.83 -4.75 11.05
C ASP A 26 -5.66 -3.48 10.91
N TYR A 27 -5.03 -2.39 10.52
CA TYR A 27 -5.74 -1.13 10.37
C TYR A 27 -6.41 -1.02 9.00
N PHE A 28 -5.91 -1.78 8.03
CA PHE A 28 -6.48 -1.77 6.67
C PHE A 28 -7.58 -2.81 6.53
N LYS A 29 -7.96 -3.45 7.63
CA LYS A 29 -9.01 -4.47 7.60
C LYS A 29 -10.38 -3.88 7.88
N GLN A 30 -10.48 -2.55 7.81
CA GLN A 30 -11.74 -1.87 8.06
C GLN A 30 -12.35 -1.40 6.74
N ILE A 31 -11.49 -1.07 5.78
CA ILE A 31 -11.95 -0.61 4.47
C ILE A 31 -12.17 -1.78 3.52
N GLY A 32 -11.32 -2.80 3.62
CA GLY A 32 -11.45 -3.96 2.76
C GLY A 32 -10.51 -5.08 3.14
N ILE A 33 -10.42 -6.08 2.27
CA ILE A 33 -9.55 -7.23 2.52
C ILE A 33 -8.17 -7.04 1.90
N ILE A 34 -7.15 -7.54 2.59
CA ILE A 34 -5.78 -7.44 2.10
C ILE A 34 -5.35 -8.72 1.40
N LYS A 35 -4.90 -8.58 0.15
CA LYS A 35 -4.46 -9.73 -0.64
C LYS A 35 -3.44 -10.57 0.12
N THR A 36 -3.91 -11.57 0.85
CA THR A 36 -3.02 -12.43 1.61
C THR A 36 -2.41 -13.49 0.71
N ASN A 37 -1.40 -14.17 1.22
CA ASN A 37 -0.71 -15.20 0.47
C ASN A 37 -1.32 -16.57 0.69
N LYS A 38 -1.34 -17.37 -0.38
CA LYS A 38 -1.88 -18.72 -0.30
C LYS A 38 -0.86 -19.69 0.30
N LYS A 39 0.33 -19.17 0.59
CA LYS A 39 1.39 -19.98 1.19
C LYS A 39 1.38 -19.86 2.70
N THR A 40 1.26 -18.63 3.19
CA THR A 40 1.22 -18.37 4.62
C THR A 40 -0.17 -17.97 5.07
N GLY A 41 -1.09 -17.82 4.11
CA GLY A 41 -2.43 -17.43 4.44
C GLY A 41 -2.50 -16.10 5.16
N GLN A 42 -1.43 -15.31 5.05
CA GLN A 42 -1.39 -14.01 5.72
C GLN A 42 -1.35 -12.87 4.71
N PRO A 43 -2.02 -11.74 5.01
CA PRO A 43 -2.06 -10.57 4.12
C PRO A 43 -0.68 -10.24 3.55
N MET A 44 -0.64 -9.72 2.32
CA MET A 44 0.62 -9.38 1.70
C MET A 44 0.77 -7.87 1.48
N ILE A 45 1.88 -7.34 1.98
CA ILE A 45 2.19 -5.93 1.87
C ILE A 45 3.69 -5.74 1.67
N ASN A 46 4.07 -4.83 0.77
CA ASN A 46 5.47 -4.57 0.48
C ASN A 46 5.97 -3.35 1.26
N LEU A 47 6.98 -3.55 2.10
CA LEU A 47 7.54 -2.46 2.88
C LEU A 47 8.94 -2.10 2.40
N TYR A 48 9.30 -0.83 2.55
CA TYR A 48 10.61 -0.35 2.13
C TYR A 48 11.52 -0.13 3.35
N THR A 49 12.82 -0.34 3.15
CA THR A 49 13.79 -0.16 4.23
C THR A 49 15.12 0.34 3.69
N ASP A 50 15.94 0.89 4.57
CA ASP A 50 17.25 1.42 4.19
C ASP A 50 18.25 0.29 3.97
N ARG A 51 18.77 0.19 2.76
CA ARG A 51 19.75 -0.84 2.41
C ARG A 51 21.12 -0.54 2.99
N GLU A 52 21.28 0.64 3.59
CA GLU A 52 22.56 1.04 4.17
C GLU A 52 22.57 0.79 5.67
N THR A 53 21.79 1.57 6.40
CA THR A 53 21.71 1.44 7.85
C THR A 53 21.04 0.12 8.24
N GLY A 54 20.13 -0.34 7.39
CA GLY A 54 19.44 -1.58 7.66
C GLY A 54 18.33 -1.42 8.69
N LYS A 55 17.36 -0.57 8.39
CA LYS A 55 16.25 -0.32 9.30
C LYS A 55 14.92 -0.33 8.55
N LEU A 56 14.35 0.86 8.32
CA LEU A 56 13.07 0.96 7.61
C LEU A 56 12.93 2.34 6.96
N LYS A 57 12.23 2.39 5.83
CA LYS A 57 12.02 3.64 5.12
C LYS A 57 10.91 4.46 5.76
N GLY A 58 9.82 3.79 6.14
CA GLY A 58 8.70 4.46 6.76
C GLY A 58 7.49 4.52 5.85
N GLU A 59 7.40 3.57 4.92
CA GLU A 59 6.30 3.50 3.98
C GLU A 59 6.18 2.09 3.40
N ALA A 60 5.01 1.75 2.87
CA ALA A 60 4.81 0.42 2.30
C ALA A 60 3.56 0.35 1.44
N THR A 61 3.59 -0.53 0.45
CA THR A 61 2.46 -0.74 -0.44
C THR A 61 1.62 -1.93 0.05
N VAL A 62 0.33 -1.71 0.21
CA VAL A 62 -0.56 -2.75 0.70
C VAL A 62 -1.46 -3.31 -0.42
N SER A 63 -1.57 -4.63 -0.48
CA SER A 63 -2.39 -5.27 -1.49
C SER A 63 -3.79 -5.56 -0.95
N PHE A 64 -4.81 -5.32 -1.78
CA PHE A 64 -6.21 -5.55 -1.38
C PHE A 64 -6.86 -6.66 -2.21
N ASP A 65 -7.69 -7.46 -1.55
CA ASP A 65 -8.38 -8.56 -2.22
C ASP A 65 -9.37 -8.07 -3.28
N ASP A 66 -9.78 -6.81 -3.16
CA ASP A 66 -10.73 -6.23 -4.11
C ASP A 66 -10.22 -4.90 -4.67
N PRO A 67 -9.95 -4.84 -5.98
CA PRO A 67 -9.47 -3.62 -6.63
C PRO A 67 -10.27 -2.38 -6.25
N PRO A 68 -11.62 -2.43 -6.37
CA PRO A 68 -12.46 -1.30 -6.00
C PRO A 68 -12.25 -0.90 -4.55
N SER A 69 -11.92 -1.88 -3.72
CA SER A 69 -11.68 -1.64 -2.31
C SER A 69 -10.50 -0.69 -2.12
N ALA A 70 -9.49 -0.82 -2.99
CA ALA A 70 -8.32 0.04 -2.90
C ALA A 70 -8.71 1.50 -3.05
N LYS A 71 -9.57 1.78 -4.02
CA LYS A 71 -10.03 3.15 -4.25
C LYS A 71 -10.76 3.66 -3.02
N ALA A 72 -11.78 2.91 -2.59
CA ALA A 72 -12.56 3.28 -1.42
C ALA A 72 -11.65 3.64 -0.25
N ALA A 73 -10.51 2.96 -0.17
CA ALA A 73 -9.55 3.22 0.89
C ALA A 73 -8.94 4.58 0.68
N ILE A 74 -8.48 4.83 -0.54
CA ILE A 74 -7.88 6.09 -0.90
C ILE A 74 -8.83 7.23 -0.60
N ASP A 75 -10.10 6.98 -0.82
CA ASP A 75 -11.13 7.97 -0.56
C ASP A 75 -11.27 8.23 0.94
N TRP A 76 -10.92 7.21 1.72
CA TRP A 76 -11.02 7.29 3.17
C TRP A 76 -9.75 7.89 3.79
N PHE A 77 -8.66 7.15 3.70
CA PHE A 77 -7.40 7.54 4.30
C PHE A 77 -6.77 8.73 3.59
N ASP A 78 -6.15 8.47 2.44
CA ASP A 78 -5.47 9.52 1.65
C ASP A 78 -5.12 10.73 2.52
N GLY A 79 -4.40 10.48 3.60
CA GLY A 79 -4.01 11.55 4.51
C GLY A 79 -4.42 11.27 5.95
N LYS A 80 -4.62 9.99 6.26
CA LYS A 80 -5.03 9.57 7.59
C LYS A 80 -3.84 9.52 8.54
N GLU A 81 -4.03 8.87 9.69
CA GLU A 81 -2.97 8.77 10.69
C GLU A 81 -2.53 7.32 10.88
N PHE A 82 -1.22 7.15 11.08
CA PHE A 82 -0.62 5.84 11.30
C PHE A 82 0.16 5.88 12.61
N SER A 83 -0.42 5.34 13.66
CA SER A 83 0.23 5.34 14.98
C SER A 83 0.67 6.77 15.34
N GLY A 84 -0.02 7.75 14.77
CA GLY A 84 0.29 9.15 15.03
C GLY A 84 1.11 9.78 13.92
N ASN A 85 1.02 9.23 12.71
CA ASN A 85 1.76 9.76 11.57
C ASN A 85 0.87 9.98 10.36
N PRO A 86 1.24 10.93 9.48
CA PRO A 86 0.47 11.22 8.27
C PRO A 86 0.79 10.23 7.14
N ILE A 87 -0.24 9.75 6.45
CA ILE A 87 -0.03 8.80 5.36
C ILE A 87 -0.76 9.19 4.09
N LYS A 88 -0.24 8.73 2.96
CA LYS A 88 -0.85 9.01 1.66
C LYS A 88 -1.15 7.71 0.92
N VAL A 89 -2.41 7.29 0.95
CA VAL A 89 -2.82 6.06 0.29
C VAL A 89 -3.38 6.34 -1.10
N SER A 90 -2.72 5.78 -2.12
CA SER A 90 -3.17 5.96 -3.50
C SER A 90 -3.03 4.67 -4.29
N PHE A 91 -3.47 4.70 -5.54
CA PHE A 91 -3.40 3.53 -6.41
C PHE A 91 -1.95 3.22 -6.79
N ALA A 92 -1.43 2.12 -6.26
CA ALA A 92 -0.06 1.71 -6.54
C ALA A 92 0.01 0.90 -7.83
N THR A 93 0.17 1.60 -8.95
CA THR A 93 0.26 0.94 -10.24
C THR A 93 1.58 0.18 -10.39
N ARG A 94 1.58 -0.86 -11.20
CA ARG A 94 2.78 -1.66 -11.42
C ARG A 94 3.23 -2.33 -10.13
N ARG A 95 3.29 -3.65 -10.14
CA ARG A 95 3.71 -4.41 -8.97
C ARG A 95 4.49 -5.66 -9.38
N ALA A 96 5.81 -5.58 -9.31
CA ALA A 96 6.67 -6.70 -9.67
C ALA A 96 6.47 -7.09 -11.13
N ASP A 97 7.49 -7.72 -11.71
CA ASP A 97 7.43 -8.14 -13.11
C ASP A 97 6.58 -9.40 -13.26
N PHE A 98 6.50 -9.91 -14.49
CA PHE A 98 5.72 -11.12 -14.76
C PHE A 98 4.23 -10.86 -14.57
N ASN A 99 3.42 -11.84 -14.95
CA ASN A 99 1.97 -11.72 -14.82
C ASN A 99 1.34 -13.07 -14.46
N ARG A 100 0.09 -13.28 -14.88
CA ARG A 100 -0.61 -14.53 -14.60
C ARG A 100 -0.89 -14.68 -13.11
N GLY A 101 -2.06 -15.24 -12.78
CA GLY A 101 -2.42 -15.42 -11.39
C GLY A 101 -3.72 -14.71 -11.03
N GLY A 102 -4.60 -15.41 -10.35
CA GLY A 102 -5.88 -14.82 -9.95
C GLY A 102 -6.93 -15.86 -9.63
N GLY A 103 -6.60 -16.76 -8.71
CA GLY A 103 -7.54 -17.80 -8.33
C GLY A 103 -8.22 -17.50 -7.01
N ASN A 104 -7.47 -16.99 -6.06
CA ASN A 104 -8.01 -16.66 -4.74
C ASN A 104 -8.62 -17.89 -4.07
N GLY A 105 -9.91 -18.14 -4.34
CA GLY A 105 -10.58 -19.29 -3.75
C GLY A 105 -10.30 -19.46 -2.27
N ARG A 106 -11.04 -18.72 -1.44
CA ARG A 106 -10.85 -18.79 0.00
C ARG A 106 -12.05 -19.47 0.67
N GLY A 107 -11.89 -19.81 1.95
CA GLY A 107 -12.96 -20.47 2.68
C GLY A 107 -12.66 -21.92 2.98
N GLY A 108 -11.38 -22.23 3.15
CA GLY A 108 -10.97 -23.59 3.44
C GLY A 108 -10.58 -24.36 2.20
N GLU A 1 -7.41 6.81 -13.00
CA GLU A 1 -8.06 6.94 -14.32
C GLU A 1 -8.34 5.57 -14.93
N GLN A 2 -9.05 5.55 -16.05
CA GLN A 2 -9.38 4.29 -16.72
C GLN A 2 -10.20 3.38 -15.82
N ASP A 3 -10.69 2.28 -16.39
CA ASP A 3 -11.49 1.33 -15.62
C ASP A 3 -10.71 0.04 -15.37
N ASN A 4 -9.42 0.04 -15.70
CA ASN A 4 -8.59 -1.14 -15.50
C ASN A 4 -7.28 -0.79 -14.77
N SER A 5 -7.16 0.48 -14.36
CA SER A 5 -5.97 0.92 -13.65
C SER A 5 -6.25 1.10 -12.16
N ASP A 6 -7.26 0.38 -11.67
CA ASP A 6 -7.64 0.46 -10.26
C ASP A 6 -6.53 -0.08 -9.37
N ASN A 7 -5.83 -1.10 -9.86
CA ASN A 7 -4.73 -1.73 -9.11
C ASN A 7 -5.08 -1.93 -7.64
N ASN A 8 -5.47 -3.15 -7.29
CA ASN A 8 -5.81 -3.48 -5.91
C ASN A 8 -4.71 -3.04 -4.96
N THR A 9 -3.48 -3.02 -5.46
CA THR A 9 -2.34 -2.60 -4.65
C THR A 9 -2.31 -1.10 -4.49
N ILE A 10 -2.13 -0.64 -3.26
CA ILE A 10 -2.07 0.79 -2.96
C ILE A 10 -0.71 1.18 -2.39
N PHE A 11 -0.47 2.48 -2.30
CA PHE A 11 0.80 2.98 -1.79
C PHE A 11 0.59 3.78 -0.51
N VAL A 12 0.96 3.22 0.63
CA VAL A 12 0.82 3.90 1.91
C VAL A 12 2.17 4.50 2.34
N GLN A 13 2.23 5.83 2.40
CA GLN A 13 3.47 6.50 2.77
C GLN A 13 3.23 7.57 3.84
N GLY A 14 4.06 7.57 4.89
CA GLY A 14 3.91 8.56 5.94
C GLY A 14 3.65 7.97 7.30
N LEU A 15 4.72 7.51 7.95
CA LEU A 15 4.61 6.93 9.28
C LEU A 15 5.94 7.03 10.03
N GLY A 16 6.79 6.01 9.92
CA GLY A 16 8.07 6.06 10.60
C GLY A 16 8.66 4.69 10.85
N GLU A 17 8.38 4.12 12.01
CA GLU A 17 8.90 2.80 12.38
C GLU A 17 7.76 1.87 12.77
N ASN A 18 6.59 2.10 12.22
CA ASN A 18 5.42 1.27 12.52
C ASN A 18 4.96 0.52 11.27
N VAL A 19 5.45 0.94 10.11
CA VAL A 19 5.08 0.32 8.84
C VAL A 19 5.28 -1.19 8.88
N THR A 20 4.24 -1.90 9.31
CA THR A 20 4.29 -3.36 9.39
C THR A 20 3.08 -3.97 8.69
N ILE A 21 3.28 -5.14 8.10
CA ILE A 21 2.20 -5.83 7.39
C ILE A 21 1.04 -6.16 8.32
N GLU A 22 1.36 -6.72 9.47
CA GLU A 22 0.33 -7.09 10.45
C GLU A 22 -0.38 -5.84 10.98
N SER A 23 0.39 -4.79 11.21
CA SER A 23 -0.15 -3.53 11.71
C SER A 23 -1.03 -2.87 10.66
N VAL A 24 -0.55 -2.88 9.42
CA VAL A 24 -1.30 -2.28 8.32
C VAL A 24 -2.51 -3.14 8.02
N ALA A 25 -2.32 -4.45 8.12
CA ALA A 25 -3.40 -5.39 7.88
C ALA A 25 -4.47 -5.32 8.96
N ASP A 26 -4.07 -4.97 10.17
CA ASP A 26 -5.01 -4.88 11.29
C ASP A 26 -5.89 -3.64 11.18
N TYR A 27 -5.33 -2.54 10.70
CA TYR A 27 -6.08 -1.29 10.59
C TYR A 27 -6.52 -0.98 9.16
N PHE A 28 -5.86 -1.59 8.18
CA PHE A 28 -6.20 -1.33 6.78
C PHE A 28 -7.09 -2.41 6.17
N LYS A 29 -7.20 -3.57 6.82
CA LYS A 29 -8.04 -4.64 6.30
C LYS A 29 -9.52 -4.45 6.68
N GLN A 30 -9.82 -3.29 7.28
CA GLN A 30 -11.18 -2.98 7.68
C GLN A 30 -11.94 -2.41 6.50
N ILE A 31 -11.34 -1.39 5.87
CA ILE A 31 -11.94 -0.75 4.71
C ILE A 31 -12.12 -1.76 3.59
N GLY A 32 -11.19 -2.71 3.51
CA GLY A 32 -11.26 -3.72 2.48
C GLY A 32 -10.53 -4.99 2.88
N ILE A 33 -10.49 -5.96 1.97
CA ILE A 33 -9.85 -7.23 2.24
C ILE A 33 -8.43 -7.27 1.67
N ILE A 34 -7.43 -7.17 2.53
CA ILE A 34 -6.05 -7.22 2.07
C ILE A 34 -5.71 -8.65 1.65
N LYS A 35 -5.14 -8.78 0.46
CA LYS A 35 -4.80 -10.08 -0.12
C LYS A 35 -4.05 -11.01 0.83
N THR A 36 -4.81 -11.85 1.55
CA THR A 36 -4.23 -12.83 2.46
C THR A 36 -3.46 -13.89 1.67
N ASN A 37 -2.32 -14.31 2.17
CA ASN A 37 -1.50 -15.30 1.49
C ASN A 37 -1.76 -16.71 2.01
N LYS A 38 -1.69 -17.68 1.11
CA LYS A 38 -1.91 -19.07 1.48
C LYS A 38 -0.65 -19.66 2.12
N LYS A 39 0.42 -18.88 2.17
CA LYS A 39 1.67 -19.32 2.76
C LYS A 39 1.71 -18.96 4.24
N THR A 40 1.41 -17.71 4.54
CA THR A 40 1.38 -17.22 5.91
C THR A 40 -0.04 -17.06 6.42
N GLY A 41 -1.01 -17.19 5.50
CA GLY A 41 -2.40 -17.05 5.87
C GLY A 41 -2.75 -15.62 6.23
N GLN A 42 -1.85 -14.68 5.97
CA GLN A 42 -2.10 -13.29 6.29
C GLN A 42 -1.92 -12.40 5.05
N PRO A 43 -2.61 -11.25 5.02
CA PRO A 43 -2.52 -10.30 3.90
C PRO A 43 -1.09 -10.03 3.46
N MET A 44 -0.93 -9.68 2.19
CA MET A 44 0.38 -9.39 1.63
C MET A 44 0.60 -7.90 1.45
N ILE A 45 1.64 -7.38 2.12
CA ILE A 45 1.99 -5.97 2.04
C ILE A 45 3.50 -5.81 1.96
N ASN A 46 3.95 -4.84 1.17
CA ASN A 46 5.37 -4.59 1.01
C ASN A 46 5.79 -3.35 1.78
N LEU A 47 7.03 -3.35 2.27
CA LEU A 47 7.55 -2.21 3.03
C LEU A 47 8.95 -1.86 2.58
N TYR A 48 9.11 -0.68 2.00
CA TYR A 48 10.41 -0.22 1.52
C TYR A 48 11.35 0.07 2.69
N THR A 49 12.29 -0.83 2.92
CA THR A 49 13.25 -0.67 4.01
C THR A 49 14.67 -0.93 3.53
N ASP A 50 15.65 -0.35 4.22
CA ASP A 50 17.05 -0.52 3.86
C ASP A 50 17.74 -1.49 4.80
N ARG A 51 17.96 -2.72 4.34
CA ARG A 51 18.61 -3.73 5.15
C ARG A 51 20.07 -3.36 5.43
N GLU A 52 20.60 -2.40 4.69
CA GLU A 52 21.98 -1.96 4.87
C GLU A 52 22.16 -1.32 6.24
N THR A 53 21.17 -0.53 6.64
CA THR A 53 21.21 0.15 7.93
C THR A 53 19.97 -0.18 8.76
N GLY A 54 19.17 -1.13 8.28
CA GLY A 54 17.97 -1.51 9.00
C GLY A 54 17.01 -0.35 9.20
N LYS A 55 17.11 0.65 8.33
CA LYS A 55 16.26 1.83 8.41
C LYS A 55 15.16 1.78 7.35
N LEU A 56 13.93 2.07 7.76
CA LEU A 56 12.80 2.06 6.84
C LEU A 56 12.56 3.46 6.28
N LYS A 57 12.06 3.52 5.05
CA LYS A 57 11.79 4.79 4.39
C LYS A 57 10.33 5.20 4.57
N GLY A 58 9.68 4.64 5.59
CA GLY A 58 8.28 4.97 5.84
C GLY A 58 7.41 4.82 4.61
N GLU A 59 7.52 3.67 3.95
CA GLU A 59 6.74 3.41 2.74
C GLU A 59 6.39 1.93 2.62
N ALA A 60 5.11 1.65 2.35
CA ALA A 60 4.66 0.27 2.20
C ALA A 60 3.49 0.18 1.24
N THR A 61 3.45 -0.92 0.50
CA THR A 61 2.37 -1.15 -0.47
C THR A 61 1.43 -2.24 0.01
N VAL A 62 0.17 -1.87 0.19
CA VAL A 62 -0.84 -2.81 0.65
C VAL A 62 -1.60 -3.43 -0.52
N SER A 63 -1.65 -4.76 -0.56
CA SER A 63 -2.35 -5.47 -1.64
C SER A 63 -3.78 -5.83 -1.23
N PHE A 64 -4.75 -5.34 -1.99
CA PHE A 64 -6.17 -5.62 -1.71
C PHE A 64 -6.66 -6.80 -2.55
N ASP A 65 -7.71 -7.46 -2.06
CA ASP A 65 -8.29 -8.60 -2.77
C ASP A 65 -9.21 -8.12 -3.89
N ASP A 66 -9.75 -6.92 -3.73
CA ASP A 66 -10.63 -6.34 -4.74
C ASP A 66 -10.15 -4.95 -5.14
N PRO A 67 -9.78 -4.77 -6.42
CA PRO A 67 -9.29 -3.49 -6.95
C PRO A 67 -10.10 -2.30 -6.45
N PRO A 68 -11.44 -2.33 -6.58
CA PRO A 68 -12.29 -1.23 -6.12
C PRO A 68 -12.08 -0.93 -4.65
N SER A 69 -11.73 -1.98 -3.90
CA SER A 69 -11.49 -1.85 -2.47
C SER A 69 -10.34 -0.89 -2.19
N ALA A 70 -9.32 -0.93 -3.05
CA ALA A 70 -8.17 -0.05 -2.89
C ALA A 70 -8.58 1.41 -2.96
N LYS A 71 -9.33 1.76 -4.00
CA LYS A 71 -9.81 3.13 -4.16
C LYS A 71 -10.67 3.52 -2.97
N ALA A 72 -11.54 2.60 -2.55
CA ALA A 72 -12.42 2.85 -1.42
C ALA A 72 -11.63 3.30 -0.20
N ALA A 73 -10.47 2.70 0.02
CA ALA A 73 -9.64 3.06 1.15
C ALA A 73 -9.07 4.45 0.91
N ILE A 74 -8.54 4.65 -0.29
CA ILE A 74 -7.99 5.94 -0.65
C ILE A 74 -8.99 7.05 -0.39
N ASP A 75 -10.26 6.69 -0.53
CA ASP A 75 -11.34 7.65 -0.30
C ASP A 75 -11.35 8.12 1.16
N TRP A 76 -10.85 7.26 2.06
CA TRP A 76 -10.82 7.58 3.47
C TRP A 76 -9.40 7.89 3.95
N PHE A 77 -8.50 6.92 3.83
CA PHE A 77 -7.13 7.08 4.28
C PHE A 77 -6.48 8.28 3.59
N ASP A 78 -6.14 8.09 2.31
CA ASP A 78 -5.50 9.12 1.47
C ASP A 78 -5.20 10.40 2.25
N GLY A 79 -4.30 10.29 3.22
CA GLY A 79 -3.94 11.44 4.04
C GLY A 79 -4.36 11.28 5.48
N LYS A 80 -4.47 10.03 5.94
CA LYS A 80 -4.87 9.76 7.31
C LYS A 80 -3.64 9.74 8.21
N GLU A 81 -3.79 9.23 9.43
CA GLU A 81 -2.66 9.18 10.35
C GLU A 81 -2.38 7.76 10.85
N PHE A 82 -1.11 7.37 10.78
CA PHE A 82 -0.68 6.06 11.24
C PHE A 82 -0.25 6.13 12.70
N SER A 83 -1.12 5.69 13.60
CA SER A 83 -0.83 5.69 15.03
C SER A 83 -0.23 7.02 15.49
N GLY A 84 -0.57 8.11 14.80
CA GLY A 84 -0.05 9.41 15.18
C GLY A 84 0.46 10.24 14.02
N ASN A 85 1.26 9.63 13.14
CA ASN A 85 1.81 10.34 11.99
C ASN A 85 0.83 10.34 10.83
N PRO A 86 1.09 11.13 9.78
CA PRO A 86 0.24 11.23 8.61
C PRO A 86 0.70 10.32 7.47
N ILE A 87 -0.25 9.66 6.79
CA ILE A 87 0.10 8.78 5.68
C ILE A 87 -0.50 9.29 4.37
N LYS A 88 -0.25 8.54 3.30
CA LYS A 88 -0.75 8.91 1.98
C LYS A 88 -1.04 7.67 1.14
N VAL A 89 -2.30 7.28 1.06
CA VAL A 89 -2.71 6.12 0.28
C VAL A 89 -2.97 6.51 -1.17
N SER A 90 -2.35 5.80 -2.10
CA SER A 90 -2.51 6.08 -3.52
C SER A 90 -2.60 4.82 -4.36
N PHE A 91 -2.62 5.01 -5.67
CA PHE A 91 -2.68 3.90 -6.63
C PHE A 91 -1.29 3.34 -6.88
N ALA A 92 -1.03 2.15 -6.32
CA ALA A 92 0.27 1.49 -6.48
C ALA A 92 0.88 1.72 -7.85
N THR A 93 1.96 2.48 -7.89
CA THR A 93 2.65 2.78 -9.15
C THR A 93 3.97 2.02 -9.23
N ARG A 94 4.91 2.54 -10.01
CA ARG A 94 6.21 1.91 -10.19
C ARG A 94 6.78 1.42 -8.86
N ARG A 95 7.51 0.31 -8.89
CA ARG A 95 8.11 -0.26 -7.70
C ARG A 95 9.52 -0.77 -7.97
N ALA A 96 10.13 -1.37 -6.95
CA ALA A 96 11.47 -1.91 -7.08
C ALA A 96 11.47 -3.43 -6.94
N ASP A 97 12.46 -4.08 -7.56
CA ASP A 97 12.55 -5.53 -7.51
C ASP A 97 13.34 -5.98 -6.27
N PHE A 98 14.66 -6.10 -6.41
CA PHE A 98 15.52 -6.51 -5.30
C PHE A 98 16.98 -6.60 -5.75
N ASN A 99 17.47 -5.52 -6.36
CA ASN A 99 18.85 -5.46 -6.84
C ASN A 99 19.24 -6.74 -7.58
N ARG A 100 20.53 -6.92 -7.81
CA ARG A 100 21.03 -8.10 -8.50
C ARG A 100 20.54 -8.12 -9.95
N GLY A 101 21.33 -8.75 -10.82
CA GLY A 101 20.97 -8.83 -12.23
C GLY A 101 21.62 -10.00 -12.92
N GLY A 102 21.35 -11.21 -12.43
CA GLY A 102 21.93 -12.40 -13.02
C GLY A 102 23.45 -12.41 -12.97
N GLY A 103 24.07 -13.23 -13.81
CA GLY A 103 25.51 -13.32 -13.83
C GLY A 103 26.06 -14.25 -12.76
N ASN A 104 26.86 -13.71 -11.86
CA ASN A 104 27.45 -14.50 -10.79
C ASN A 104 28.32 -15.61 -11.35
N GLY A 105 29.22 -16.13 -10.51
CA GLY A 105 30.11 -17.20 -10.95
C GLY A 105 31.57 -16.77 -10.96
N ARG A 106 31.93 -15.92 -11.92
CA ARG A 106 33.29 -15.44 -12.03
C ARG A 106 33.41 -13.99 -11.55
N GLY A 107 34.25 -13.76 -10.56
CA GLY A 107 34.43 -12.43 -10.03
C GLY A 107 33.33 -12.03 -9.06
N GLY A 108 32.66 -10.91 -9.36
CA GLY A 108 31.59 -10.44 -8.50
C GLY A 108 31.87 -9.06 -7.92
N GLU A 1 -8.26 -8.58 -18.23
CA GLU A 1 -9.11 -7.37 -18.37
C GLU A 1 -8.59 -6.23 -17.49
N GLN A 2 -9.30 -5.11 -17.50
CA GLN A 2 -8.92 -3.95 -16.71
C GLN A 2 -7.54 -3.44 -17.13
N ASP A 3 -7.52 -2.62 -18.18
CA ASP A 3 -6.26 -2.06 -18.68
C ASP A 3 -6.02 -0.67 -18.10
N ASN A 4 -5.97 -0.60 -16.77
CA ASN A 4 -5.74 0.67 -16.09
C ASN A 4 -4.98 0.45 -14.78
N SER A 5 -5.00 1.45 -13.91
CA SER A 5 -4.32 1.37 -12.62
C SER A 5 -5.27 0.93 -11.51
N ASP A 6 -6.34 0.25 -11.89
CA ASP A 6 -7.34 -0.22 -10.93
C ASP A 6 -6.73 -1.19 -9.91
N ASN A 7 -5.49 -1.62 -10.16
CA ASN A 7 -4.78 -2.54 -9.27
C ASN A 7 -5.13 -2.32 -7.81
N ASN A 8 -5.59 -3.39 -7.15
CA ASN A 8 -5.95 -3.32 -5.74
C ASN A 8 -4.75 -2.96 -4.89
N THR A 9 -3.55 -3.13 -5.45
CA THR A 9 -2.32 -2.81 -4.73
C THR A 9 -2.13 -1.29 -4.62
N ILE A 10 -2.35 -0.76 -3.42
CA ILE A 10 -2.18 0.66 -3.19
C ILE A 10 -0.86 0.95 -2.48
N PHE A 11 -0.53 2.22 -2.35
CA PHE A 11 0.71 2.63 -1.69
C PHE A 11 0.46 3.62 -0.56
N VAL A 12 0.72 3.19 0.67
CA VAL A 12 0.54 4.06 1.83
C VAL A 12 1.87 4.61 2.30
N GLN A 13 2.05 5.92 2.19
CA GLN A 13 3.30 6.57 2.58
C GLN A 13 3.11 7.45 3.82
N GLY A 14 3.97 7.28 4.82
CA GLY A 14 3.87 8.09 6.01
C GLY A 14 3.51 7.31 7.25
N LEU A 15 4.50 6.67 7.86
CA LEU A 15 4.28 5.89 9.07
C LEU A 15 5.28 6.32 10.15
N GLY A 16 6.54 5.91 10.00
CA GLY A 16 7.55 6.28 10.96
C GLY A 16 8.28 5.09 11.54
N GLU A 17 7.62 4.39 12.46
CA GLU A 17 8.21 3.22 13.11
C GLU A 17 7.15 2.16 13.37
N ASN A 18 6.12 2.14 12.54
CA ASN A 18 5.03 1.19 12.67
C ASN A 18 4.96 0.27 11.46
N VAL A 19 5.74 0.59 10.44
CA VAL A 19 5.76 -0.19 9.20
C VAL A 19 5.88 -1.69 9.46
N THR A 20 4.79 -2.40 9.22
CA THR A 20 4.74 -3.85 9.39
C THR A 20 3.52 -4.43 8.68
N ILE A 21 3.66 -5.63 8.16
CA ILE A 21 2.56 -6.28 7.45
C ILE A 21 1.37 -6.53 8.36
N GLU A 22 1.64 -7.07 9.54
CA GLU A 22 0.57 -7.36 10.49
C GLU A 22 -0.07 -6.08 10.99
N SER A 23 0.75 -5.07 11.27
CA SER A 23 0.26 -3.79 11.76
C SER A 23 -0.55 -3.08 10.68
N VAL A 24 -0.06 -3.15 9.45
CA VAL A 24 -0.75 -2.51 8.34
C VAL A 24 -1.99 -3.32 7.98
N ALA A 25 -1.85 -4.64 8.04
CA ALA A 25 -2.95 -5.54 7.74
C ALA A 25 -4.03 -5.44 8.81
N ASP A 26 -3.62 -5.17 10.04
CA ASP A 26 -4.54 -5.06 11.16
C ASP A 26 -5.34 -3.75 11.12
N TYR A 27 -4.70 -2.67 10.66
CA TYR A 27 -5.36 -1.37 10.61
C TYR A 27 -6.04 -1.14 9.25
N PHE A 28 -5.55 -1.81 8.21
CA PHE A 28 -6.15 -1.65 6.88
C PHE A 28 -7.12 -2.77 6.57
N LYS A 29 -7.72 -3.35 7.60
CA LYS A 29 -8.69 -4.43 7.43
C LYS A 29 -10.10 -3.93 7.71
N GLN A 30 -10.31 -2.63 7.53
CA GLN A 30 -11.62 -2.02 7.75
C GLN A 30 -12.28 -1.65 6.42
N ILE A 31 -11.49 -1.06 5.52
CA ILE A 31 -11.99 -0.67 4.22
C ILE A 31 -12.18 -1.88 3.31
N GLY A 32 -11.40 -2.93 3.54
CA GLY A 32 -11.50 -4.12 2.74
C GLY A 32 -10.62 -5.25 3.24
N ILE A 33 -10.41 -6.25 2.38
CA ILE A 33 -9.59 -7.40 2.73
C ILE A 33 -8.23 -7.34 2.03
N ILE A 34 -7.16 -7.56 2.79
CA ILE A 34 -5.82 -7.53 2.23
C ILE A 34 -5.50 -8.87 1.56
N LYS A 35 -5.06 -8.82 0.31
CA LYS A 35 -4.74 -10.02 -0.44
C LYS A 35 -3.72 -10.90 0.28
N THR A 36 -4.19 -11.94 0.94
CA THR A 36 -3.32 -12.88 1.63
C THR A 36 -2.41 -13.60 0.65
N ASN A 37 -1.25 -14.04 1.13
CA ASN A 37 -0.30 -14.76 0.27
C ASN A 37 -0.52 -16.26 0.37
N LYS A 38 -0.44 -16.94 -0.77
CA LYS A 38 -0.64 -18.38 -0.80
C LYS A 38 0.65 -19.11 -0.41
N LYS A 39 1.67 -18.35 -0.05
CA LYS A 39 2.95 -18.92 0.34
C LYS A 39 3.20 -18.68 1.83
N THR A 40 2.50 -17.69 2.38
CA THR A 40 2.64 -17.35 3.79
C THR A 40 1.30 -17.49 4.50
N GLY A 41 0.22 -17.43 3.73
CA GLY A 41 -1.11 -17.55 4.30
C GLY A 41 -1.54 -16.30 5.05
N GLN A 42 -0.80 -15.22 4.86
CA GLN A 42 -1.10 -13.96 5.53
C GLN A 42 -1.28 -12.83 4.52
N PRO A 43 -1.90 -11.71 4.92
CA PRO A 43 -2.11 -10.56 4.03
C PRO A 43 -0.85 -10.18 3.28
N MET A 44 -1.00 -9.65 2.07
CA MET A 44 0.14 -9.25 1.25
C MET A 44 0.34 -7.74 1.30
N ILE A 45 1.47 -7.33 1.87
CA ILE A 45 1.82 -5.92 1.98
C ILE A 45 3.31 -5.72 1.80
N ASN A 46 3.70 -4.69 1.07
CA ASN A 46 5.11 -4.40 0.82
C ASN A 46 5.59 -3.25 1.70
N LEU A 47 6.84 -3.35 2.14
CA LEU A 47 7.42 -2.32 3.00
C LEU A 47 8.85 -2.00 2.56
N TYR A 48 9.23 -0.73 2.68
CA TYR A 48 10.58 -0.30 2.31
C TYR A 48 11.30 0.32 3.49
N THR A 49 12.37 -0.34 3.94
CA THR A 49 13.16 0.15 5.06
C THR A 49 14.46 0.78 4.57
N ASP A 50 15.17 1.45 5.48
CA ASP A 50 16.43 2.09 5.13
C ASP A 50 17.59 1.12 5.27
N ARG A 51 18.22 0.81 4.15
CA ARG A 51 19.36 -0.12 4.14
C ARG A 51 20.68 0.64 4.17
N GLU A 52 20.65 1.85 4.71
CA GLU A 52 21.84 2.68 4.80
C GLU A 52 22.27 2.86 6.26
N THR A 53 21.29 2.92 7.15
CA THR A 53 21.55 3.08 8.58
C THR A 53 20.81 2.04 9.40
N GLY A 54 19.57 1.77 9.01
CA GLY A 54 18.76 0.79 9.72
C GLY A 54 17.31 1.22 9.85
N LYS A 55 17.07 2.51 9.81
CA LYS A 55 15.72 3.05 9.92
C LYS A 55 14.83 2.51 8.81
N LEU A 56 13.59 3.02 8.76
CA LEU A 56 12.64 2.60 7.74
C LEU A 56 12.10 3.80 6.97
N LYS A 57 11.98 3.65 5.65
CA LYS A 57 11.49 4.72 4.79
C LYS A 57 10.15 5.28 5.29
N GLY A 58 9.42 4.46 6.04
CA GLY A 58 8.14 4.89 6.55
C GLY A 58 7.05 4.81 5.49
N GLU A 59 7.09 3.76 4.69
CA GLU A 59 6.11 3.56 3.63
C GLU A 59 5.93 2.07 3.33
N ALA A 60 4.70 1.69 2.98
CA ALA A 60 4.41 0.30 2.66
C ALA A 60 3.18 0.20 1.76
N THR A 61 3.23 -0.73 0.81
CA THR A 61 2.13 -0.94 -0.12
C THR A 61 1.17 -2.01 0.42
N VAL A 62 -0.12 -1.76 0.25
CA VAL A 62 -1.14 -2.71 0.72
C VAL A 62 -1.96 -3.26 -0.44
N SER A 63 -2.05 -4.58 -0.51
CA SER A 63 -2.81 -5.24 -1.57
C SER A 63 -4.17 -5.69 -1.04
N PHE A 64 -5.23 -5.26 -1.72
CA PHE A 64 -6.59 -5.64 -1.32
C PHE A 64 -7.17 -6.68 -2.26
N ASP A 65 -8.10 -7.48 -1.73
CA ASP A 65 -8.75 -8.53 -2.51
C ASP A 65 -9.73 -7.96 -3.52
N ASP A 66 -10.28 -6.78 -3.21
CA ASP A 66 -11.24 -6.13 -4.09
C ASP A 66 -10.67 -4.83 -4.67
N PRO A 67 -10.38 -4.81 -5.99
CA PRO A 67 -9.84 -3.61 -6.65
C PRO A 67 -10.54 -2.33 -6.21
N PRO A 68 -11.89 -2.29 -6.25
CA PRO A 68 -12.64 -1.11 -5.82
C PRO A 68 -12.27 -0.72 -4.40
N SER A 69 -11.92 -1.71 -3.60
CA SER A 69 -11.54 -1.47 -2.21
C SER A 69 -10.34 -0.53 -2.14
N ALA A 70 -9.37 -0.75 -3.01
CA ALA A 70 -8.18 0.09 -3.05
C ALA A 70 -8.56 1.55 -3.23
N LYS A 71 -9.41 1.82 -4.21
CA LYS A 71 -9.87 3.17 -4.47
C LYS A 71 -10.65 3.69 -3.26
N ALA A 72 -11.63 2.92 -2.82
CA ALA A 72 -12.45 3.28 -1.69
C ALA A 72 -11.57 3.53 -0.45
N ALA A 73 -10.45 2.84 -0.38
CA ALA A 73 -9.52 3.02 0.72
C ALA A 73 -8.90 4.40 0.64
N ILE A 74 -8.49 4.74 -0.58
CA ILE A 74 -7.91 6.04 -0.84
C ILE A 74 -8.91 7.13 -0.53
N ASP A 75 -10.17 6.83 -0.82
CA ASP A 75 -11.25 7.78 -0.56
C ASP A 75 -11.35 8.10 0.93
N TRP A 76 -10.89 7.17 1.76
CA TRP A 76 -10.93 7.35 3.20
C TRP A 76 -9.60 7.87 3.75
N PHE A 77 -8.57 7.03 3.70
CA PHE A 77 -7.26 7.40 4.22
C PHE A 77 -6.65 8.59 3.49
N ASP A 78 -6.19 8.35 2.27
CA ASP A 78 -5.55 9.37 1.43
C ASP A 78 -5.24 10.65 2.22
N GLY A 79 -4.36 10.52 3.20
CA GLY A 79 -3.98 11.66 4.02
C GLY A 79 -4.42 11.51 5.47
N LYS A 80 -4.57 10.26 5.91
CA LYS A 80 -4.97 9.98 7.29
C LYS A 80 -3.75 9.92 8.19
N GLU A 81 -3.94 9.44 9.41
CA GLU A 81 -2.82 9.35 10.35
C GLU A 81 -2.55 7.92 10.80
N PHE A 82 -1.28 7.53 10.75
CA PHE A 82 -0.87 6.19 11.17
C PHE A 82 -0.37 6.24 12.61
N SER A 83 -1.21 5.80 13.54
CA SER A 83 -0.86 5.79 14.96
C SER A 83 -0.34 7.15 15.40
N GLY A 84 -0.80 8.21 14.73
CA GLY A 84 -0.37 9.56 15.09
C GLY A 84 0.24 10.32 13.92
N ASN A 85 1.08 9.64 13.14
CA ASN A 85 1.73 10.28 12.00
C ASN A 85 0.77 10.39 10.82
N PRO A 86 1.17 11.09 9.74
CA PRO A 86 0.35 11.27 8.56
C PRO A 86 0.65 10.23 7.48
N ILE A 87 -0.36 9.82 6.71
CA ILE A 87 -0.16 8.83 5.66
C ILE A 87 -0.61 9.35 4.29
N LYS A 88 -0.29 8.58 3.26
CA LYS A 88 -0.66 8.96 1.89
C LYS A 88 -0.92 7.71 1.04
N VAL A 89 -2.20 7.44 0.78
CA VAL A 89 -2.58 6.28 -0.01
C VAL A 89 -2.70 6.63 -1.49
N SER A 90 -2.22 5.74 -2.36
CA SER A 90 -2.28 5.97 -3.79
C SER A 90 -2.63 4.68 -4.54
N PHE A 91 -2.55 4.74 -5.87
CA PHE A 91 -2.86 3.59 -6.71
C PHE A 91 -1.59 3.02 -7.33
N ALA A 92 -0.81 2.28 -6.52
CA ALA A 92 0.42 1.67 -6.99
C ALA A 92 1.38 2.73 -7.55
N THR A 93 2.26 3.25 -6.69
CA THR A 93 3.24 4.25 -7.09
C THR A 93 2.63 5.29 -8.03
N ARG A 94 3.48 6.02 -8.76
CA ARG A 94 3.01 7.04 -9.69
C ARG A 94 2.28 8.15 -8.96
N ARG A 95 2.61 9.40 -9.30
CA ARG A 95 1.98 10.55 -8.66
C ARG A 95 0.79 11.03 -9.50
N ALA A 96 -0.19 10.15 -9.69
CA ALA A 96 -1.38 10.48 -10.47
C ALA A 96 -2.12 11.66 -9.83
N ASP A 97 -3.07 12.22 -10.59
CA ASP A 97 -3.85 13.35 -10.10
C ASP A 97 -2.96 14.53 -9.79
N PHE A 98 -3.55 15.60 -9.27
CA PHE A 98 -2.80 16.80 -8.92
C PHE A 98 -2.70 16.96 -7.41
N ASN A 99 -2.59 15.83 -6.71
CA ASN A 99 -2.48 15.84 -5.25
C ASN A 99 -3.70 16.50 -4.62
N ARG A 100 -4.86 16.35 -5.27
CA ARG A 100 -6.10 16.93 -4.77
C ARG A 100 -6.76 16.00 -3.78
N GLY A 101 -7.98 16.35 -3.37
CA GLY A 101 -8.72 15.53 -2.43
C GLY A 101 -9.35 16.34 -1.32
N GLY A 102 -10.67 16.48 -1.38
CA GLY A 102 -11.38 17.24 -0.37
C GLY A 102 -11.18 16.68 1.03
N GLY A 103 -11.52 15.41 1.22
CA GLY A 103 -11.37 14.78 2.51
C GLY A 103 -12.67 14.74 3.29
N ASN A 104 -13.24 15.92 3.55
CA ASN A 104 -14.49 16.01 4.30
C ASN A 104 -14.34 15.41 5.69
N GLY A 105 -15.47 15.25 6.39
CA GLY A 105 -15.44 14.68 7.72
C GLY A 105 -16.81 14.68 8.37
N ARG A 106 -16.95 15.42 9.47
CA ARG A 106 -18.22 15.49 10.18
C ARG A 106 -18.86 16.86 10.03
N GLY A 107 -20.00 16.90 9.36
CA GLY A 107 -20.70 18.17 9.14
C GLY A 107 -21.44 18.63 10.38
N GLY A 108 -22.64 19.18 10.18
CA GLY A 108 -23.43 19.66 11.30
C GLY A 108 -23.98 18.52 12.14
N GLU A 1 -4.81 -12.36 -11.08
CA GLU A 1 -6.14 -12.30 -10.41
C GLU A 1 -7.08 -11.31 -11.10
N GLN A 2 -7.90 -11.83 -12.02
CA GLN A 2 -8.83 -10.98 -12.74
C GLN A 2 -8.10 -9.93 -13.57
N ASP A 3 -8.85 -9.07 -14.23
CA ASP A 3 -8.27 -8.01 -15.06
C ASP A 3 -8.29 -6.67 -14.33
N ASN A 4 -7.81 -6.67 -13.09
CA ASN A 4 -7.77 -5.44 -12.30
C ASN A 4 -6.93 -4.37 -13.00
N SER A 5 -7.52 -3.20 -13.20
CA SER A 5 -6.83 -2.09 -13.86
C SER A 5 -6.41 -1.02 -12.86
N ASP A 6 -7.18 -0.89 -11.77
CA ASP A 6 -6.90 0.11 -10.75
C ASP A 6 -5.82 -0.36 -9.77
N ASN A 7 -5.23 -1.52 -10.04
CA ASN A 7 -4.19 -2.08 -9.17
C ASN A 7 -4.57 -1.98 -7.69
N ASN A 8 -5.14 -3.07 -7.17
CA ASN A 8 -5.55 -3.11 -5.76
C ASN A 8 -4.39 -2.71 -4.85
N THR A 9 -3.18 -3.08 -5.25
CA THR A 9 -2.00 -2.76 -4.48
C THR A 9 -1.82 -1.25 -4.37
N ILE A 10 -2.26 -0.68 -3.26
CA ILE A 10 -2.15 0.76 -3.04
C ILE A 10 -0.80 1.11 -2.43
N PHE A 11 -0.52 2.40 -2.36
CA PHE A 11 0.75 2.85 -1.81
C PHE A 11 0.53 3.73 -0.58
N VAL A 12 1.05 3.26 0.56
CA VAL A 12 0.94 4.00 1.82
C VAL A 12 2.29 4.59 2.23
N GLN A 13 2.37 5.92 2.25
CA GLN A 13 3.62 6.59 2.61
C GLN A 13 3.46 7.41 3.89
N GLY A 14 4.39 7.23 4.82
CA GLY A 14 4.34 7.98 6.07
C GLY A 14 4.03 7.10 7.27
N LEU A 15 4.78 6.01 7.43
CA LEU A 15 4.58 5.11 8.56
C LEU A 15 5.70 5.28 9.60
N GLY A 16 6.83 4.61 9.38
CA GLY A 16 7.95 4.73 10.28
C GLY A 16 7.80 3.95 11.58
N GLU A 17 6.67 4.12 12.26
CA GLU A 17 6.43 3.43 13.53
C GLU A 17 5.40 2.32 13.39
N ASN A 18 5.48 1.59 12.29
CA ASN A 18 4.55 0.48 12.05
C ASN A 18 5.25 -0.69 11.35
N VAL A 19 6.09 -0.36 10.37
CA VAL A 19 6.86 -1.33 9.59
C VAL A 19 6.50 -2.80 9.89
N THR A 20 5.27 -3.18 9.58
CA THR A 20 4.82 -4.56 9.81
C THR A 20 3.57 -4.85 8.98
N ILE A 21 3.47 -6.09 8.52
CA ILE A 21 2.32 -6.52 7.71
C ILE A 21 1.05 -6.64 8.55
N GLU A 22 1.19 -7.16 9.75
CA GLU A 22 0.04 -7.35 10.64
C GLU A 22 -0.53 -6.00 11.06
N SER A 23 0.35 -5.06 11.39
CA SER A 23 -0.08 -3.73 11.82
C SER A 23 -0.81 -3.03 10.68
N VAL A 24 -0.28 -3.18 9.47
CA VAL A 24 -0.91 -2.56 8.31
C VAL A 24 -2.21 -3.28 7.99
N ALA A 25 -2.12 -4.60 7.97
CA ALA A 25 -3.28 -5.45 7.69
C ALA A 25 -4.34 -5.27 8.77
N ASP A 26 -3.90 -4.96 9.98
CA ASP A 26 -4.81 -4.78 11.10
C ASP A 26 -5.63 -3.49 10.96
N TYR A 27 -5.00 -2.43 10.51
CA TYR A 27 -5.68 -1.15 10.36
C TYR A 27 -6.31 -1.01 8.97
N PHE A 28 -5.74 -1.69 7.97
CA PHE A 28 -6.27 -1.62 6.62
C PHE A 28 -7.33 -2.69 6.36
N LYS A 29 -7.77 -3.36 7.43
CA LYS A 29 -8.80 -4.39 7.31
C LYS A 29 -10.17 -3.85 7.68
N GLN A 30 -10.32 -2.52 7.64
CA GLN A 30 -11.59 -1.89 7.97
C GLN A 30 -12.33 -1.49 6.70
N ILE A 31 -11.58 -1.00 5.72
CA ILE A 31 -12.15 -0.56 4.46
C ILE A 31 -12.48 -1.76 3.58
N GLY A 32 -11.62 -2.77 3.60
CA GLY A 32 -11.84 -3.96 2.81
C GLY A 32 -10.92 -5.10 3.19
N ILE A 33 -10.81 -6.08 2.31
CA ILE A 33 -9.96 -7.24 2.57
C ILE A 33 -8.60 -7.10 1.88
N ILE A 34 -7.54 -7.46 2.60
CA ILE A 34 -6.19 -7.39 2.05
C ILE A 34 -5.77 -8.76 1.51
N LYS A 35 -5.16 -8.76 0.34
CA LYS A 35 -4.72 -10.01 -0.31
C LYS A 35 -3.96 -10.92 0.65
N THR A 36 -4.63 -11.99 1.08
CA THR A 36 -4.01 -12.95 1.99
C THR A 36 -3.06 -13.85 1.21
N ASN A 37 -1.94 -14.21 1.83
CA ASN A 37 -0.94 -15.05 1.19
C ASN A 37 -1.16 -16.52 1.51
N LYS A 38 -0.97 -17.37 0.51
CA LYS A 38 -1.13 -18.81 0.69
C LYS A 38 0.08 -19.41 1.41
N LYS A 39 1.11 -18.59 1.62
CA LYS A 39 2.32 -19.04 2.28
C LYS A 39 2.24 -18.77 3.77
N THR A 40 1.80 -17.56 4.12
CA THR A 40 1.67 -17.17 5.52
C THR A 40 0.20 -17.18 5.96
N GLY A 41 -0.70 -17.36 4.99
CA GLY A 41 -2.11 -17.37 5.29
C GLY A 41 -2.60 -16.03 5.82
N GLN A 42 -1.78 -15.00 5.65
CA GLN A 42 -2.12 -13.66 6.11
C GLN A 42 -2.04 -12.65 4.98
N PRO A 43 -2.62 -11.46 5.15
CA PRO A 43 -2.59 -10.40 4.13
C PRO A 43 -1.18 -10.13 3.63
N MET A 44 -1.07 -9.51 2.45
CA MET A 44 0.23 -9.21 1.87
C MET A 44 0.45 -7.70 1.74
N ILE A 45 1.55 -7.24 2.31
CA ILE A 45 1.91 -5.82 2.27
C ILE A 45 3.43 -5.68 2.14
N ASN A 46 3.86 -4.65 1.40
CA ASN A 46 5.29 -4.41 1.21
C ASN A 46 5.72 -3.15 1.94
N LEU A 47 6.96 -3.14 2.42
CA LEU A 47 7.48 -1.99 3.14
C LEU A 47 8.97 -1.78 2.86
N TYR A 48 9.33 -0.55 2.52
CA TYR A 48 10.73 -0.22 2.22
C TYR A 48 11.44 0.25 3.48
N THR A 49 12.68 -0.18 3.65
CA THR A 49 13.46 0.21 4.82
C THR A 49 14.95 0.34 4.46
N ASP A 50 15.74 0.79 5.44
CA ASP A 50 17.18 0.96 5.23
C ASP A 50 17.90 -0.37 5.34
N ARG A 51 18.98 -0.52 4.59
CA ARG A 51 19.77 -1.76 4.61
C ARG A 51 21.13 -1.54 5.26
N GLU A 52 21.29 -0.43 5.97
CA GLU A 52 22.55 -0.12 6.63
C GLU A 52 22.32 0.63 7.94
N THR A 53 21.43 0.10 8.77
CA THR A 53 21.12 0.71 10.06
C THR A 53 19.93 0.01 10.71
N GLY A 54 18.98 -0.43 9.88
CA GLY A 54 17.81 -1.10 10.39
C GLY A 54 16.56 -0.25 10.26
N LYS A 55 16.72 1.06 10.29
CA LYS A 55 15.60 1.98 10.16
C LYS A 55 14.85 1.75 8.86
N LEU A 56 13.70 2.39 8.71
CA LEU A 56 12.89 2.25 7.50
C LEU A 56 12.93 3.52 6.66
N LYS A 57 12.18 3.51 5.57
CA LYS A 57 12.12 4.67 4.68
C LYS A 57 10.84 5.47 4.90
N GLY A 58 9.78 4.78 5.33
CA GLY A 58 8.52 5.44 5.59
C GLY A 58 7.52 5.21 4.48
N GLU A 59 7.64 4.08 3.79
CA GLU A 59 6.73 3.76 2.69
C GLU A 59 6.41 2.26 2.66
N ALA A 60 5.16 1.93 2.31
CA ALA A 60 4.74 0.54 2.23
C ALA A 60 3.52 0.39 1.34
N THR A 61 3.50 -0.68 0.53
CA THR A 61 2.38 -0.94 -0.36
C THR A 61 1.43 -1.95 0.25
N VAL A 62 0.13 -1.65 0.18
CA VAL A 62 -0.89 -2.53 0.75
C VAL A 62 -1.74 -3.18 -0.35
N SER A 63 -1.82 -4.51 -0.30
CA SER A 63 -2.61 -5.24 -1.29
C SER A 63 -4.08 -5.34 -0.87
N PHE A 64 -4.97 -5.46 -1.85
CA PHE A 64 -6.41 -5.58 -1.58
C PHE A 64 -7.04 -6.71 -2.38
N ASP A 65 -8.05 -7.35 -1.81
CA ASP A 65 -8.73 -8.47 -2.46
C ASP A 65 -9.72 -7.99 -3.52
N ASP A 66 -10.34 -6.84 -3.29
CA ASP A 66 -11.30 -6.28 -4.23
C ASP A 66 -10.80 -4.97 -4.83
N PRO A 67 -10.60 -4.92 -6.16
CA PRO A 67 -10.12 -3.73 -6.84
C PRO A 67 -10.75 -2.44 -6.33
N PRO A 68 -12.09 -2.37 -6.26
CA PRO A 68 -12.77 -1.17 -5.76
C PRO A 68 -12.29 -0.81 -4.37
N SER A 69 -11.89 -1.82 -3.62
CA SER A 69 -11.39 -1.62 -2.26
C SER A 69 -10.21 -0.65 -2.25
N ALA A 70 -9.28 -0.84 -3.17
CA ALA A 70 -8.11 0.04 -3.25
C ALA A 70 -8.54 1.50 -3.31
N LYS A 71 -9.45 1.80 -4.23
CA LYS A 71 -9.96 3.15 -4.36
C LYS A 71 -10.70 3.56 -3.10
N ALA A 72 -11.67 2.75 -2.71
CA ALA A 72 -12.46 3.02 -1.52
C ALA A 72 -11.55 3.31 -0.33
N ALA A 73 -10.38 2.67 -0.30
CA ALA A 73 -9.42 2.89 0.77
C ALA A 73 -8.89 4.30 0.66
N ILE A 74 -8.47 4.65 -0.54
CA ILE A 74 -7.93 5.97 -0.82
C ILE A 74 -8.96 7.04 -0.49
N ASP A 75 -10.21 6.71 -0.74
CA ASP A 75 -11.31 7.63 -0.47
C ASP A 75 -11.40 7.97 1.02
N TRP A 76 -10.92 7.05 1.85
CA TRP A 76 -10.99 7.23 3.30
C TRP A 76 -9.72 7.84 3.88
N PHE A 77 -8.62 7.08 3.87
CA PHE A 77 -7.36 7.54 4.44
C PHE A 77 -6.73 8.68 3.64
N ASP A 78 -6.12 8.31 2.50
CA ASP A 78 -5.46 9.28 1.62
C ASP A 78 -5.05 10.56 2.37
N GLY A 79 -4.24 10.41 3.42
CA GLY A 79 -3.81 11.57 4.17
C GLY A 79 -4.17 11.49 5.64
N LYS A 80 -4.43 10.29 6.14
CA LYS A 80 -4.78 10.10 7.54
C LYS A 80 -3.53 9.94 8.40
N GLU A 81 -3.68 9.48 9.63
CA GLU A 81 -2.54 9.31 10.51
C GLU A 81 -2.38 7.86 10.97
N PHE A 82 -1.17 7.33 10.80
CA PHE A 82 -0.87 5.97 11.21
C PHE A 82 -0.51 5.95 12.70
N SER A 83 -1.47 5.55 13.53
CA SER A 83 -1.28 5.48 14.97
C SER A 83 -0.44 6.64 15.50
N GLY A 84 -0.53 7.81 14.86
CA GLY A 84 0.23 8.96 15.32
C GLY A 84 0.75 9.83 14.19
N ASN A 85 1.44 9.22 13.22
CA ASN A 85 2.02 9.98 12.10
C ASN A 85 1.02 10.08 10.97
N PRO A 86 1.32 10.88 9.93
CA PRO A 86 0.46 11.08 8.78
C PRO A 86 0.84 10.16 7.61
N ILE A 87 -0.16 9.66 6.87
CA ILE A 87 0.11 8.78 5.74
C ILE A 87 -0.65 9.20 4.49
N LYS A 88 -0.30 8.58 3.38
CA LYS A 88 -0.96 8.86 2.10
C LYS A 88 -1.32 7.56 1.41
N VAL A 89 -2.38 7.59 0.62
CA VAL A 89 -2.82 6.38 -0.08
C VAL A 89 -3.06 6.66 -1.57
N SER A 90 -2.45 5.85 -2.42
CA SER A 90 -2.61 6.02 -3.87
C SER A 90 -2.73 4.67 -4.58
N PHE A 91 -3.02 4.71 -5.87
CA PHE A 91 -3.15 3.50 -6.68
C PHE A 91 -1.78 3.08 -7.21
N ALA A 92 -0.83 2.91 -6.29
CA ALA A 92 0.53 2.51 -6.67
C ALA A 92 1.14 3.55 -7.60
N THR A 93 1.72 4.60 -7.02
CA THR A 93 2.35 5.67 -7.79
C THR A 93 3.22 5.11 -8.91
N ARG A 94 2.90 5.46 -10.15
CA ARG A 94 3.66 4.99 -11.30
C ARG A 94 3.43 5.91 -12.49
N ARG A 95 4.53 6.38 -13.09
CA ARG A 95 4.45 7.27 -14.25
C ARG A 95 3.76 8.58 -13.88
N ALA A 96 3.37 9.35 -14.89
CA ALA A 96 2.70 10.62 -14.66
C ALA A 96 1.18 10.44 -14.61
N ASP A 97 0.71 9.66 -13.65
CA ASP A 97 -0.71 9.41 -13.49
C ASP A 97 -1.41 10.60 -12.86
N PHE A 98 -1.24 10.77 -11.55
CA PHE A 98 -1.86 11.88 -10.83
C PHE A 98 -0.87 13.04 -10.68
N ASN A 99 -1.18 14.16 -11.31
CA ASN A 99 -0.33 15.34 -11.24
C ASN A 99 -0.16 15.82 -9.81
N ARG A 100 -1.16 16.55 -9.31
CA ARG A 100 -1.13 17.06 -7.94
C ARG A 100 -2.40 17.84 -7.62
N GLY A 101 -2.78 17.84 -6.35
CA GLY A 101 -3.98 18.55 -5.92
C GLY A 101 -5.23 18.08 -6.67
N GLY A 102 -5.87 19.00 -7.38
CA GLY A 102 -7.07 18.66 -8.12
C GLY A 102 -8.16 19.70 -7.97
N GLY A 103 -8.47 20.05 -6.72
CA GLY A 103 -9.50 21.03 -6.46
C GLY A 103 -9.05 22.10 -5.49
N ASN A 104 -9.15 21.80 -4.19
CA ASN A 104 -8.75 22.74 -3.15
C ASN A 104 -9.62 23.99 -3.19
N GLY A 105 -10.03 24.46 -2.01
CA GLY A 105 -10.86 25.65 -1.94
C GLY A 105 -12.33 25.32 -1.75
N ARG A 106 -12.73 24.16 -2.26
CA ARG A 106 -14.13 23.73 -2.14
C ARG A 106 -14.22 22.33 -1.54
N GLY A 107 -15.33 22.05 -0.88
CA GLY A 107 -15.52 20.75 -0.27
C GLY A 107 -16.03 19.71 -1.25
N GLY A 108 -16.75 20.16 -2.27
CA GLY A 108 -17.29 19.26 -3.27
C GLY A 108 -18.70 19.61 -3.67
N GLU A 1 -6.38 7.81 -9.35
CA GLU A 1 -7.74 8.27 -8.93
C GLU A 1 -8.79 7.95 -9.99
N GLN A 2 -9.98 8.52 -9.85
CA GLN A 2 -11.07 8.29 -10.78
C GLN A 2 -11.46 6.81 -10.81
N ASP A 3 -12.30 6.45 -11.77
CA ASP A 3 -12.76 5.07 -11.90
C ASP A 3 -11.66 4.19 -12.49
N ASN A 4 -10.60 3.98 -11.73
CA ASN A 4 -9.48 3.16 -12.18
C ASN A 4 -9.30 1.94 -11.28
N SER A 5 -10.00 0.85 -11.60
CA SER A 5 -9.92 -0.37 -10.82
C SER A 5 -8.93 -1.35 -11.44
N ASP A 6 -7.98 -0.83 -12.21
CA ASP A 6 -6.97 -1.67 -12.87
C ASP A 6 -5.97 -2.19 -11.85
N ASN A 7 -5.76 -1.44 -10.77
CA ASN A 7 -4.82 -1.83 -9.73
C ASN A 7 -5.50 -1.91 -8.36
N ASN A 8 -5.49 -3.09 -7.76
CA ASN A 8 -6.11 -3.29 -6.46
C ASN A 8 -5.12 -2.96 -5.33
N THR A 9 -3.83 -2.93 -5.67
CA THR A 9 -2.81 -2.62 -4.67
C THR A 9 -2.71 -1.11 -4.47
N ILE A 10 -2.42 -0.70 -3.24
CA ILE A 10 -2.28 0.71 -2.91
C ILE A 10 -0.92 1.00 -2.29
N PHE A 11 -0.59 2.28 -2.18
CA PHE A 11 0.70 2.67 -1.60
C PHE A 11 0.51 3.62 -0.42
N VAL A 12 0.90 3.16 0.77
CA VAL A 12 0.78 3.97 1.98
C VAL A 12 2.15 4.46 2.45
N GLN A 13 2.35 5.78 2.41
CA GLN A 13 3.61 6.38 2.82
C GLN A 13 3.43 7.20 4.08
N GLY A 14 4.43 7.18 4.96
CA GLY A 14 4.35 7.95 6.20
C GLY A 14 3.96 7.11 7.39
N LEU A 15 4.41 5.85 7.40
CA LEU A 15 4.10 4.94 8.49
C LEU A 15 4.64 5.48 9.82
N GLY A 16 5.95 5.36 10.02
CA GLY A 16 6.55 5.85 11.25
C GLY A 16 7.13 4.75 12.12
N GLU A 17 8.30 4.25 11.75
CA GLU A 17 8.97 3.19 12.52
C GLU A 17 7.99 2.10 12.95
N ASN A 18 6.96 1.88 12.13
CA ASN A 18 5.96 0.86 12.42
C ASN A 18 5.58 0.10 11.17
N VAL A 19 6.51 0.06 10.20
CA VAL A 19 6.27 -0.62 8.95
C VAL A 19 6.19 -2.13 9.14
N THR A 20 5.01 -2.62 9.51
CA THR A 20 4.79 -4.04 9.71
C THR A 20 3.60 -4.52 8.90
N ILE A 21 3.66 -5.77 8.45
CA ILE A 21 2.59 -6.35 7.67
C ILE A 21 1.32 -6.54 8.49
N GLU A 22 1.49 -7.11 9.68
CA GLU A 22 0.35 -7.34 10.57
C GLU A 22 -0.23 -6.02 11.05
N SER A 23 0.64 -5.05 11.32
CA SER A 23 0.20 -3.74 11.77
C SER A 23 -0.61 -3.05 10.70
N VAL A 24 -0.17 -3.18 9.46
CA VAL A 24 -0.88 -2.57 8.33
C VAL A 24 -2.15 -3.35 8.03
N ALA A 25 -2.03 -4.67 8.09
CA ALA A 25 -3.16 -5.55 7.84
C ALA A 25 -4.20 -5.43 8.95
N ASP A 26 -3.73 -5.12 10.16
CA ASP A 26 -4.61 -4.98 11.31
C ASP A 26 -5.42 -3.69 11.25
N TYR A 27 -4.78 -2.61 10.83
CA TYR A 27 -5.45 -1.31 10.76
C TYR A 27 -6.02 -1.05 9.36
N PHE A 28 -5.48 -1.74 8.36
CA PHE A 28 -5.94 -1.55 6.98
C PHE A 28 -6.79 -2.73 6.52
N LYS A 29 -7.61 -3.25 7.42
CA LYS A 29 -8.49 -4.37 7.09
C LYS A 29 -9.95 -4.04 7.36
N GLN A 30 -10.25 -2.74 7.43
CA GLN A 30 -11.62 -2.30 7.67
C GLN A 30 -12.25 -1.81 6.37
N ILE A 31 -11.44 -1.17 5.53
CA ILE A 31 -11.92 -0.64 4.26
C ILE A 31 -12.11 -1.76 3.24
N GLY A 32 -11.30 -2.82 3.35
CA GLY A 32 -11.39 -3.93 2.43
C GLY A 32 -10.61 -5.14 2.89
N ILE A 33 -10.43 -6.10 1.97
CA ILE A 33 -9.71 -7.33 2.28
C ILE A 33 -8.31 -7.33 1.67
N ILE A 34 -7.29 -7.37 2.51
CA ILE A 34 -5.91 -7.40 2.04
C ILE A 34 -5.55 -8.80 1.54
N LYS A 35 -5.10 -8.87 0.29
CA LYS A 35 -4.74 -10.13 -0.35
C LYS A 35 -3.83 -10.99 0.54
N THR A 36 -4.39 -12.01 1.17
CA THR A 36 -3.62 -12.90 2.02
C THR A 36 -2.68 -13.77 1.18
N ASN A 37 -1.56 -14.18 1.78
CA ASN A 37 -0.59 -15.01 1.09
C ASN A 37 -0.85 -16.49 1.33
N LYS A 38 -0.60 -17.30 0.32
CA LYS A 38 -0.80 -18.75 0.43
C LYS A 38 0.46 -19.41 1.00
N LYS A 39 1.46 -18.59 1.30
CA LYS A 39 2.71 -19.07 1.86
C LYS A 39 2.82 -18.66 3.33
N THR A 40 2.24 -17.50 3.64
CA THR A 40 2.26 -16.98 4.99
C THR A 40 0.86 -17.10 5.60
N GLY A 41 -0.13 -17.21 4.72
CA GLY A 41 -1.50 -17.34 5.16
C GLY A 41 -2.06 -16.05 5.71
N GLN A 42 -1.31 -14.95 5.57
CA GLN A 42 -1.76 -13.66 6.06
C GLN A 42 -1.76 -12.60 4.96
N PRO A 43 -2.40 -11.44 5.21
CA PRO A 43 -2.47 -10.35 4.24
C PRO A 43 -1.14 -10.07 3.56
N MET A 44 -1.20 -9.61 2.31
CA MET A 44 -0.01 -9.28 1.53
C MET A 44 0.23 -7.78 1.51
N ILE A 45 1.40 -7.38 1.99
CA ILE A 45 1.77 -5.97 2.02
C ILE A 45 3.26 -5.80 1.73
N ASN A 46 3.59 -4.79 0.93
CA ASN A 46 4.98 -4.54 0.57
C ASN A 46 5.56 -3.42 1.43
N LEU A 47 6.82 -3.60 1.83
CA LEU A 47 7.49 -2.61 2.67
C LEU A 47 8.82 -2.18 2.05
N TYR A 48 9.14 -0.90 2.18
CA TYR A 48 10.38 -0.36 1.65
C TYR A 48 11.28 0.13 2.77
N THR A 49 12.10 -0.77 3.30
CA THR A 49 13.01 -0.43 4.39
C THR A 49 14.35 0.05 3.84
N ASP A 50 15.22 0.50 4.73
CA ASP A 50 16.53 1.01 4.34
C ASP A 50 17.56 -0.12 4.33
N ARG A 51 17.84 -0.65 3.14
CA ARG A 51 18.81 -1.73 2.99
C ARG A 51 18.47 -2.92 3.88
N GLU A 52 18.89 -2.85 5.15
CA GLU A 52 18.63 -3.92 6.10
C GLU A 52 19.46 -3.74 7.37
N THR A 53 19.75 -2.48 7.70
CA THR A 53 20.53 -2.17 8.90
C THR A 53 19.60 -1.86 10.07
N GLY A 54 18.41 -1.38 9.74
CA GLY A 54 17.44 -1.06 10.78
C GLY A 54 17.12 0.43 10.85
N LYS A 55 16.38 0.91 9.86
CA LYS A 55 16.00 2.32 9.81
C LYS A 55 14.58 2.48 9.28
N LEU A 56 14.30 1.78 8.18
CA LEU A 56 12.98 1.83 7.56
C LEU A 56 12.66 3.24 7.07
N LYS A 57 11.90 3.32 5.98
CA LYS A 57 11.52 4.62 5.42
C LYS A 57 10.07 4.95 5.76
N GLY A 58 9.48 4.20 6.69
CA GLY A 58 8.10 4.45 7.08
C GLY A 58 7.17 4.51 5.90
N GLU A 59 7.26 3.51 5.02
CA GLU A 59 6.41 3.45 3.84
C GLU A 59 6.21 2.01 3.37
N ALA A 60 4.97 1.68 3.02
CA ALA A 60 4.65 0.34 2.55
C ALA A 60 3.37 0.33 1.72
N THR A 61 3.27 -0.63 0.81
CA THR A 61 2.09 -0.73 -0.05
C THR A 61 1.17 -1.85 0.44
N VAL A 62 -0.12 -1.65 0.29
CA VAL A 62 -1.10 -2.64 0.71
C VAL A 62 -1.84 -3.25 -0.48
N SER A 63 -1.87 -4.58 -0.53
CA SER A 63 -2.55 -5.28 -1.63
C SER A 63 -3.95 -5.70 -1.21
N PHE A 64 -4.94 -5.28 -1.99
CA PHE A 64 -6.34 -5.61 -1.71
C PHE A 64 -6.83 -6.74 -2.62
N ASP A 65 -7.84 -7.47 -2.15
CA ASP A 65 -8.40 -8.58 -2.91
C ASP A 65 -9.39 -8.08 -3.96
N ASP A 66 -9.92 -6.88 -3.76
CA ASP A 66 -10.88 -6.29 -4.69
C ASP A 66 -10.42 -4.91 -5.14
N PRO A 67 -10.18 -4.74 -6.45
CA PRO A 67 -9.73 -3.46 -7.02
C PRO A 67 -10.46 -2.26 -6.40
N PRO A 68 -11.81 -2.27 -6.36
CA PRO A 68 -12.58 -1.17 -5.78
C PRO A 68 -12.10 -0.85 -4.37
N SER A 69 -11.62 -1.88 -3.67
CA SER A 69 -11.12 -1.73 -2.32
C SER A 69 -10.02 -0.68 -2.25
N ALA A 70 -9.09 -0.74 -3.20
CA ALA A 70 -7.99 0.20 -3.24
C ALA A 70 -8.50 1.63 -3.29
N LYS A 71 -9.43 1.88 -4.21
CA LYS A 71 -10.01 3.21 -4.34
C LYS A 71 -10.73 3.60 -3.07
N ALA A 72 -11.59 2.70 -2.58
CA ALA A 72 -12.33 2.94 -1.36
C ALA A 72 -11.40 3.36 -0.23
N ALA A 73 -10.20 2.80 -0.23
CA ALA A 73 -9.21 3.14 0.77
C ALA A 73 -8.75 4.57 0.57
N ILE A 74 -8.42 4.88 -0.68
CA ILE A 74 -7.97 6.21 -1.04
C ILE A 74 -9.03 7.23 -0.67
N ASP A 75 -10.29 6.83 -0.82
CA ASP A 75 -11.40 7.70 -0.50
C ASP A 75 -11.47 7.94 1.01
N TRP A 76 -10.95 6.97 1.76
CA TRP A 76 -10.95 7.03 3.21
C TRP A 76 -9.71 7.72 3.77
N PHE A 77 -8.57 7.06 3.59
CA PHE A 77 -7.29 7.55 4.12
C PHE A 77 -6.73 8.70 3.29
N ASP A 78 -6.08 8.36 2.18
CA ASP A 78 -5.47 9.38 1.30
C ASP A 78 -4.98 10.59 2.10
N GLY A 79 -4.43 10.34 3.28
CA GLY A 79 -3.94 11.42 4.12
C GLY A 79 -4.53 11.39 5.52
N LYS A 80 -4.60 10.20 6.11
CA LYS A 80 -5.13 10.05 7.46
C LYS A 80 -3.99 9.98 8.48
N GLU A 81 -4.25 9.39 9.64
CA GLU A 81 -3.24 9.29 10.68
C GLU A 81 -2.84 7.83 10.92
N PHE A 82 -1.54 7.58 10.87
CA PHE A 82 -0.97 6.26 11.11
C PHE A 82 -0.18 6.28 12.40
N SER A 83 -0.78 5.75 13.47
CA SER A 83 -0.12 5.74 14.77
C SER A 83 0.28 7.17 15.16
N GLY A 84 -0.46 8.15 14.64
CA GLY A 84 -0.18 9.54 14.93
C GLY A 84 0.71 10.19 13.90
N ASN A 85 0.71 9.66 12.67
CA ASN A 85 1.53 10.20 11.60
C ASN A 85 0.72 10.45 10.33
N PRO A 86 1.11 11.46 9.53
CA PRO A 86 0.42 11.78 8.28
C PRO A 86 0.88 10.86 7.16
N ILE A 87 -0.07 10.13 6.55
CA ILE A 87 0.27 9.21 5.47
C ILE A 87 -0.29 9.67 4.13
N LYS A 88 -0.05 8.87 3.10
CA LYS A 88 -0.53 9.19 1.75
C LYS A 88 -0.85 7.92 0.98
N VAL A 89 -2.14 7.59 0.89
CA VAL A 89 -2.58 6.41 0.18
C VAL A 89 -2.83 6.72 -1.29
N SER A 90 -2.32 5.86 -2.17
CA SER A 90 -2.49 6.06 -3.60
C SER A 90 -3.05 4.81 -4.27
N PHE A 91 -3.25 4.88 -5.58
CA PHE A 91 -3.79 3.75 -6.34
C PHE A 91 -2.66 2.94 -6.95
N ALA A 92 -1.69 2.55 -6.12
CA ALA A 92 -0.55 1.76 -6.58
C ALA A 92 0.31 2.56 -7.55
N THR A 93 1.57 2.13 -7.71
CA THR A 93 2.50 2.80 -8.60
C THR A 93 2.17 2.50 -10.06
N ARG A 94 2.77 3.25 -10.97
CA ARG A 94 2.55 3.06 -12.40
C ARG A 94 3.45 1.96 -12.95
N ARG A 95 3.44 1.79 -14.26
CA ARG A 95 4.27 0.78 -14.91
C ARG A 95 5.29 1.42 -15.83
N ALA A 96 4.87 2.46 -16.55
CA ALA A 96 5.76 3.15 -17.47
C ALA A 96 6.22 2.24 -18.59
N ASP A 97 6.17 2.75 -19.82
CA ASP A 97 6.59 1.96 -20.98
C ASP A 97 5.74 0.71 -21.12
N PHE A 98 5.80 0.08 -22.29
CA PHE A 98 5.04 -1.14 -22.54
C PHE A 98 3.54 -0.84 -22.61
N ASN A 99 2.72 -1.88 -22.40
CA ASN A 99 1.26 -1.73 -22.45
C ASN A 99 0.78 -1.49 -23.87
N ARG A 100 0.92 -0.26 -24.35
CA ARG A 100 0.50 0.09 -25.70
C ARG A 100 1.30 1.27 -26.24
N GLY A 101 0.93 2.48 -25.83
CA GLY A 101 1.63 3.67 -26.29
C GLY A 101 1.21 4.09 -27.67
N GLY A 102 2.11 4.74 -28.40
CA GLY A 102 1.81 5.19 -29.74
C GLY A 102 0.63 6.14 -29.78
N GLY A 103 0.47 6.94 -28.73
CA GLY A 103 -0.63 7.88 -28.66
C GLY A 103 -0.28 9.22 -29.28
N ASN A 104 -1.16 10.20 -29.09
CA ASN A 104 -0.94 11.54 -29.63
C ASN A 104 -1.69 12.58 -28.81
N GLY A 105 -1.78 13.79 -29.34
CA GLY A 105 -2.47 14.86 -28.65
C GLY A 105 -2.02 16.24 -29.10
N ARG A 106 -0.79 16.33 -29.59
CA ARG A 106 -0.25 17.60 -30.08
C ARG A 106 -1.17 18.22 -31.12
N GLY A 107 -1.68 19.42 -30.81
CA GLY A 107 -2.57 20.10 -31.73
C GLY A 107 -3.04 21.44 -31.19
N GLY A 108 -4.21 21.44 -30.57
CA GLY A 108 -4.77 22.65 -30.02
C GLY A 108 -6.25 22.80 -30.27
N GLU A 1 -4.74 4.43 -24.15
CA GLU A 1 -6.13 3.91 -24.01
C GLU A 1 -6.25 2.97 -22.80
N GLN A 2 -5.61 3.35 -21.70
CA GLN A 2 -5.64 2.54 -20.49
C GLN A 2 -6.20 3.34 -19.32
N ASP A 3 -6.75 2.63 -18.33
CA ASP A 3 -7.32 3.28 -17.15
C ASP A 3 -6.32 3.28 -16.00
N ASN A 4 -5.45 2.28 -15.97
CA ASN A 4 -4.45 2.17 -14.92
C ASN A 4 -5.10 2.01 -13.55
N SER A 5 -6.36 1.57 -13.54
CA SER A 5 -7.09 1.39 -12.29
C SER A 5 -7.20 -0.10 -11.95
N ASP A 6 -6.29 -0.90 -12.47
CA ASP A 6 -6.28 -2.33 -12.20
C ASP A 6 -5.27 -2.68 -11.12
N ASN A 7 -5.06 -1.75 -10.19
CA ASN A 7 -4.13 -1.96 -9.09
C ASN A 7 -4.84 -1.99 -7.74
N ASN A 8 -5.32 -3.17 -7.34
CA ASN A 8 -6.01 -3.32 -6.08
C ASN A 8 -5.12 -2.89 -4.92
N THR A 9 -3.81 -2.89 -5.15
CA THR A 9 -2.85 -2.50 -4.12
C THR A 9 -2.67 -0.98 -4.08
N ILE A 10 -2.51 -0.45 -2.88
CA ILE A 10 -2.31 0.98 -2.68
C ILE A 10 -0.95 1.24 -2.07
N PHE A 11 -0.56 2.51 -1.97
CA PHE A 11 0.73 2.86 -1.40
C PHE A 11 0.58 3.87 -0.27
N VAL A 12 1.07 3.49 0.91
CA VAL A 12 1.00 4.35 2.10
C VAL A 12 2.38 4.95 2.39
N GLN A 13 2.48 6.27 2.26
CA GLN A 13 3.74 6.95 2.50
C GLN A 13 3.63 7.90 3.70
N GLY A 14 4.60 7.81 4.61
CA GLY A 14 4.60 8.66 5.78
C GLY A 14 4.23 7.92 7.06
N LEU A 15 4.76 6.72 7.23
CA LEU A 15 4.47 5.93 8.42
C LEU A 15 5.41 6.31 9.57
N GLY A 16 6.63 5.79 9.54
CA GLY A 16 7.59 6.10 10.59
C GLY A 16 8.34 4.89 11.06
N GLU A 17 7.72 4.11 11.94
CA GLU A 17 8.34 2.91 12.48
C GLU A 17 7.28 1.84 12.75
N ASN A 18 6.21 1.87 11.96
CA ASN A 18 5.13 0.91 12.10
C ASN A 18 5.08 -0.03 10.90
N VAL A 19 6.08 0.05 10.03
CA VAL A 19 6.15 -0.78 8.84
C VAL A 19 6.07 -2.27 9.19
N THR A 20 4.84 -2.79 9.24
CA THR A 20 4.61 -4.19 9.53
C THR A 20 3.38 -4.69 8.78
N ILE A 21 3.40 -5.95 8.38
CA ILE A 21 2.29 -6.53 7.64
C ILE A 21 1.09 -6.75 8.54
N GLU A 22 1.32 -7.30 9.72
CA GLU A 22 0.23 -7.56 10.66
C GLU A 22 -0.39 -6.26 11.16
N SER A 23 0.47 -5.29 11.48
CA SER A 23 0.00 -4.00 11.98
C SER A 23 -0.72 -3.24 10.88
N VAL A 24 -0.19 -3.31 9.67
CA VAL A 24 -0.80 -2.64 8.53
C VAL A 24 -2.06 -3.37 8.11
N ALA A 25 -2.00 -4.70 8.18
CA ALA A 25 -3.13 -5.55 7.84
C ALA A 25 -4.26 -5.39 8.85
N ASP A 26 -3.88 -5.19 10.10
CA ASP A 26 -4.86 -5.04 11.19
C ASP A 26 -5.61 -3.72 11.10
N TYR A 27 -4.90 -2.66 10.73
CA TYR A 27 -5.53 -1.34 10.65
C TYR A 27 -6.22 -1.13 9.29
N PHE A 28 -5.81 -1.89 8.29
CA PHE A 28 -6.39 -1.77 6.95
C PHE A 28 -7.57 -2.74 6.77
N LYS A 29 -8.03 -3.35 7.86
CA LYS A 29 -9.15 -4.29 7.79
C LYS A 29 -10.47 -3.60 8.10
N GLN A 30 -10.55 -2.31 7.79
CA GLN A 30 -11.76 -1.54 8.03
C GLN A 30 -12.40 -1.12 6.72
N ILE A 31 -11.56 -0.85 5.72
CA ILE A 31 -12.03 -0.44 4.41
C ILE A 31 -12.40 -1.64 3.55
N GLY A 32 -11.70 -2.74 3.74
CA GLY A 32 -11.97 -3.95 2.97
C GLY A 32 -11.06 -5.10 3.35
N ILE A 33 -10.96 -6.08 2.45
CA ILE A 33 -10.12 -7.25 2.67
C ILE A 33 -8.73 -7.05 2.09
N ILE A 34 -7.71 -7.42 2.86
CA ILE A 34 -6.34 -7.27 2.40
C ILE A 34 -5.85 -8.57 1.75
N LYS A 35 -5.21 -8.42 0.60
CA LYS A 35 -4.70 -9.55 -0.18
C LYS A 35 -3.89 -10.52 0.67
N THR A 36 -4.51 -11.63 1.05
CA THR A 36 -3.84 -12.65 1.85
C THR A 36 -2.88 -13.47 0.98
N ASN A 37 -1.86 -14.04 1.60
CA ASN A 37 -0.88 -14.85 0.88
C ASN A 37 -1.11 -16.34 1.08
N LYS A 38 -0.25 -17.15 0.47
CA LYS A 38 -0.34 -18.60 0.58
C LYS A 38 0.81 -19.16 1.42
N LYS A 39 1.81 -18.32 1.69
CA LYS A 39 2.96 -18.74 2.48
C LYS A 39 2.65 -18.54 3.97
N THR A 40 2.10 -17.38 4.28
CA THR A 40 1.74 -17.04 5.65
C THR A 40 0.23 -17.11 5.85
N GLY A 41 -0.50 -17.28 4.75
CA GLY A 41 -1.94 -17.34 4.83
C GLY A 41 -2.52 -16.04 5.37
N GLN A 42 -1.72 -14.97 5.35
CA GLN A 42 -2.17 -13.68 5.85
C GLN A 42 -2.02 -12.60 4.79
N PRO A 43 -2.62 -11.42 5.02
CA PRO A 43 -2.55 -10.28 4.09
C PRO A 43 -1.14 -10.05 3.54
N MET A 44 -1.06 -9.33 2.43
CA MET A 44 0.21 -9.05 1.78
C MET A 44 0.44 -7.54 1.64
N ILE A 45 1.61 -7.09 2.08
CA ILE A 45 1.95 -5.67 2.00
C ILE A 45 3.44 -5.51 1.71
N ASN A 46 3.77 -4.70 0.69
CA ASN A 46 5.16 -4.47 0.33
C ASN A 46 5.70 -3.22 1.03
N LEU A 47 6.68 -3.42 1.90
CA LEU A 47 7.27 -2.31 2.63
C LEU A 47 8.77 -2.22 2.37
N TYR A 48 9.30 -1.00 2.40
CA TYR A 48 10.73 -0.78 2.17
C TYR A 48 11.47 -0.58 3.47
N THR A 49 12.56 -1.31 3.65
CA THR A 49 13.36 -1.20 4.86
C THR A 49 14.85 -1.09 4.52
N ASP A 50 15.58 -0.33 5.33
CA ASP A 50 17.00 -0.14 5.11
C ASP A 50 17.75 -1.47 5.21
N ARG A 51 18.40 -1.86 4.12
CA ARG A 51 19.15 -3.10 4.09
C ARG A 51 20.53 -2.95 4.73
N GLU A 52 20.89 -1.71 5.07
CA GLU A 52 22.18 -1.44 5.69
C GLU A 52 22.10 -1.61 7.20
N THR A 53 21.04 -1.09 7.80
CA THR A 53 20.84 -1.19 9.24
C THR A 53 19.65 -2.08 9.57
N GLY A 54 18.68 -2.12 8.67
CA GLY A 54 17.50 -2.93 8.89
C GLY A 54 16.27 -2.11 9.22
N LYS A 55 16.48 -0.89 9.69
CA LYS A 55 15.38 0.00 10.03
C LYS A 55 14.47 0.23 8.84
N LEU A 56 13.16 0.16 9.08
CA LEU A 56 12.18 0.36 8.03
C LEU A 56 12.28 1.77 7.43
N LYS A 57 11.96 1.89 6.14
CA LYS A 57 12.03 3.18 5.46
C LYS A 57 10.85 4.07 5.83
N GLY A 58 9.74 3.46 6.22
CA GLY A 58 8.56 4.22 6.60
C GLY A 58 7.60 4.39 5.44
N GLU A 59 7.55 3.39 4.56
CA GLU A 59 6.68 3.43 3.40
C GLU A 59 6.40 2.01 2.89
N ALA A 60 5.15 1.76 2.49
CA ALA A 60 4.77 0.45 1.99
C ALA A 60 3.50 0.51 1.16
N THR A 61 3.08 -0.66 0.65
CA THR A 61 1.88 -0.76 -0.17
C THR A 61 0.98 -1.89 0.34
N VAL A 62 -0.31 -1.62 0.41
CA VAL A 62 -1.26 -2.61 0.90
C VAL A 62 -2.05 -3.23 -0.26
N SER A 63 -2.03 -4.55 -0.36
CA SER A 63 -2.77 -5.23 -1.42
C SER A 63 -4.14 -5.66 -0.91
N PHE A 64 -5.16 -5.52 -1.75
CA PHE A 64 -6.52 -5.88 -1.37
C PHE A 64 -7.03 -7.03 -2.22
N ASP A 65 -8.05 -7.71 -1.73
CA ASP A 65 -8.65 -8.83 -2.45
C ASP A 65 -9.61 -8.33 -3.54
N ASP A 66 -10.05 -7.08 -3.40
CA ASP A 66 -10.96 -6.48 -4.36
C ASP A 66 -10.43 -5.15 -4.86
N PRO A 67 -10.14 -5.03 -6.17
CA PRO A 67 -9.62 -3.80 -6.77
C PRO A 67 -10.36 -2.55 -6.30
N PRO A 68 -11.71 -2.55 -6.37
CA PRO A 68 -12.51 -1.40 -5.92
C PRO A 68 -12.16 -1.02 -4.49
N SER A 69 -11.78 -2.01 -3.70
CA SER A 69 -11.42 -1.79 -2.30
C SER A 69 -10.26 -0.79 -2.20
N ALA A 70 -9.29 -0.93 -3.10
CA ALA A 70 -8.13 -0.03 -3.10
C ALA A 70 -8.57 1.42 -3.21
N LYS A 71 -9.43 1.69 -4.18
CA LYS A 71 -9.94 3.05 -4.38
C LYS A 71 -10.65 3.53 -3.13
N ALA A 72 -11.57 2.71 -2.65
CA ALA A 72 -12.33 3.05 -1.45
C ALA A 72 -11.40 3.45 -0.32
N ALA A 73 -10.23 2.83 -0.27
CA ALA A 73 -9.25 3.14 0.74
C ALA A 73 -8.70 4.53 0.50
N ILE A 74 -8.33 4.76 -0.75
CA ILE A 74 -7.79 6.06 -1.14
C ILE A 74 -8.79 7.16 -0.80
N ASP A 75 -10.05 6.84 -0.96
CA ASP A 75 -11.12 7.79 -0.67
C ASP A 75 -11.20 8.03 0.84
N TRP A 76 -10.78 7.03 1.61
CA TRP A 76 -10.80 7.09 3.06
C TRP A 76 -9.56 7.77 3.63
N PHE A 77 -8.42 7.11 3.47
CA PHE A 77 -7.16 7.59 4.00
C PHE A 77 -6.57 8.72 3.17
N ASP A 78 -5.94 8.38 2.06
CA ASP A 78 -5.30 9.36 1.16
C ASP A 78 -5.00 10.68 1.88
N GLY A 79 -4.33 10.59 3.02
CA GLY A 79 -3.99 11.79 3.78
C GLY A 79 -4.48 11.74 5.22
N LYS A 80 -4.51 10.55 5.81
CA LYS A 80 -4.95 10.41 7.19
C LYS A 80 -3.74 10.21 8.11
N GLU A 81 -3.97 9.73 9.33
CA GLU A 81 -2.88 9.52 10.26
C GLU A 81 -2.65 8.05 10.56
N PHE A 82 -1.41 7.60 10.42
CA PHE A 82 -1.05 6.22 10.69
C PHE A 82 -0.34 6.11 12.03
N SER A 83 -1.07 5.65 13.03
CA SER A 83 -0.53 5.49 14.37
C SER A 83 -0.03 6.82 14.94
N GLY A 84 -0.64 7.91 14.49
CA GLY A 84 -0.26 9.23 14.98
C GLY A 84 0.42 10.09 13.93
N ASN A 85 1.08 9.45 12.97
CA ASN A 85 1.78 10.18 11.92
C ASN A 85 0.87 10.38 10.71
N PRO A 86 1.29 11.22 9.74
CA PRO A 86 0.51 11.49 8.54
C PRO A 86 0.89 10.58 7.38
N ILE A 87 -0.10 10.08 6.65
CA ILE A 87 0.19 9.18 5.53
C ILE A 87 -0.62 9.56 4.30
N LYS A 88 -0.22 9.03 3.14
CA LYS A 88 -0.90 9.30 1.89
C LYS A 88 -1.15 8.00 1.13
N VAL A 89 -2.38 7.50 1.22
CA VAL A 89 -2.75 6.26 0.54
C VAL A 89 -3.28 6.54 -0.87
N SER A 90 -2.59 6.02 -1.87
CA SER A 90 -2.99 6.23 -3.26
C SER A 90 -2.81 4.94 -4.08
N PHE A 91 -2.88 5.08 -5.40
CA PHE A 91 -2.72 3.95 -6.30
C PHE A 91 -1.26 3.51 -6.35
N ALA A 92 -0.98 2.32 -5.84
CA ALA A 92 0.38 1.79 -5.83
C ALA A 92 0.89 1.59 -7.25
N THR A 93 1.39 2.67 -7.85
CA THR A 93 1.92 2.62 -9.21
C THR A 93 2.69 3.89 -9.54
N ARG A 94 3.10 4.02 -10.80
CA ARG A 94 3.85 5.20 -11.24
C ARG A 94 5.18 5.29 -10.51
N ARG A 95 6.27 5.26 -11.28
CA ARG A 95 7.60 5.35 -10.71
C ARG A 95 7.94 6.78 -10.30
N ALA A 96 7.79 7.07 -9.02
CA ALA A 96 8.09 8.40 -8.51
C ALA A 96 9.48 8.47 -7.90
N ASP A 97 10.40 7.69 -8.45
CA ASP A 97 11.77 7.64 -7.97
C ASP A 97 12.70 7.06 -9.02
N PHE A 98 13.98 6.93 -8.67
CA PHE A 98 14.98 6.37 -9.59
C PHE A 98 15.39 4.97 -9.15
N ASN A 99 14.85 3.97 -9.84
CA ASN A 99 15.16 2.57 -9.51
C ASN A 99 14.61 1.64 -10.58
N ARG A 100 15.51 1.01 -11.34
CA ARG A 100 15.11 0.09 -12.40
C ARG A 100 15.85 -1.23 -12.26
N GLY A 101 17.15 -1.21 -12.56
CA GLY A 101 17.96 -2.41 -12.47
C GLY A 101 17.83 -3.28 -13.71
N GLY A 102 16.62 -3.70 -14.02
CA GLY A 102 16.39 -4.54 -15.18
C GLY A 102 16.03 -5.96 -14.81
N GLY A 103 15.41 -6.14 -13.65
CA GLY A 103 15.03 -7.45 -13.21
C GLY A 103 16.20 -8.25 -12.66
N ASN A 104 16.15 -8.55 -11.37
CA ASN A 104 17.21 -9.32 -10.72
C ASN A 104 16.79 -10.76 -10.49
N GLY A 105 17.43 -11.68 -11.20
CA GLY A 105 17.11 -13.09 -11.05
C GLY A 105 16.42 -13.65 -12.27
N ARG A 106 15.30 -13.04 -12.66
CA ARG A 106 14.54 -13.49 -13.82
C ARG A 106 15.32 -13.22 -15.11
N GLY A 107 15.10 -14.07 -16.11
CA GLY A 107 15.78 -13.90 -17.38
C GLY A 107 16.90 -14.90 -17.57
N GLY A 108 17.48 -15.36 -16.46
CA GLY A 108 18.56 -16.32 -16.53
C GLY A 108 18.28 -17.58 -15.74
N GLU A 1 -4.94 11.23 -12.10
CA GLU A 1 -4.42 9.86 -11.82
C GLU A 1 -4.82 8.88 -12.93
N GLN A 2 -4.29 7.67 -12.87
CA GLN A 2 -4.58 6.65 -13.87
C GLN A 2 -5.84 5.88 -13.49
N ASP A 3 -6.48 5.27 -14.48
CA ASP A 3 -7.69 4.49 -14.24
C ASP A 3 -7.39 3.24 -13.43
N ASN A 4 -6.99 2.17 -14.12
CA ASN A 4 -6.66 0.91 -13.45
C ASN A 4 -7.74 0.52 -12.44
N SER A 5 -8.85 0.00 -12.93
CA SER A 5 -9.95 -0.40 -12.07
C SER A 5 -9.77 -1.83 -11.57
N ASP A 6 -8.63 -2.43 -11.88
CA ASP A 6 -8.34 -3.79 -11.46
C ASP A 6 -7.19 -3.83 -10.45
N ASN A 7 -6.52 -2.69 -10.27
CA ASN A 7 -5.41 -2.59 -9.33
C ASN A 7 -5.92 -2.44 -7.90
N ASN A 8 -5.55 -3.40 -7.06
CA ASN A 8 -5.95 -3.39 -5.66
C ASN A 8 -4.79 -2.94 -4.77
N THR A 9 -3.57 -3.14 -5.26
CA THR A 9 -2.38 -2.76 -4.51
C THR A 9 -2.24 -1.25 -4.44
N ILE A 10 -2.32 -0.70 -3.22
CA ILE A 10 -2.20 0.73 -3.02
C ILE A 10 -0.82 1.10 -2.49
N PHE A 11 -0.55 2.40 -2.41
CA PHE A 11 0.73 2.88 -1.91
C PHE A 11 0.55 3.81 -0.71
N VAL A 12 0.91 3.31 0.47
CA VAL A 12 0.79 4.09 1.70
C VAL A 12 2.15 4.59 2.17
N GLN A 13 2.33 5.91 2.15
CA GLN A 13 3.59 6.51 2.56
C GLN A 13 3.39 7.39 3.80
N GLY A 14 4.22 7.21 4.81
CA GLY A 14 4.11 8.01 6.02
C GLY A 14 3.94 7.18 7.27
N LEU A 15 4.43 5.93 7.22
CA LEU A 15 4.33 5.04 8.36
C LEU A 15 5.55 5.23 9.29
N GLY A 16 6.49 4.29 9.25
CA GLY A 16 7.69 4.41 10.07
C GLY A 16 7.49 4.02 11.53
N GLU A 17 6.35 4.40 12.12
CA GLU A 17 6.09 4.10 13.53
C GLU A 17 5.31 2.80 13.70
N ASN A 18 5.52 1.86 12.79
CA ASN A 18 4.84 0.57 12.86
C ASN A 18 5.56 -0.46 11.99
N VAL A 19 5.93 -0.04 10.78
CA VAL A 19 6.65 -0.87 9.83
C VAL A 19 6.37 -2.37 10.03
N THR A 20 5.18 -2.81 9.66
CA THR A 20 4.81 -4.21 9.79
C THR A 20 3.57 -4.53 8.97
N ILE A 21 3.52 -5.75 8.42
CA ILE A 21 2.40 -6.18 7.62
C ILE A 21 1.18 -6.45 8.49
N GLU A 22 1.41 -7.09 9.63
CA GLU A 22 0.32 -7.41 10.55
C GLU A 22 -0.32 -6.15 11.11
N SER A 23 0.51 -5.16 11.42
CA SER A 23 0.02 -3.90 11.95
C SER A 23 -0.82 -3.17 10.92
N VAL A 24 -0.33 -3.15 9.68
CA VAL A 24 -1.05 -2.50 8.59
C VAL A 24 -2.28 -3.31 8.25
N ALA A 25 -2.11 -4.62 8.25
CA ALA A 25 -3.20 -5.53 7.94
C ALA A 25 -4.27 -5.52 9.03
N ASP A 26 -3.84 -5.23 10.26
CA ASP A 26 -4.74 -5.19 11.40
C ASP A 26 -5.62 -3.94 11.37
N TYR A 27 -5.05 -2.82 10.94
CA TYR A 27 -5.80 -1.57 10.90
C TYR A 27 -6.37 -1.28 9.51
N PHE A 28 -5.74 -1.85 8.48
CA PHE A 28 -6.18 -1.64 7.10
C PHE A 28 -7.14 -2.74 6.63
N LYS A 29 -7.57 -3.60 7.55
CA LYS A 29 -8.50 -4.66 7.20
C LYS A 29 -9.94 -4.26 7.50
N GLN A 30 -10.19 -2.96 7.55
CA GLN A 30 -11.53 -2.45 7.84
C GLN A 30 -12.24 -2.04 6.55
N ILE A 31 -11.52 -1.34 5.68
CA ILE A 31 -12.07 -0.88 4.42
C ILE A 31 -12.30 -2.05 3.45
N GLY A 32 -11.48 -3.08 3.58
CA GLY A 32 -11.61 -4.23 2.69
C GLY A 32 -10.75 -5.40 3.12
N ILE A 33 -10.67 -6.41 2.26
CA ILE A 33 -9.88 -7.60 2.54
C ILE A 33 -8.50 -7.52 1.91
N ILE A 34 -7.47 -7.46 2.75
CA ILE A 34 -6.10 -7.38 2.27
C ILE A 34 -5.65 -8.71 1.67
N LYS A 35 -5.00 -8.64 0.50
CA LYS A 35 -4.53 -9.82 -0.21
C LYS A 35 -3.45 -10.59 0.54
N THR A 36 -3.87 -11.56 1.34
CA THR A 36 -2.92 -12.38 2.09
C THR A 36 -2.10 -13.25 1.15
N ASN A 37 -1.09 -13.89 1.71
CA ASN A 37 -0.21 -14.75 0.95
C ASN A 37 -0.54 -16.23 1.19
N LYS A 38 -0.97 -16.91 0.14
CA LYS A 38 -1.35 -18.31 0.21
C LYS A 38 -0.27 -19.20 0.83
N LYS A 39 0.92 -18.66 1.06
CA LYS A 39 2.01 -19.44 1.64
C LYS A 39 1.89 -19.47 3.15
N THR A 40 1.41 -18.38 3.71
CA THR A 40 1.27 -18.26 5.15
C THR A 40 -0.18 -17.99 5.55
N GLY A 41 -0.95 -17.42 4.62
CA GLY A 41 -2.32 -17.10 4.90
C GLY A 41 -2.46 -15.77 5.60
N GLN A 42 -1.46 -14.89 5.43
CA GLN A 42 -1.51 -13.58 6.06
C GLN A 42 -1.50 -12.45 5.03
N PRO A 43 -2.32 -11.39 5.25
CA PRO A 43 -2.41 -10.24 4.34
C PRO A 43 -1.04 -9.78 3.90
N MET A 44 -0.86 -9.59 2.59
CA MET A 44 0.44 -9.17 2.06
C MET A 44 0.53 -7.67 1.83
N ILE A 45 1.62 -7.09 2.34
CA ILE A 45 1.90 -5.68 2.21
C ILE A 45 3.41 -5.47 2.03
N ASN A 46 3.78 -4.55 1.15
CA ASN A 46 5.19 -4.27 0.90
C ASN A 46 5.64 -3.04 1.68
N LEU A 47 6.90 -3.03 2.09
CA LEU A 47 7.42 -1.89 2.85
C LEU A 47 8.93 -1.75 2.67
N TYR A 48 9.36 -0.55 2.33
CA TYR A 48 10.78 -0.27 2.14
C TYR A 48 11.42 0.12 3.47
N THR A 49 11.87 -0.88 4.20
CA THR A 49 12.49 -0.65 5.52
C THR A 49 13.65 -1.60 5.76
N ASP A 50 14.63 -1.16 6.53
CA ASP A 50 15.79 -1.97 6.86
C ASP A 50 15.68 -2.54 8.26
N ARG A 51 15.43 -3.84 8.36
CA ARG A 51 15.30 -4.50 9.64
C ARG A 51 16.64 -4.99 10.19
N GLU A 52 17.73 -4.52 9.58
CA GLU A 52 19.06 -4.93 10.00
C GLU A 52 19.69 -3.88 10.92
N THR A 53 19.48 -2.60 10.59
CA THR A 53 20.02 -1.51 11.39
C THR A 53 18.94 -0.50 11.78
N GLY A 54 17.71 -0.73 11.32
CA GLY A 54 16.62 0.18 11.65
C GLY A 54 16.63 1.43 10.80
N LYS A 55 16.74 1.23 9.48
CA LYS A 55 16.76 2.35 8.55
C LYS A 55 15.39 2.60 7.96
N LEU A 56 14.35 2.20 8.69
CA LEU A 56 12.96 2.36 8.26
C LEU A 56 12.78 3.63 7.43
N LYS A 57 11.93 3.54 6.42
CA LYS A 57 11.66 4.69 5.54
C LYS A 57 10.25 5.22 5.75
N GLY A 58 9.32 4.34 6.10
CA GLY A 58 7.95 4.75 6.33
C GLY A 58 7.10 4.69 5.07
N GLU A 59 7.41 3.73 4.20
CA GLU A 59 6.68 3.57 2.95
C GLU A 59 6.25 2.10 2.78
N ALA A 60 4.99 1.88 2.43
CA ALA A 60 4.49 0.53 2.24
C ALA A 60 3.32 0.47 1.28
N THR A 61 3.24 -0.63 0.54
CA THR A 61 2.15 -0.86 -0.41
C THR A 61 1.24 -1.97 0.09
N VAL A 62 -0.02 -1.63 0.33
CA VAL A 62 -0.99 -2.60 0.84
C VAL A 62 -1.77 -3.25 -0.30
N SER A 63 -1.85 -4.59 -0.28
CA SER A 63 -2.57 -5.32 -1.30
C SER A 63 -4.00 -5.66 -0.84
N PHE A 64 -4.98 -5.42 -1.70
CA PHE A 64 -6.37 -5.71 -1.37
C PHE A 64 -6.96 -6.76 -2.30
N ASP A 65 -7.89 -7.56 -1.78
CA ASP A 65 -8.52 -8.61 -2.57
C ASP A 65 -9.45 -8.04 -3.62
N ASP A 66 -10.10 -6.93 -3.29
CA ASP A 66 -11.03 -6.29 -4.21
C ASP A 66 -10.46 -4.97 -4.73
N PRO A 67 -10.08 -4.91 -6.02
CA PRO A 67 -9.53 -3.69 -6.62
C PRO A 67 -10.31 -2.45 -6.24
N PRO A 68 -11.65 -2.45 -6.40
CA PRO A 68 -12.48 -1.30 -6.05
C PRO A 68 -12.28 -0.90 -4.59
N SER A 69 -11.97 -1.91 -3.76
CA SER A 69 -11.74 -1.68 -2.34
C SER A 69 -10.57 -0.72 -2.13
N ALA A 70 -9.48 -0.94 -2.87
CA ALA A 70 -8.31 -0.08 -2.76
C ALA A 70 -8.69 1.38 -3.02
N LYS A 71 -9.46 1.59 -4.07
CA LYS A 71 -9.92 2.93 -4.43
C LYS A 71 -10.75 3.51 -3.28
N ALA A 72 -11.77 2.77 -2.88
CA ALA A 72 -12.65 3.20 -1.80
C ALA A 72 -11.84 3.56 -0.56
N ALA A 73 -10.72 2.87 -0.35
CA ALA A 73 -9.86 3.15 0.78
C ALA A 73 -9.21 4.50 0.61
N ILE A 74 -8.63 4.71 -0.57
CA ILE A 74 -7.99 5.96 -0.87
C ILE A 74 -8.94 7.12 -0.60
N ASP A 75 -10.21 6.88 -0.89
CA ASP A 75 -11.24 7.88 -0.66
C ASP A 75 -11.28 8.28 0.81
N TRP A 76 -10.84 7.38 1.68
CA TRP A 76 -10.84 7.61 3.11
C TRP A 76 -9.45 8.01 3.63
N PHE A 77 -8.52 7.06 3.60
CA PHE A 77 -7.16 7.30 4.09
C PHE A 77 -6.50 8.47 3.38
N ASP A 78 -6.11 8.24 2.13
CA ASP A 78 -5.43 9.24 1.29
C ASP A 78 -5.04 10.50 2.08
N GLY A 79 -4.22 10.32 3.11
CA GLY A 79 -3.79 11.46 3.91
C GLY A 79 -4.24 11.37 5.36
N LYS A 80 -4.36 10.15 5.88
CA LYS A 80 -4.77 9.97 7.27
C LYS A 80 -3.54 9.83 8.16
N GLU A 81 -3.73 9.34 9.38
CA GLU A 81 -2.61 9.18 10.29
C GLU A 81 -2.42 7.72 10.70
N PHE A 82 -1.18 7.24 10.58
CA PHE A 82 -0.84 5.87 10.97
C PHE A 82 -0.50 5.82 12.45
N SER A 83 -1.46 5.37 13.25
CA SER A 83 -1.27 5.25 14.70
C SER A 83 -0.51 6.45 15.28
N GLY A 84 -0.67 7.62 14.67
CA GLY A 84 0.01 8.81 15.18
C GLY A 84 0.56 9.73 14.10
N ASN A 85 1.29 9.16 13.13
CA ASN A 85 1.87 9.96 12.06
C ASN A 85 0.92 10.08 10.89
N PRO A 86 1.25 10.93 9.90
CA PRO A 86 0.43 11.14 8.71
C PRO A 86 0.89 10.28 7.54
N ILE A 87 -0.06 9.72 6.78
CA ILE A 87 0.30 8.89 5.64
C ILE A 87 -0.30 9.42 4.34
N LYS A 88 -0.06 8.72 3.24
CA LYS A 88 -0.57 9.12 1.94
C LYS A 88 -0.85 7.88 1.08
N VAL A 89 -2.11 7.51 0.96
CA VAL A 89 -2.51 6.35 0.17
C VAL A 89 -2.67 6.72 -1.30
N SER A 90 -2.27 5.81 -2.18
CA SER A 90 -2.37 6.04 -3.62
C SER A 90 -3.11 4.89 -4.31
N PHE A 91 -3.04 4.87 -5.64
CA PHE A 91 -3.69 3.82 -6.41
C PHE A 91 -2.68 3.07 -7.28
N ALA A 92 -1.76 2.38 -6.61
CA ALA A 92 -0.73 1.60 -7.31
C ALA A 92 0.19 2.50 -8.12
N THR A 93 1.19 1.90 -8.74
CA THR A 93 2.14 2.64 -9.57
C THR A 93 2.09 2.16 -11.01
N ARG A 94 3.00 2.65 -11.84
CA ARG A 94 3.05 2.27 -13.25
C ARG A 94 1.83 2.80 -13.99
N ARG A 95 1.77 2.52 -15.29
CA ARG A 95 0.65 2.98 -16.11
C ARG A 95 0.11 1.86 -17.00
N ALA A 96 -0.65 0.96 -16.40
CA ALA A 96 -1.24 -0.17 -17.12
C ALA A 96 -0.22 -0.90 -17.99
N ASP A 97 1.05 -0.86 -17.55
CA ASP A 97 2.12 -1.53 -18.29
C ASP A 97 2.46 -0.80 -19.58
N PHE A 98 2.85 -1.55 -20.61
CA PHE A 98 3.22 -0.97 -21.91
C PHE A 98 4.06 0.30 -21.75
N ASN A 99 5.36 0.10 -21.62
CA ASN A 99 6.30 1.22 -21.46
C ASN A 99 7.72 0.72 -21.32
N ARG A 100 8.47 0.75 -22.42
CA ARG A 100 9.85 0.29 -22.42
C ARG A 100 10.74 1.26 -23.19
N GLY A 101 11.77 1.77 -22.52
CA GLY A 101 12.69 2.70 -23.15
C GLY A 101 12.10 4.09 -23.27
N GLY A 102 11.69 4.46 -24.48
CA GLY A 102 11.11 5.77 -24.70
C GLY A 102 12.09 6.89 -24.41
N GLY A 103 13.27 6.81 -24.99
CA GLY A 103 14.28 7.83 -24.77
C GLY A 103 15.51 7.29 -24.06
N ASN A 104 16.55 8.11 -23.99
CA ASN A 104 17.79 7.71 -23.32
C ASN A 104 17.87 8.31 -21.92
N GLY A 105 17.28 9.48 -21.75
CA GLY A 105 17.30 10.14 -20.46
C GLY A 105 17.46 11.65 -20.58
N ARG A 106 17.83 12.29 -19.48
CA ARG A 106 18.02 13.74 -19.47
C ARG A 106 19.43 14.09 -19.04
N GLY A 107 19.92 15.22 -19.53
CA GLY A 107 21.26 15.66 -19.19
C GLY A 107 21.79 16.73 -20.13
N GLY A 108 22.32 17.80 -19.56
CA GLY A 108 22.85 18.89 -20.37
C GLY A 108 24.27 18.62 -20.83
N GLU A 1 -5.10 -0.86 -16.74
CA GLU A 1 -4.07 -1.77 -17.32
C GLU A 1 -4.28 -3.21 -16.87
N GLN A 2 -4.30 -4.13 -17.83
CA GLN A 2 -4.51 -5.55 -17.52
C GLN A 2 -5.85 -5.76 -16.85
N ASP A 3 -6.04 -6.96 -16.30
CA ASP A 3 -7.29 -7.30 -15.62
C ASP A 3 -7.61 -6.29 -14.52
N ASN A 4 -6.56 -5.74 -13.92
CA ASN A 4 -6.71 -4.77 -12.84
C ASN A 4 -6.71 -3.35 -13.39
N SER A 5 -7.90 -2.88 -13.78
CA SER A 5 -8.04 -1.53 -14.32
C SER A 5 -7.86 -0.47 -13.23
N ASP A 6 -8.19 -0.83 -12.00
CA ASP A 6 -8.07 0.09 -10.87
C ASP A 6 -6.97 -0.35 -9.90
N ASN A 7 -6.34 -1.49 -10.21
CA ASN A 7 -5.27 -2.02 -9.37
C ASN A 7 -5.65 -2.05 -7.88
N ASN A 8 -5.89 -3.25 -7.37
CA ASN A 8 -6.28 -3.42 -5.97
C ASN A 8 -5.15 -2.97 -5.03
N THR A 9 -3.94 -2.91 -5.56
CA THR A 9 -2.78 -2.49 -4.77
C THR A 9 -2.84 -0.99 -4.48
N ILE A 10 -2.14 -0.58 -3.43
CA ILE A 10 -2.09 0.83 -3.05
C ILE A 10 -0.71 1.22 -2.54
N PHE A 11 -0.51 2.50 -2.30
CA PHE A 11 0.77 3.01 -1.82
C PHE A 11 0.58 3.92 -0.60
N VAL A 12 1.05 3.46 0.55
CA VAL A 12 0.94 4.25 1.78
C VAL A 12 2.29 4.84 2.16
N GLN A 13 2.38 6.16 2.13
CA GLN A 13 3.61 6.86 2.47
C GLN A 13 3.45 7.67 3.75
N GLY A 14 4.40 7.51 4.68
CA GLY A 14 4.33 8.26 5.93
C GLY A 14 3.90 7.42 7.11
N LEU A 15 4.55 6.27 7.30
CA LEU A 15 4.22 5.39 8.42
C LEU A 15 4.95 5.84 9.68
N GLY A 16 6.26 5.60 9.73
CA GLY A 16 7.07 6.01 10.86
C GLY A 16 6.97 5.09 12.07
N GLU A 17 8.01 4.30 12.29
CA GLU A 17 8.08 3.39 13.44
C GLU A 17 6.80 2.57 13.61
N ASN A 18 6.32 2.00 12.51
CA ASN A 18 5.11 1.18 12.56
C ASN A 18 4.96 0.37 11.26
N VAL A 19 6.09 0.08 10.62
CA VAL A 19 6.10 -0.68 9.38
C VAL A 19 5.96 -2.18 9.65
N THR A 20 4.75 -2.70 9.48
CA THR A 20 4.47 -4.12 9.70
C THR A 20 3.29 -4.57 8.86
N ILE A 21 3.32 -5.81 8.41
CA ILE A 21 2.25 -6.36 7.60
C ILE A 21 0.99 -6.58 8.41
N GLU A 22 1.15 -7.15 9.60
CA GLU A 22 0.02 -7.41 10.49
C GLU A 22 -0.60 -6.10 10.97
N SER A 23 0.26 -5.13 11.26
CA SER A 23 -0.21 -3.83 11.74
C SER A 23 -0.94 -3.08 10.63
N VAL A 24 -0.38 -3.13 9.43
CA VAL A 24 -0.99 -2.47 8.28
C VAL A 24 -2.24 -3.22 7.87
N ALA A 25 -2.15 -4.55 7.92
CA ALA A 25 -3.26 -5.41 7.58
C ALA A 25 -4.38 -5.30 8.61
N ASP A 26 -4.00 -5.01 9.85
CA ASP A 26 -4.96 -4.87 10.94
C ASP A 26 -5.78 -3.59 10.83
N TYR A 27 -5.13 -2.51 10.42
CA TYR A 27 -5.82 -1.23 10.30
C TYR A 27 -6.53 -1.10 8.94
N PHE A 28 -6.04 -1.84 7.95
CA PHE A 28 -6.63 -1.79 6.61
C PHE A 28 -7.80 -2.76 6.48
N LYS A 29 -8.12 -3.47 7.57
CA LYS A 29 -9.23 -4.43 7.54
C LYS A 29 -10.54 -3.76 7.93
N GLN A 30 -10.55 -2.43 7.97
CA GLN A 30 -11.75 -1.68 8.32
C GLN A 30 -12.50 -1.26 7.06
N ILE A 31 -11.75 -0.74 6.09
CA ILE A 31 -12.33 -0.30 4.83
C ILE A 31 -12.68 -1.48 3.93
N GLY A 32 -11.85 -2.51 3.97
CA GLY A 32 -12.08 -3.68 3.15
C GLY A 32 -11.14 -4.83 3.47
N ILE A 33 -10.98 -5.74 2.52
CA ILE A 33 -10.12 -6.90 2.69
C ILE A 33 -8.75 -6.69 2.05
N ILE A 34 -7.70 -7.21 2.69
CA ILE A 34 -6.36 -7.08 2.15
C ILE A 34 -5.97 -8.32 1.36
N LYS A 35 -5.31 -8.11 0.23
CA LYS A 35 -4.89 -9.20 -0.66
C LYS A 35 -4.16 -10.31 0.09
N THR A 36 -4.91 -11.32 0.52
CA THR A 36 -4.33 -12.46 1.22
C THR A 36 -3.52 -13.31 0.24
N ASN A 37 -2.51 -14.01 0.73
CA ASN A 37 -1.68 -14.84 -0.12
C ASN A 37 -1.97 -16.32 0.10
N LYS A 38 -2.57 -16.95 -0.90
CA LYS A 38 -2.95 -18.37 -0.83
C LYS A 38 -1.78 -19.28 -0.39
N LYS A 39 -0.58 -18.74 -0.30
CA LYS A 39 0.57 -19.54 0.12
C LYS A 39 0.72 -19.51 1.63
N THR A 40 0.22 -18.46 2.25
CA THR A 40 0.29 -18.29 3.69
C THR A 40 -1.11 -18.14 4.28
N GLY A 41 -2.05 -17.68 3.45
CA GLY A 41 -3.40 -17.48 3.89
C GLY A 41 -3.56 -16.17 4.65
N GLN A 42 -2.57 -15.29 4.51
CA GLN A 42 -2.62 -13.99 5.17
C GLN A 42 -2.45 -12.85 4.19
N PRO A 43 -2.87 -11.63 4.59
CA PRO A 43 -2.76 -10.43 3.74
C PRO A 43 -1.36 -10.25 3.18
N MET A 44 -1.25 -9.52 2.08
CA MET A 44 0.04 -9.27 1.45
C MET A 44 0.32 -7.78 1.36
N ILE A 45 1.45 -7.37 1.94
CA ILE A 45 1.86 -5.97 1.93
C ILE A 45 3.38 -5.85 1.79
N ASN A 46 3.84 -4.82 1.10
CA ASN A 46 5.26 -4.59 0.89
C ASN A 46 5.71 -3.32 1.60
N LEU A 47 6.83 -3.42 2.31
CA LEU A 47 7.36 -2.27 3.05
C LEU A 47 8.87 -2.15 2.85
N TYR A 48 9.35 -0.92 2.77
CA TYR A 48 10.78 -0.67 2.58
C TYR A 48 11.39 -0.05 3.83
N THR A 49 12.37 -0.74 4.42
CA THR A 49 13.02 -0.25 5.62
C THR A 49 14.54 -0.46 5.53
N ASP A 50 15.29 0.44 6.16
CA ASP A 50 16.75 0.36 6.16
C ASP A 50 17.23 -0.69 7.15
N ARG A 51 17.86 -1.75 6.62
CA ARG A 51 18.36 -2.83 7.45
C ARG A 51 19.77 -2.54 7.96
N GLU A 52 20.44 -1.58 7.34
CA GLU A 52 21.80 -1.22 7.74
C GLU A 52 21.79 -0.47 9.06
N THR A 53 20.83 0.42 9.22
CA THR A 53 20.71 1.20 10.45
C THR A 53 19.56 0.68 11.31
N GLY A 54 18.59 0.04 10.66
CA GLY A 54 17.45 -0.51 11.39
C GLY A 54 16.20 0.35 11.24
N LYS A 55 16.36 1.53 10.66
CA LYS A 55 15.23 2.44 10.48
C LYS A 55 14.43 2.08 9.23
N LEU A 56 13.48 2.94 8.87
CA LEU A 56 12.65 2.70 7.70
C LEU A 56 12.36 4.01 6.97
N LYS A 57 11.95 3.90 5.71
CA LYS A 57 11.65 5.08 4.90
C LYS A 57 10.17 5.45 4.99
N GLY A 58 9.46 4.86 5.96
CA GLY A 58 8.05 5.15 6.13
C GLY A 58 7.27 5.03 4.84
N GLU A 59 7.44 3.89 4.16
CA GLU A 59 6.74 3.65 2.90
C GLU A 59 6.45 2.17 2.71
N ALA A 60 5.21 1.85 2.35
CA ALA A 60 4.82 0.46 2.13
C ALA A 60 3.57 0.36 1.26
N THR A 61 3.63 -0.54 0.27
CA THR A 61 2.50 -0.75 -0.64
C THR A 61 1.61 -1.87 -0.10
N VAL A 62 0.31 -1.61 -0.04
CA VAL A 62 -0.63 -2.60 0.46
C VAL A 62 -1.53 -3.13 -0.66
N SER A 63 -1.67 -4.45 -0.73
CA SER A 63 -2.51 -5.05 -1.77
C SER A 63 -3.87 -5.44 -1.20
N PHE A 64 -4.92 -5.20 -1.96
CA PHE A 64 -6.28 -5.52 -1.53
C PHE A 64 -6.82 -6.74 -2.27
N ASP A 65 -7.86 -7.37 -1.71
CA ASP A 65 -8.46 -8.54 -2.32
C ASP A 65 -9.43 -8.14 -3.43
N ASP A 66 -9.99 -6.94 -3.31
CA ASP A 66 -10.93 -6.43 -4.30
C ASP A 66 -10.49 -5.05 -4.79
N PRO A 67 -10.24 -4.90 -6.11
CA PRO A 67 -9.81 -3.63 -6.70
C PRO A 67 -10.57 -2.43 -6.14
N PRO A 68 -11.91 -2.47 -6.13
CA PRO A 68 -12.72 -1.36 -5.61
C PRO A 68 -12.36 -1.05 -4.16
N SER A 69 -11.94 -2.08 -3.44
CA SER A 69 -11.55 -1.94 -2.04
C SER A 69 -10.35 -1.00 -1.90
N ALA A 70 -9.41 -1.10 -2.82
CA ALA A 70 -8.22 -0.25 -2.79
C ALA A 70 -8.61 1.21 -2.96
N LYS A 71 -9.45 1.47 -3.96
CA LYS A 71 -9.92 2.83 -4.22
C LYS A 71 -10.70 3.35 -3.02
N ALA A 72 -11.62 2.53 -2.52
CA ALA A 72 -12.44 2.90 -1.39
C ALA A 72 -11.58 3.28 -0.20
N ALA A 73 -10.41 2.65 -0.09
CA ALA A 73 -9.48 2.95 0.99
C ALA A 73 -8.92 4.34 0.80
N ILE A 74 -8.50 4.60 -0.44
CA ILE A 74 -7.95 5.90 -0.80
C ILE A 74 -8.98 6.98 -0.53
N ASP A 75 -10.23 6.64 -0.74
CA ASP A 75 -11.33 7.58 -0.52
C ASP A 75 -11.36 8.06 0.93
N TRP A 76 -10.83 7.24 1.84
CA TRP A 76 -10.83 7.58 3.26
C TRP A 76 -9.45 8.07 3.73
N PHE A 77 -8.48 7.17 3.69
CA PHE A 77 -7.12 7.49 4.15
C PHE A 77 -6.50 8.62 3.34
N ASP A 78 -6.09 8.29 2.12
CA ASP A 78 -5.44 9.25 1.21
C ASP A 78 -5.01 10.53 1.93
N GLY A 79 -4.16 10.38 2.94
CA GLY A 79 -3.70 11.54 3.68
C GLY A 79 -4.20 11.55 5.12
N LYS A 80 -4.31 10.38 5.71
CA LYS A 80 -4.76 10.27 7.10
C LYS A 80 -3.58 10.14 8.04
N GLU A 81 -3.81 9.65 9.25
CA GLU A 81 -2.73 9.50 10.21
C GLU A 81 -2.58 8.05 10.69
N PHE A 82 -1.35 7.55 10.62
CA PHE A 82 -1.05 6.18 11.05
C PHE A 82 -0.80 6.17 12.56
N SER A 83 -1.81 5.74 13.30
CA SER A 83 -1.73 5.66 14.77
C SER A 83 -0.98 6.85 15.36
N GLY A 84 -1.08 8.01 14.73
CA GLY A 84 -0.41 9.20 15.24
C GLY A 84 0.27 10.04 14.16
N ASN A 85 1.02 9.40 13.27
CA ASN A 85 1.71 10.11 12.21
C ASN A 85 0.82 10.26 10.98
N PRO A 86 1.24 11.05 10.00
CA PRO A 86 0.48 11.28 8.77
C PRO A 86 0.93 10.36 7.63
N ILE A 87 -0.03 9.87 6.83
CA ILE A 87 0.31 9.00 5.70
C ILE A 87 -0.29 9.53 4.41
N LYS A 88 -0.06 8.79 3.32
CA LYS A 88 -0.58 9.18 2.02
C LYS A 88 -0.89 7.95 1.17
N VAL A 89 -2.18 7.59 1.09
CA VAL A 89 -2.59 6.44 0.31
C VAL A 89 -2.87 6.83 -1.13
N SER A 90 -2.42 5.99 -2.06
CA SER A 90 -2.61 6.26 -3.48
C SER A 90 -3.16 5.03 -4.21
N PHE A 91 -3.10 5.07 -5.54
CA PHE A 91 -3.58 3.97 -6.36
C PHE A 91 -2.44 3.04 -6.76
N ALA A 92 -1.42 2.97 -5.91
CA ALA A 92 -0.26 2.11 -6.16
C ALA A 92 0.29 2.31 -7.57
N THR A 93 1.29 1.52 -7.94
CA THR A 93 1.90 1.61 -9.25
C THR A 93 2.88 0.46 -9.48
N ARG A 94 3.51 0.46 -10.65
CA ARG A 94 4.48 -0.58 -11.00
C ARG A 94 3.93 -1.98 -10.69
N ARG A 95 3.28 -2.59 -11.68
CA ARG A 95 2.72 -3.92 -11.51
C ARG A 95 3.81 -4.98 -11.43
N ALA A 96 4.52 -4.99 -10.31
CA ALA A 96 5.60 -5.95 -10.10
C ALA A 96 5.24 -6.97 -9.03
N ASP A 97 6.18 -7.87 -8.73
CA ASP A 97 5.95 -8.90 -7.73
C ASP A 97 4.78 -9.79 -8.12
N PHE A 98 5.09 -10.89 -8.80
CA PHE A 98 4.05 -11.83 -9.24
C PHE A 98 3.06 -11.15 -10.15
N ASN A 99 3.36 -11.12 -11.45
CA ASN A 99 2.48 -10.50 -12.43
C ASN A 99 2.01 -11.52 -13.46
N ARG A 100 2.95 -12.02 -14.26
CA ARG A 100 2.63 -13.01 -15.28
C ARG A 100 2.20 -14.34 -14.66
N GLY A 101 3.01 -14.83 -13.72
CA GLY A 101 2.71 -16.09 -13.06
C GLY A 101 3.95 -16.88 -12.71
N GLY A 102 4.41 -17.70 -13.66
CA GLY A 102 5.59 -18.51 -13.43
C GLY A 102 6.47 -18.62 -14.65
N GLY A 103 6.42 -17.60 -15.51
CA GLY A 103 7.22 -17.61 -16.72
C GLY A 103 6.92 -16.43 -17.63
N ASN A 104 7.85 -15.50 -17.73
CA ASN A 104 7.67 -14.32 -18.56
C ASN A 104 7.64 -14.70 -20.04
N GLY A 105 6.48 -14.58 -20.67
CA GLY A 105 6.35 -14.91 -22.07
C GLY A 105 7.27 -14.08 -22.95
N ARG A 106 6.95 -14.02 -24.24
CA ARG A 106 7.76 -13.27 -25.19
C ARG A 106 6.90 -12.25 -25.94
N GLY A 107 7.41 -11.03 -26.09
CA GLY A 107 6.69 -10.00 -26.78
C GLY A 107 7.53 -8.77 -27.05
N GLY A 108 8.32 -8.37 -26.05
CA GLY A 108 9.17 -7.21 -26.19
C GLY A 108 10.47 -7.52 -26.90
#